data_7KK5
#
_entry.id   7KK5
#
_cell.length_a   104.010
_cell.length_b   108.520
_cell.length_c   141.840
_cell.angle_alpha   90.000
_cell.angle_beta   90.000
_cell.angle_gamma   90.000
#
_symmetry.space_group_name_H-M   'P 21 21 21'
#
loop_
_entity.id
_entity.type
_entity.pdbx_description
1 polymer 'Poly [ADP-ribose] polymerase 1'
2 non-polymer 2-{4-[(3S)-piperidin-3-yl]phenyl}-2H-indazole-7-carboxamide
3 non-polymer 'SULFATE ION'
4 water water
#
_entity_poly.entity_id   1
_entity_poly.type   'polypeptide(L)'
_entity_poly.pdbx_seq_one_letter_code
;GSKSKLPKPVQDLIKMIFDVESMKKAMVEYEIDLQKMPLGKLSKRQIQAAYSILSEVQQAVSQGSSDSQILDLSNRFYTL
IPHDFGMKKPPLLNNADSVQAKVEMLDNLLDIEVAYSLLRGGSDDSSKDPIDVNYEKLKTDIKVVDRDSEEAEIIRKYVK
NTHATTHNAYDLEVIDIFKIEREGECQRYKPFKQLHNRRLLWHGSRTTNFAGILSQGLRIAPPEAPVTGYMFGKGIYFAD
MVSKSANYCHTSQGDPIGLILLGEVALGNMYELKHASHISKLPKGKHSVKGLGKTTPDPSANISLDGVDVPLGTGISSGV
NDTSLLYNEYIVYDIAQVNLKYLLKLKFNFKT
;
_entity_poly.pdbx_strand_id   A,B,C,D
#
# COMPACT_ATOMS: atom_id res chain seq x y z
N LYS A 3 4.07 -7.11 -33.72
CA LYS A 3 4.33 -5.74 -33.27
C LYS A 3 4.65 -5.67 -31.76
N SER A 4 5.79 -5.04 -31.43
CA SER A 4 6.27 -4.86 -30.06
C SER A 4 5.44 -3.84 -29.27
N LYS A 5 5.15 -4.15 -28.00
CA LYS A 5 4.43 -3.25 -27.10
C LYS A 5 5.40 -2.36 -26.30
N LEU A 6 6.73 -2.58 -26.45
CA LEU A 6 7.77 -1.81 -25.75
C LEU A 6 7.70 -0.32 -26.06
N PRO A 7 7.91 0.58 -25.06
CA PRO A 7 7.90 2.02 -25.36
C PRO A 7 8.93 2.35 -26.42
N LYS A 8 8.64 3.35 -27.28
CA LYS A 8 9.53 3.77 -28.35
C LYS A 8 10.99 3.98 -27.85
N PRO A 9 11.27 4.76 -26.75
CA PRO A 9 12.68 4.89 -26.30
C PRO A 9 13.41 3.57 -26.03
N VAL A 10 12.71 2.53 -25.52
CA VAL A 10 13.28 1.20 -25.29
C VAL A 10 13.56 0.53 -26.65
N GLN A 11 12.62 0.62 -27.60
CA GLN A 11 12.82 0.08 -28.95
C GLN A 11 14.03 0.73 -29.64
N ASP A 12 14.15 2.09 -29.56
CA ASP A 12 15.24 2.85 -30.16
C ASP A 12 16.58 2.47 -29.47
N LEU A 13 16.55 2.18 -28.16
CA LEU A 13 17.76 1.74 -27.44
C LEU A 13 18.21 0.34 -27.94
N ILE A 14 17.25 -0.59 -28.12
CA ILE A 14 17.54 -1.93 -28.63
C ILE A 14 18.18 -1.83 -30.06
N LYS A 15 17.64 -0.95 -30.92
CA LYS A 15 18.21 -0.74 -32.27
C LYS A 15 19.66 -0.23 -32.20
N MET A 16 19.95 0.73 -31.30
CA MET A 16 21.28 1.31 -31.06
C MET A 16 22.28 0.23 -30.67
N ILE A 17 21.88 -0.60 -29.68
CA ILE A 17 22.70 -1.66 -29.07
C ILE A 17 23.04 -2.78 -30.04
N PHE A 18 22.09 -3.18 -30.89
CA PHE A 18 22.33 -4.27 -31.83
C PHE A 18 22.55 -3.78 -33.26
N ASP A 19 23.15 -2.60 -33.40
CA ASP A 19 23.39 -1.95 -34.68
C ASP A 19 24.58 -2.64 -35.38
N VAL A 20 24.28 -3.55 -36.35
CA VAL A 20 25.31 -4.29 -37.12
C VAL A 20 26.20 -3.33 -37.93
N GLU A 21 25.59 -2.25 -38.43
CA GLU A 21 26.26 -1.22 -39.22
C GLU A 21 27.38 -0.60 -38.39
N SER A 22 27.06 -0.24 -37.13
CA SER A 22 28.02 0.31 -36.20
C SER A 22 29.16 -0.68 -35.93
N MET A 23 28.84 -1.99 -35.77
CA MET A 23 29.82 -3.05 -35.53
C MET A 23 30.78 -3.13 -36.74
N LYS A 24 30.22 -3.16 -37.96
CA LYS A 24 31.01 -3.24 -39.19
C LYS A 24 31.85 -2.01 -39.42
N LYS A 25 31.29 -0.79 -39.18
CA LYS A 25 32.03 0.47 -39.32
C LYS A 25 33.26 0.46 -38.39
N ALA A 26 33.12 -0.04 -37.17
CA ALA A 26 34.22 -0.13 -36.19
C ALA A 26 35.30 -1.06 -36.74
N MET A 27 34.89 -2.21 -37.28
CA MET A 27 35.85 -3.15 -37.84
C MET A 27 36.59 -2.55 -39.04
N VAL A 28 35.90 -1.76 -39.88
CA VAL A 28 36.51 -1.05 -41.01
C VAL A 28 37.56 -0.03 -40.47
N GLU A 29 37.16 0.76 -39.44
CA GLU A 29 38.05 1.74 -38.80
C GLU A 29 39.29 1.07 -38.19
N TYR A 30 39.11 -0.15 -37.59
CA TYR A 30 40.23 -0.92 -37.01
C TYR A 30 41.10 -1.58 -38.10
N GLU A 31 40.69 -1.48 -39.39
CA GLU A 31 41.35 -2.08 -40.58
C GLU A 31 41.32 -3.63 -40.53
N ILE A 32 40.29 -4.21 -39.87
CA ILE A 32 40.13 -5.66 -39.84
C ILE A 32 39.61 -6.07 -41.23
N ASP A 33 40.11 -7.20 -41.74
CA ASP A 33 39.69 -7.76 -43.03
C ASP A 33 38.35 -8.47 -42.77
N LEU A 34 37.24 -7.85 -43.24
CA LEU A 34 35.88 -8.37 -43.02
C LEU A 34 35.55 -9.63 -43.85
N GLN A 35 36.43 -10.01 -44.79
CA GLN A 35 36.20 -11.26 -45.53
C GLN A 35 36.85 -12.41 -44.73
N LYS A 36 38.10 -12.20 -44.28
CA LYS A 36 38.87 -13.21 -43.54
C LYS A 36 38.39 -13.33 -42.13
N MET A 37 37.91 -12.23 -41.58
CA MET A 37 37.44 -12.18 -40.21
C MET A 37 36.06 -11.49 -40.12
N PRO A 38 34.97 -12.10 -40.64
CA PRO A 38 33.66 -11.43 -40.51
C PRO A 38 33.21 -11.51 -39.04
N LEU A 39 32.22 -10.68 -38.65
CA LEU A 39 31.65 -10.68 -37.30
C LEU A 39 31.35 -12.09 -36.80
N GLY A 40 30.74 -12.89 -37.67
CA GLY A 40 30.42 -14.29 -37.38
C GLY A 40 31.60 -15.20 -37.08
N LYS A 41 32.84 -14.81 -37.48
CA LYS A 41 34.04 -15.64 -37.24
C LYS A 41 34.84 -15.22 -35.99
N LEU A 42 34.41 -14.15 -35.31
CA LEU A 42 35.05 -13.70 -34.07
C LEU A 42 34.71 -14.71 -32.96
N SER A 43 35.71 -15.12 -32.18
CA SER A 43 35.47 -16.05 -31.06
C SER A 43 36.16 -15.59 -29.76
N LYS A 44 35.65 -16.04 -28.61
CA LYS A 44 36.20 -15.74 -27.27
C LYS A 44 37.63 -16.27 -27.16
N ARG A 45 37.88 -17.52 -27.64
CA ARG A 45 39.19 -18.17 -27.59
C ARG A 45 40.24 -17.43 -28.46
N GLN A 46 39.77 -16.84 -29.59
CA GLN A 46 40.62 -16.08 -30.51
C GLN A 46 41.08 -14.77 -29.82
N ILE A 47 40.12 -14.04 -29.21
CA ILE A 47 40.40 -12.78 -28.52
C ILE A 47 41.34 -13.05 -27.30
N GLN A 48 41.11 -14.14 -26.55
CA GLN A 48 41.95 -14.53 -25.40
C GLN A 48 43.42 -14.73 -25.82
N ALA A 49 43.64 -15.46 -26.94
CA ALA A 49 44.97 -15.75 -27.49
C ALA A 49 45.68 -14.51 -28.03
N ALA A 50 44.90 -13.54 -28.59
CA ALA A 50 45.41 -12.29 -29.14
C ALA A 50 45.96 -11.37 -28.03
N TYR A 51 45.27 -11.33 -26.87
CA TYR A 51 45.69 -10.59 -25.68
C TYR A 51 47.05 -11.12 -25.22
N SER A 52 47.18 -12.47 -25.12
CA SER A 52 48.43 -13.15 -24.73
C SER A 52 49.59 -12.76 -25.63
N ILE A 53 49.33 -12.68 -26.96
CA ILE A 53 50.35 -12.27 -27.93
C ILE A 53 50.78 -10.82 -27.70
N LEU A 54 49.82 -9.92 -27.42
CA LEU A 54 50.11 -8.50 -27.13
C LEU A 54 50.92 -8.36 -25.83
N SER A 55 50.64 -9.22 -24.83
CA SER A 55 51.36 -9.29 -23.57
C SER A 55 52.81 -9.75 -23.86
N GLU A 56 52.96 -10.86 -24.65
CA GLU A 56 54.24 -11.41 -25.13
C GLU A 56 55.06 -10.36 -25.90
N VAL A 57 54.39 -9.55 -26.73
CA VAL A 57 54.98 -8.48 -27.54
C VAL A 57 55.74 -7.49 -26.64
N GLN A 58 55.10 -7.05 -25.53
CA GLN A 58 55.68 -6.12 -24.55
C GLN A 58 56.86 -6.73 -23.79
N GLN A 59 56.71 -8.00 -23.35
CA GLN A 59 57.73 -8.77 -22.62
C GLN A 59 59.01 -8.91 -23.48
N ALA A 60 58.84 -9.18 -24.79
CA ALA A 60 59.94 -9.30 -25.76
C ALA A 60 60.62 -7.94 -26.01
N VAL A 61 59.81 -6.86 -26.12
CA VAL A 61 60.28 -5.47 -26.34
C VAL A 61 61.05 -4.95 -25.10
N SER A 62 60.54 -5.22 -23.88
CA SER A 62 61.17 -4.80 -22.62
C SER A 62 62.57 -5.40 -22.44
N GLN A 63 62.71 -6.75 -22.58
CA GLN A 63 63.96 -7.51 -22.47
C GLN A 63 65.04 -7.04 -23.46
N ASP A 67 65.11 -8.58 -33.27
CA ASP A 67 64.07 -8.11 -34.18
C ASP A 67 63.30 -9.25 -34.86
N SER A 68 63.94 -10.44 -34.99
CA SER A 68 63.34 -11.64 -35.59
C SER A 68 62.30 -12.25 -34.63
N GLN A 69 62.63 -12.28 -33.33
CA GLN A 69 61.80 -12.81 -32.24
C GLN A 69 60.48 -12.04 -32.09
N ILE A 70 60.54 -10.68 -32.22
CA ILE A 70 59.38 -9.80 -32.07
C ILE A 70 58.48 -9.86 -33.33
N LEU A 71 59.10 -9.92 -34.53
CA LEU A 71 58.38 -9.99 -35.80
C LEU A 71 57.50 -11.22 -35.87
N ASP A 72 57.98 -12.36 -35.33
CA ASP A 72 57.23 -13.62 -35.27
C ASP A 72 55.96 -13.45 -34.40
N LEU A 73 56.05 -12.66 -33.30
CA LEU A 73 54.92 -12.38 -32.41
C LEU A 73 53.92 -11.47 -33.11
N SER A 74 54.42 -10.37 -33.74
CA SER A 74 53.66 -9.41 -34.53
C SER A 74 52.88 -10.14 -35.65
N ASN A 75 53.56 -11.07 -36.37
CA ASN A 75 52.96 -11.88 -37.43
C ASN A 75 51.95 -12.89 -36.88
N ARG A 76 52.19 -13.48 -35.68
CA ARG A 76 51.21 -14.41 -35.08
C ARG A 76 49.90 -13.66 -34.72
N PHE A 77 50.02 -12.37 -34.32
CA PHE A 77 48.88 -11.50 -33.96
C PHE A 77 48.02 -11.26 -35.21
N TYR A 78 48.65 -10.81 -36.30
CA TYR A 78 47.94 -10.56 -37.57
C TYR A 78 47.39 -11.86 -38.22
N THR A 79 48.00 -13.03 -37.94
CA THR A 79 47.47 -14.32 -38.41
C THR A 79 46.19 -14.66 -37.61
N LEU A 80 46.21 -14.36 -36.30
CA LEU A 80 45.05 -14.62 -35.47
C LEU A 80 43.92 -13.62 -35.74
N ILE A 81 44.26 -12.31 -35.92
CA ILE A 81 43.30 -11.23 -36.21
C ILE A 81 43.69 -10.65 -37.58
N PRO A 82 43.14 -11.20 -38.68
CA PRO A 82 43.50 -10.68 -40.02
C PRO A 82 43.07 -9.24 -40.24
N HIS A 83 44.01 -8.45 -40.77
CA HIS A 83 43.83 -7.04 -41.09
C HIS A 83 43.99 -6.86 -42.60
N ASP A 84 43.49 -5.72 -43.13
CA ASP A 84 43.65 -5.36 -44.53
C ASP A 84 44.25 -3.97 -44.55
N PHE A 85 45.55 -3.90 -44.86
CA PHE A 85 46.30 -2.64 -44.93
C PHE A 85 46.49 -2.18 -46.39
N GLY A 86 45.77 -2.81 -47.31
CA GLY A 86 45.81 -2.52 -48.74
C GLY A 86 47.09 -3.02 -49.39
N LYS A 89 51.59 -2.52 -46.19
CA LYS A 89 52.46 -3.30 -45.30
C LYS A 89 52.02 -3.23 -43.83
N PRO A 90 52.03 -4.36 -43.08
CA PRO A 90 51.56 -4.31 -41.68
C PRO A 90 52.47 -3.56 -40.71
N PRO A 91 51.95 -2.54 -39.98
CA PRO A 91 52.79 -1.81 -39.01
C PRO A 91 53.29 -2.72 -37.88
N LEU A 92 54.62 -2.81 -37.72
CA LEU A 92 55.30 -3.66 -36.73
C LEU A 92 54.88 -3.29 -35.30
N LEU A 93 54.56 -4.33 -34.49
CA LEU A 93 54.14 -4.14 -33.10
C LEU A 93 55.35 -4.08 -32.18
N ASN A 94 55.97 -2.89 -32.09
CA ASN A 94 57.15 -2.63 -31.28
C ASN A 94 56.91 -1.54 -30.23
N ASN A 95 56.49 -0.33 -30.66
CA ASN A 95 56.23 0.81 -29.76
C ASN A 95 54.98 0.59 -28.88
N ALA A 96 54.92 1.29 -27.73
CA ALA A 96 53.85 1.21 -26.75
C ALA A 96 52.47 1.62 -27.25
N ASP A 97 52.40 2.68 -28.09
CA ASP A 97 51.15 3.19 -28.66
C ASP A 97 50.50 2.18 -29.61
N SER A 98 51.32 1.44 -30.37
CA SER A 98 50.92 0.39 -31.31
C SER A 98 50.27 -0.79 -30.58
N VAL A 99 50.79 -1.14 -29.39
CA VAL A 99 50.29 -2.24 -28.57
C VAL A 99 48.96 -1.85 -27.91
N GLN A 100 48.88 -0.61 -27.36
CA GLN A 100 47.70 -0.08 -26.70
C GLN A 100 46.53 0.09 -27.65
N ALA A 101 46.81 0.48 -28.92
CA ALA A 101 45.81 0.61 -29.98
C ALA A 101 45.18 -0.77 -30.24
N LYS A 102 46.01 -1.83 -30.27
CA LYS A 102 45.53 -3.22 -30.49
C LYS A 102 44.78 -3.77 -29.29
N VAL A 103 45.17 -3.39 -28.07
CA VAL A 103 44.46 -3.84 -26.85
C VAL A 103 43.06 -3.22 -26.85
N GLU A 104 42.99 -1.92 -27.18
CA GLU A 104 41.76 -1.13 -27.24
C GLU A 104 40.82 -1.79 -28.25
N MET A 105 41.36 -2.18 -29.43
CA MET A 105 40.60 -2.88 -30.47
C MET A 105 40.03 -4.19 -29.92
N LEU A 106 40.86 -5.01 -29.24
CA LEU A 106 40.38 -6.27 -28.64
C LEU A 106 39.32 -6.06 -27.59
N ASP A 107 39.52 -5.06 -26.69
CA ASP A 107 38.55 -4.75 -25.62
C ASP A 107 37.16 -4.53 -26.22
N ASN A 108 37.11 -3.84 -27.38
CA ASN A 108 35.87 -3.51 -28.08
C ASN A 108 35.34 -4.72 -28.89
N LEU A 109 36.24 -5.43 -29.61
CA LEU A 109 35.89 -6.66 -30.34
C LEU A 109 35.26 -7.72 -29.45
N LEU A 110 35.70 -7.80 -28.17
CA LEU A 110 35.20 -8.75 -27.16
C LEU A 110 33.70 -8.56 -26.98
N ASP A 111 33.25 -7.31 -26.78
CA ASP A 111 31.82 -7.03 -26.60
C ASP A 111 31.07 -7.07 -27.93
N ILE A 112 31.73 -6.71 -29.03
CA ILE A 112 31.13 -6.78 -30.36
C ILE A 112 30.77 -8.27 -30.66
N GLU A 113 31.68 -9.21 -30.30
CA GLU A 113 31.52 -10.67 -30.41
C GLU A 113 30.30 -11.09 -29.60
N VAL A 114 30.14 -10.55 -28.37
CA VAL A 114 29.00 -10.85 -27.51
C VAL A 114 27.70 -10.38 -28.19
N ALA A 115 27.68 -9.12 -28.68
CA ALA A 115 26.53 -8.53 -29.37
C ALA A 115 26.11 -9.35 -30.58
N TYR A 116 27.08 -9.74 -31.42
CA TYR A 116 26.83 -10.51 -32.64
C TYR A 116 26.35 -11.94 -32.36
N SER A 117 26.97 -12.63 -31.38
CA SER A 117 26.60 -13.98 -30.95
C SER A 117 25.16 -14.02 -30.45
N LEU A 118 24.76 -12.99 -29.66
CA LEU A 118 23.38 -12.90 -29.16
C LEU A 118 22.40 -12.74 -30.31
N LEU A 119 22.63 -11.73 -31.15
CA LEU A 119 21.82 -11.37 -32.31
C LEU A 119 21.59 -12.55 -33.27
N ARG A 120 22.64 -13.30 -33.58
CA ARG A 120 22.58 -14.42 -34.52
C ARG A 120 22.07 -15.74 -33.90
N GLY A 121 22.11 -15.85 -32.57
CA GLY A 121 21.65 -17.03 -31.84
C GLY A 121 20.16 -17.05 -31.58
N SER A 127 7.91 -15.14 -35.92
CA SER A 127 6.52 -14.81 -35.56
C SER A 127 6.40 -13.55 -34.69
N LYS A 128 7.43 -13.28 -33.85
CA LYS A 128 7.49 -12.12 -32.94
C LYS A 128 8.28 -10.95 -33.57
N ASP A 129 8.07 -9.71 -33.05
CA ASP A 129 8.78 -8.52 -33.51
C ASP A 129 10.29 -8.73 -33.20
N PRO A 130 11.21 -8.52 -34.17
CA PRO A 130 12.65 -8.73 -33.88
C PRO A 130 13.16 -7.95 -32.67
N ILE A 131 12.64 -6.72 -32.46
CA ILE A 131 12.99 -5.83 -31.35
C ILE A 131 12.67 -6.51 -30.01
N ASP A 132 11.50 -7.21 -29.91
CA ASP A 132 11.09 -7.95 -28.70
C ASP A 132 12.02 -9.13 -28.41
N VAL A 133 12.34 -9.94 -29.45
CA VAL A 133 13.19 -11.14 -29.37
C VAL A 133 14.59 -10.72 -28.87
N ASN A 134 15.15 -9.66 -29.47
CA ASN A 134 16.47 -9.17 -29.14
C ASN A 134 16.51 -8.46 -27.78
N TYR A 135 15.38 -7.85 -27.37
CA TYR A 135 15.25 -7.26 -26.04
C TYR A 135 15.41 -8.36 -24.99
N GLU A 136 14.72 -9.51 -25.21
CA GLU A 136 14.75 -10.65 -24.28
C GLU A 136 16.15 -11.25 -24.14
N LYS A 137 16.96 -11.25 -25.22
CA LYS A 137 18.35 -11.78 -25.20
C LYS A 137 19.25 -11.03 -24.20
N LEU A 138 18.96 -9.74 -23.98
CA LEU A 138 19.70 -8.91 -23.03
C LEU A 138 19.53 -9.32 -21.58
N LYS A 139 18.47 -10.10 -21.24
CA LYS A 139 18.20 -10.58 -19.87
C LYS A 139 18.25 -9.43 -18.86
N THR A 140 17.67 -8.31 -19.28
CA THR A 140 17.63 -7.05 -18.54
C THR A 140 16.27 -6.39 -18.64
N ASP A 141 15.67 -6.08 -17.49
CA ASP A 141 14.39 -5.37 -17.49
C ASP A 141 14.74 -3.89 -17.70
N ILE A 142 14.10 -3.23 -18.70
CA ILE A 142 14.39 -1.84 -19.01
C ILE A 142 13.06 -1.07 -19.00
N LYS A 143 12.99 -0.05 -18.15
CA LYS A 143 11.82 0.84 -17.99
C LYS A 143 12.27 2.28 -18.21
N VAL A 144 11.40 3.13 -18.78
CA VAL A 144 11.67 4.54 -19.03
C VAL A 144 11.36 5.30 -17.71
N VAL A 145 12.32 6.15 -17.26
CA VAL A 145 12.13 7.02 -16.09
C VAL A 145 11.45 8.30 -16.66
N ASP A 146 10.28 8.71 -16.10
CA ASP A 146 9.56 9.89 -16.59
C ASP A 146 10.32 11.17 -16.33
N ARG A 147 10.26 12.13 -17.28
CA ARG A 147 10.94 13.45 -17.16
C ARG A 147 10.46 14.25 -15.93
N ASP A 148 9.18 14.09 -15.53
CA ASP A 148 8.61 14.82 -14.42
C ASP A 148 8.86 14.20 -13.04
N SER A 149 9.54 13.04 -12.98
CA SER A 149 9.75 12.35 -11.71
C SER A 149 10.84 12.97 -10.84
N GLU A 150 10.85 12.59 -9.56
CA GLU A 150 11.85 12.99 -8.57
C GLU A 150 13.23 12.41 -9.00
N GLU A 151 13.25 11.13 -9.47
CA GLU A 151 14.47 10.42 -9.96
C GLU A 151 15.10 11.15 -11.13
N ALA A 152 14.28 11.55 -12.14
CA ALA A 152 14.78 12.24 -13.34
C ALA A 152 15.41 13.59 -13.00
N GLU A 153 14.84 14.29 -12.00
CA GLU A 153 15.41 15.57 -11.57
C GLU A 153 16.78 15.36 -10.91
N ILE A 154 16.88 14.35 -10.03
CA ILE A 154 18.14 14.02 -9.33
C ILE A 154 19.20 13.64 -10.40
N ILE A 155 18.82 12.80 -11.37
CA ILE A 155 19.73 12.33 -12.42
C ILE A 155 20.20 13.49 -13.32
N ARG A 156 19.26 14.35 -13.81
CA ARG A 156 19.61 15.54 -14.60
C ARG A 156 20.57 16.45 -13.83
N LYS A 157 20.32 16.66 -12.52
CA LYS A 157 21.18 17.48 -11.67
C LYS A 157 22.59 16.87 -11.58
N TYR A 158 22.67 15.53 -11.50
CA TYR A 158 23.96 14.82 -11.43
C TYR A 158 24.75 15.08 -12.72
N VAL A 159 24.07 14.99 -13.87
CA VAL A 159 24.68 15.29 -15.19
C VAL A 159 25.13 16.78 -15.25
N LYS A 160 24.21 17.69 -14.90
CA LYS A 160 24.44 19.15 -14.94
C LYS A 160 25.61 19.60 -14.07
N ASN A 161 25.64 19.17 -12.81
CA ASN A 161 26.60 19.66 -11.84
C ASN A 161 27.99 19.06 -11.90
N THR A 162 28.12 17.86 -12.48
CA THR A 162 29.42 17.19 -12.41
C THR A 162 30.17 17.16 -13.75
N HIS A 163 29.83 18.07 -14.67
CA HIS A 163 30.58 18.21 -15.92
C HIS A 163 31.84 19.02 -15.52
N ALA A 164 33.03 18.42 -15.72
CA ALA A 164 34.32 19.00 -15.37
C ALA A 164 34.68 20.22 -16.23
N THR A 165 35.43 21.19 -15.64
CA THR A 165 35.83 22.41 -16.36
C THR A 165 36.84 22.14 -17.49
N THR A 166 37.70 21.12 -17.33
CA THR A 166 38.68 20.80 -18.36
C THR A 166 38.08 20.04 -19.55
N HIS A 167 36.86 19.49 -19.40
CA HIS A 167 36.22 18.72 -20.48
C HIS A 167 35.25 19.66 -21.21
N ASN A 168 35.82 20.58 -22.01
CA ASN A 168 35.07 21.62 -22.71
C ASN A 168 34.89 21.38 -24.22
N ALA A 169 35.16 20.16 -24.72
CA ALA A 169 34.95 19.80 -26.13
C ALA A 169 33.46 19.66 -26.46
N TYR A 170 32.62 19.36 -25.45
CA TYR A 170 31.19 19.14 -25.62
C TYR A 170 30.37 19.55 -24.40
N ASP A 171 29.05 19.72 -24.60
CA ASP A 171 28.02 19.98 -23.60
C ASP A 171 27.22 18.68 -23.59
N LEU A 172 26.60 18.34 -22.47
CA LEU A 172 25.82 17.10 -22.40
C LEU A 172 24.32 17.35 -22.30
N GLU A 173 23.54 16.61 -23.09
CA GLU A 173 22.08 16.72 -23.07
C GLU A 173 21.47 15.36 -22.81
N VAL A 174 20.63 15.23 -21.75
CA VAL A 174 19.97 13.95 -21.45
C VAL A 174 18.80 13.72 -22.44
N ILE A 175 18.83 12.60 -23.17
CA ILE A 175 17.74 12.26 -24.09
C ILE A 175 16.74 11.36 -23.37
N ASP A 176 17.20 10.19 -22.93
CA ASP A 176 16.35 9.24 -22.22
C ASP A 176 17.05 8.78 -20.96
N ILE A 177 16.27 8.48 -19.92
CA ILE A 177 16.75 7.89 -18.67
C ILE A 177 16.03 6.56 -18.52
N PHE A 178 16.79 5.46 -18.41
CA PHE A 178 16.22 4.13 -18.23
C PHE A 178 16.62 3.57 -16.91
N LYS A 179 15.70 2.86 -16.27
CA LYS A 179 15.95 2.14 -15.03
C LYS A 179 16.11 0.68 -15.46
N ILE A 180 17.25 0.07 -15.07
CA ILE A 180 17.63 -1.25 -15.51
C ILE A 180 17.85 -2.23 -14.36
N GLU A 181 17.53 -3.51 -14.64
CA GLU A 181 17.69 -4.63 -13.72
C GLU A 181 18.22 -5.82 -14.52
N ARG A 182 19.53 -6.11 -14.40
CA ARG A 182 20.13 -7.26 -15.07
C ARG A 182 19.70 -8.53 -14.33
N GLU A 183 19.21 -9.57 -15.05
CA GLU A 183 18.78 -10.81 -14.39
C GLU A 183 19.95 -11.49 -13.68
N GLY A 184 19.71 -11.87 -12.43
CA GLY A 184 20.73 -12.53 -11.63
C GLY A 184 21.67 -11.59 -10.92
N GLU A 185 21.61 -10.27 -11.21
CA GLU A 185 22.51 -9.34 -10.54
C GLU A 185 22.11 -9.10 -9.08
N CYS A 186 20.79 -9.13 -8.79
CA CYS A 186 20.31 -8.99 -7.42
C CYS A 186 20.96 -10.06 -6.54
N GLN A 187 20.91 -11.32 -7.02
CA GLN A 187 21.45 -12.47 -6.29
C GLN A 187 22.97 -12.33 -6.13
N ARG A 188 23.66 -11.96 -7.22
CA ARG A 188 25.11 -11.79 -7.19
C ARG A 188 25.56 -10.66 -6.23
N TYR A 189 24.80 -9.54 -6.18
CA TYR A 189 25.12 -8.36 -5.33
C TYR A 189 24.76 -8.58 -3.87
N LYS A 190 23.91 -9.57 -3.59
CA LYS A 190 23.41 -9.81 -2.22
C LYS A 190 24.51 -9.78 -1.13
N PRO A 191 25.71 -10.43 -1.26
CA PRO A 191 26.71 -10.29 -0.19
C PRO A 191 27.20 -8.86 0.11
N PHE A 192 26.98 -7.90 -0.81
CA PHE A 192 27.44 -6.51 -0.66
C PHE A 192 26.31 -5.51 -0.44
N LYS A 193 25.05 -5.98 -0.50
CA LYS A 193 23.85 -5.15 -0.36
C LYS A 193 23.85 -4.31 0.92
N GLN A 194 24.41 -4.86 2.01
CA GLN A 194 24.47 -4.20 3.33
C GLN A 194 25.88 -3.68 3.70
N LEU A 195 26.80 -3.63 2.73
CA LEU A 195 28.11 -3.06 2.98
C LEU A 195 27.95 -1.55 3.04
N HIS A 196 28.76 -0.88 3.84
CA HIS A 196 28.68 0.57 3.98
C HIS A 196 29.29 1.26 2.74
N ASN A 197 29.09 2.57 2.64
CA ASN A 197 29.64 3.46 1.61
C ASN A 197 29.25 2.98 0.19
N ARG A 198 27.94 2.89 -0.04
CA ARG A 198 27.40 2.50 -1.36
C ARG A 198 27.16 3.79 -2.08
N ARG A 199 27.67 3.89 -3.33
CA ARG A 199 27.59 5.15 -4.03
C ARG A 199 27.10 4.97 -5.46
N LEU A 200 26.35 5.95 -5.95
CA LEU A 200 25.81 5.95 -7.32
C LEU A 200 26.83 6.63 -8.22
N LEU A 201 27.52 5.84 -9.06
CA LEU A 201 28.61 6.41 -9.87
C LEU A 201 28.47 6.10 -11.36
N TRP A 202 29.18 6.89 -12.16
CA TRP A 202 29.12 6.81 -13.62
C TRP A 202 30.07 5.77 -14.16
N HIS A 203 29.70 5.19 -15.32
CA HIS A 203 30.61 4.32 -16.10
C HIS A 203 30.23 4.49 -17.57
N GLY A 204 31.14 5.05 -18.33
CA GLY A 204 30.96 5.20 -19.78
C GLY A 204 31.63 4.07 -20.55
N SER A 205 31.11 3.77 -21.75
CA SER A 205 31.72 2.76 -22.63
C SER A 205 31.18 3.02 -24.04
N ARG A 206 31.87 2.50 -25.05
CA ARG A 206 31.39 2.66 -26.44
C ARG A 206 30.01 2.03 -26.57
N THR A 207 29.14 2.64 -27.40
CA THR A 207 27.78 2.12 -27.63
C THR A 207 27.79 0.65 -28.09
N THR A 208 28.82 0.26 -28.89
CA THR A 208 28.98 -1.11 -29.41
C THR A 208 29.26 -2.17 -28.31
N ASN A 209 29.55 -1.73 -27.09
CA ASN A 209 29.83 -2.59 -25.95
C ASN A 209 28.60 -2.86 -25.06
N PHE A 210 27.51 -2.09 -25.23
CA PHE A 210 26.34 -2.21 -24.35
C PHE A 210 25.54 -3.50 -24.45
N ALA A 211 25.54 -4.21 -25.60
CA ALA A 211 24.89 -5.52 -25.68
C ALA A 211 25.60 -6.46 -24.71
N GLY A 212 26.95 -6.45 -24.74
CA GLY A 212 27.77 -7.24 -23.84
C GLY A 212 27.60 -6.83 -22.38
N ILE A 213 27.58 -5.51 -22.10
CA ILE A 213 27.44 -5.02 -20.73
C ILE A 213 26.05 -5.40 -20.17
N LEU A 214 24.98 -5.18 -20.94
CA LEU A 214 23.68 -5.59 -20.39
C LEU A 214 23.55 -7.11 -20.24
N SER A 215 24.04 -7.90 -21.21
CA SER A 215 23.88 -9.35 -21.07
C SER A 215 24.81 -9.99 -20.02
N GLN A 216 26.05 -9.47 -19.87
CA GLN A 216 27.05 -10.07 -18.96
C GLN A 216 27.54 -9.18 -17.79
N GLY A 217 27.07 -7.94 -17.74
CA GLY A 217 27.44 -6.98 -16.70
C GLY A 217 28.80 -6.39 -16.93
N LEU A 218 29.21 -5.46 -16.07
CA LEU A 218 30.55 -4.87 -16.15
C LEU A 218 31.58 -5.92 -15.77
N ARG A 219 32.64 -6.04 -16.59
CA ARG A 219 33.66 -7.08 -16.38
C ARG A 219 35.06 -6.50 -16.19
N ILE A 220 35.96 -7.35 -15.69
CA ILE A 220 37.37 -6.99 -15.47
C ILE A 220 38.18 -7.58 -16.64
N ALA A 221 39.23 -6.87 -17.07
CA ALA A 221 40.14 -7.33 -18.12
C ALA A 221 40.66 -8.73 -17.77
N PRO A 222 40.77 -9.65 -18.75
CA PRO A 222 41.28 -10.99 -18.40
C PRO A 222 42.76 -10.97 -18.01
N PRO A 223 43.27 -11.99 -17.27
CA PRO A 223 44.71 -12.02 -16.92
C PRO A 223 45.65 -11.98 -18.13
N GLU A 224 45.21 -12.52 -19.28
CA GLU A 224 45.97 -12.59 -20.55
C GLU A 224 46.29 -11.22 -21.12
N ALA A 225 45.43 -10.21 -20.84
CA ALA A 225 45.60 -8.86 -21.36
C ALA A 225 46.81 -8.14 -20.74
N PRO A 226 47.50 -7.23 -21.48
CA PRO A 226 48.60 -6.45 -20.86
C PRO A 226 48.15 -5.70 -19.60
N VAL A 227 49.11 -5.43 -18.68
CA VAL A 227 48.87 -4.75 -17.41
C VAL A 227 48.97 -3.23 -17.56
N THR A 228 49.57 -2.77 -18.68
CA THR A 228 49.77 -1.35 -18.98
C THR A 228 48.45 -0.67 -19.31
N GLY A 229 48.34 0.62 -18.99
CA GLY A 229 47.13 1.41 -19.24
C GLY A 229 46.11 1.32 -18.10
N TYR A 230 46.40 0.54 -17.05
CA TYR A 230 45.49 0.41 -15.89
C TYR A 230 46.13 1.07 -14.71
N MET A 231 45.76 2.33 -14.46
CA MET A 231 46.36 3.13 -13.40
C MET A 231 46.26 2.45 -12.02
N PHE A 232 45.14 1.74 -11.76
CA PHE A 232 44.93 1.09 -10.47
C PHE A 232 44.75 -0.41 -10.60
N GLY A 233 45.33 -0.97 -11.65
CA GLY A 233 45.26 -2.39 -11.95
C GLY A 233 43.93 -2.77 -12.58
N LYS A 234 43.79 -4.03 -12.90
CA LYS A 234 42.59 -4.55 -13.58
C LYS A 234 41.44 -4.59 -12.58
N GLY A 235 40.41 -3.79 -12.85
CA GLY A 235 39.23 -3.71 -12.01
C GLY A 235 38.14 -3.03 -12.82
N ILE A 236 37.05 -2.70 -12.16
CA ILE A 236 35.95 -1.96 -12.80
C ILE A 236 36.07 -0.52 -12.31
N TYR A 237 36.21 0.43 -13.25
CA TYR A 237 36.41 1.84 -12.94
C TYR A 237 35.13 2.66 -13.05
N PHE A 238 34.98 3.64 -12.17
CA PHE A 238 33.84 4.58 -12.12
C PHE A 238 34.33 5.98 -11.77
N ALA A 239 33.54 6.99 -12.14
CA ALA A 239 33.79 8.40 -11.82
C ALA A 239 32.58 8.97 -11.08
N ASP A 240 32.80 10.05 -10.33
CA ASP A 240 31.71 10.81 -9.72
C ASP A 240 31.49 12.11 -10.54
N MET A 241 32.29 12.31 -11.65
CA MET A 241 32.15 13.44 -12.59
C MET A 241 31.66 12.85 -13.90
N VAL A 242 30.45 13.23 -14.31
CA VAL A 242 29.83 12.67 -15.52
C VAL A 242 30.73 12.73 -16.76
N SER A 243 31.42 13.87 -16.98
CA SER A 243 32.27 14.07 -18.16
C SER A 243 33.50 13.15 -18.17
N LYS A 244 34.01 12.77 -16.98
CA LYS A 244 35.16 11.87 -16.91
C LYS A 244 34.77 10.50 -17.49
N SER A 245 33.55 10.03 -17.16
CA SER A 245 33.05 8.77 -17.69
C SER A 245 32.56 8.96 -19.15
N ALA A 246 31.90 10.09 -19.45
CA ALA A 246 31.36 10.40 -20.79
C ALA A 246 32.47 10.40 -21.86
N ASN A 247 33.70 10.76 -21.46
CA ASN A 247 34.87 10.67 -22.36
C ASN A 247 35.11 9.26 -22.87
N TYR A 248 34.80 8.24 -22.07
CA TYR A 248 34.98 6.84 -22.42
C TYR A 248 33.88 6.25 -23.33
N CYS A 249 32.87 7.05 -23.70
CA CYS A 249 31.84 6.61 -24.66
C CYS A 249 32.49 6.65 -26.06
N HIS A 250 33.52 7.50 -26.21
CA HIS A 250 34.24 7.70 -27.48
C HIS A 250 33.27 8.18 -28.58
N THR A 251 32.40 9.12 -28.23
CA THR A 251 31.44 9.71 -29.17
C THR A 251 32.19 10.74 -30.02
N SER A 252 31.73 10.96 -31.25
CA SER A 252 32.33 11.94 -32.19
C SER A 252 31.21 12.71 -32.89
N GLN A 253 31.57 13.63 -33.81
CA GLN A 253 30.55 14.34 -34.59
C GLN A 253 29.76 13.34 -35.46
N GLY A 254 30.41 12.25 -35.87
CA GLY A 254 29.84 11.15 -36.64
C GLY A 254 28.74 10.40 -35.93
N ASP A 255 28.92 10.14 -34.60
CA ASP A 255 27.93 9.49 -33.76
C ASP A 255 27.91 10.26 -32.43
N PRO A 256 27.09 11.34 -32.35
CA PRO A 256 27.13 12.19 -31.15
C PRO A 256 26.26 11.73 -29.99
N ILE A 257 25.65 10.56 -30.10
CA ILE A 257 24.80 10.01 -29.05
C ILE A 257 25.56 8.88 -28.35
N GLY A 258 25.70 8.99 -27.04
CA GLY A 258 26.38 7.97 -26.26
C GLY A 258 25.50 7.35 -25.19
N LEU A 259 25.98 6.28 -24.59
CA LEU A 259 25.27 5.59 -23.50
C LEU A 259 26.17 5.64 -22.28
N ILE A 260 25.59 5.87 -21.11
CA ILE A 260 26.38 5.92 -19.87
C ILE A 260 25.58 5.27 -18.75
N LEU A 261 26.26 4.54 -17.87
CA LEU A 261 25.60 3.83 -16.78
C LEU A 261 25.74 4.58 -15.49
N LEU A 262 24.75 4.36 -14.62
CA LEU A 262 24.78 4.76 -13.22
C LEU A 262 24.68 3.44 -12.49
N GLY A 263 25.74 3.12 -11.75
CA GLY A 263 25.80 1.88 -11.00
C GLY A 263 25.89 2.17 -9.52
N GLU A 264 25.24 1.31 -8.73
CA GLU A 264 25.37 1.36 -7.28
C GLU A 264 26.61 0.51 -6.99
N VAL A 265 27.64 1.13 -6.44
CA VAL A 265 28.90 0.45 -6.21
C VAL A 265 29.13 0.36 -4.70
N ALA A 266 29.42 -0.85 -4.21
CA ALA A 266 29.67 -1.13 -2.78
C ALA A 266 31.17 -0.95 -2.55
N LEU A 267 31.53 0.26 -2.21
CA LEU A 267 32.91 0.72 -2.00
C LEU A 267 33.48 0.31 -0.65
N GLY A 268 32.64 0.23 0.39
CA GLY A 268 33.10 -0.09 1.74
C GLY A 268 34.22 0.82 2.19
N ASN A 269 35.31 0.24 2.67
CA ASN A 269 36.47 1.04 3.12
C ASN A 269 37.36 1.24 1.90
N MET A 270 37.58 2.49 1.54
CA MET A 270 38.34 2.86 0.34
C MET A 270 39.82 2.96 0.64
N TYR A 271 40.63 2.35 -0.21
CA TYR A 271 42.10 2.44 -0.19
C TYR A 271 42.37 3.72 -1.02
N GLU A 272 42.61 4.82 -0.31
CA GLU A 272 42.75 6.14 -0.91
C GLU A 272 44.16 6.36 -1.44
N LEU A 273 44.27 6.58 -2.74
CA LEU A 273 45.56 6.73 -3.42
C LEU A 273 45.68 7.98 -4.20
N LYS A 274 46.86 8.59 -4.16
CA LYS A 274 47.10 9.84 -4.90
C LYS A 274 47.81 9.58 -6.21
N HIS A 275 48.40 8.38 -6.38
CA HIS A 275 49.16 8.03 -7.58
C HIS A 275 48.94 6.56 -7.97
N ALA A 276 49.30 6.21 -9.22
CA ALA A 276 49.15 4.86 -9.77
C ALA A 276 49.70 3.79 -8.86
N SER A 277 48.93 2.70 -8.73
CA SER A 277 49.34 1.52 -7.97
C SER A 277 48.58 0.36 -8.56
N HIS A 278 49.29 -0.56 -9.23
CA HIS A 278 48.68 -1.68 -9.94
C HIS A 278 48.25 -2.76 -8.96
N ILE A 279 47.06 -2.58 -8.41
CA ILE A 279 46.46 -3.46 -7.40
C ILE A 279 46.30 -4.88 -7.92
N SER A 280 46.92 -5.86 -7.21
CA SER A 280 46.78 -7.30 -7.47
CA SER A 280 46.79 -7.29 -7.47
C SER A 280 45.86 -7.86 -6.39
N LYS A 281 46.01 -7.36 -5.14
CA LYS A 281 45.19 -7.70 -3.97
C LYS A 281 45.12 -6.45 -3.09
N LEU A 282 43.91 -6.02 -2.70
CA LEU A 282 43.71 -4.85 -1.86
C LEU A 282 44.24 -5.08 -0.45
N PRO A 283 44.56 -4.01 0.32
CA PRO A 283 44.90 -4.20 1.74
C PRO A 283 43.70 -4.85 2.45
N LYS A 284 43.95 -5.72 3.44
CA LYS A 284 42.87 -6.41 4.17
C LYS A 284 41.97 -5.39 4.85
N GLY A 285 40.65 -5.57 4.69
CA GLY A 285 39.65 -4.66 5.26
C GLY A 285 39.18 -3.58 4.31
N LYS A 286 39.90 -3.41 3.17
CA LYS A 286 39.59 -2.43 2.12
C LYS A 286 38.76 -3.12 1.05
N HIS A 287 37.71 -2.44 0.57
CA HIS A 287 36.82 -3.05 -0.43
C HIS A 287 36.95 -2.41 -1.82
N SER A 288 37.63 -1.27 -1.89
CA SER A 288 37.78 -0.55 -3.17
C SER A 288 39.00 0.37 -3.13
N VAL A 289 39.34 0.96 -4.28
CA VAL A 289 40.32 2.03 -4.35
C VAL A 289 39.57 3.30 -4.69
N LYS A 290 39.96 4.43 -4.09
CA LYS A 290 39.54 5.75 -4.44
C LYS A 290 40.79 6.48 -4.91
N GLY A 291 40.84 6.83 -6.18
CA GLY A 291 41.89 7.64 -6.75
C GLY A 291 41.54 9.07 -6.43
N LEU A 292 42.39 9.77 -5.66
CA LEU A 292 42.03 11.10 -5.20
C LEU A 292 42.25 12.22 -6.21
N GLY A 293 41.20 12.94 -6.54
CA GLY A 293 41.30 14.06 -7.46
C GLY A 293 41.49 15.39 -6.74
N LYS A 294 41.94 16.38 -7.48
CA LYS A 294 42.08 17.75 -6.97
C LYS A 294 40.71 18.42 -6.82
N THR A 295 39.71 17.99 -7.63
CA THR A 295 38.35 18.57 -7.59
C THR A 295 37.39 17.44 -7.21
N THR A 296 36.44 17.74 -6.31
CA THR A 296 35.48 16.76 -5.80
C THR A 296 34.07 17.36 -5.76
N PRO A 297 32.98 16.56 -5.98
CA PRO A 297 31.63 17.13 -5.83
C PRO A 297 31.47 17.59 -4.38
N ASP A 298 30.92 18.80 -4.14
CA ASP A 298 30.73 19.35 -2.79
C ASP A 298 30.01 18.31 -1.92
N PRO A 299 30.69 17.73 -0.88
CA PRO A 299 30.06 16.66 -0.08
C PRO A 299 28.82 17.06 0.69
N SER A 300 28.65 18.37 0.99
CA SER A 300 27.47 18.89 1.68
C SER A 300 26.22 18.83 0.78
N ALA A 301 26.42 18.63 -0.53
CA ALA A 301 25.32 18.54 -1.51
C ALA A 301 24.90 17.08 -1.85
N ASN A 302 25.48 16.08 -1.15
CA ASN A 302 25.17 14.65 -1.32
C ASN A 302 23.70 14.39 -0.99
N ILE A 303 23.00 13.70 -1.91
CA ILE A 303 21.58 13.36 -1.80
C ILE A 303 21.47 11.84 -1.72
N SER A 304 20.38 11.33 -1.14
CA SER A 304 20.13 9.90 -1.11
C SER A 304 19.03 9.59 -2.10
N LEU A 305 19.32 8.70 -3.04
CA LEU A 305 18.36 8.21 -4.01
C LEU A 305 18.16 6.78 -3.61
N ASP A 306 16.99 6.53 -2.97
CA ASP A 306 16.56 5.24 -2.46
C ASP A 306 17.66 4.48 -1.68
N GLY A 307 18.30 5.18 -0.74
CA GLY A 307 19.33 4.63 0.15
C GLY A 307 20.76 4.67 -0.32
N VAL A 308 21.01 5.19 -1.53
CA VAL A 308 22.37 5.24 -2.08
C VAL A 308 22.88 6.69 -2.16
N ASP A 309 24.13 6.93 -1.74
CA ASP A 309 24.73 8.27 -1.81
C ASP A 309 24.95 8.69 -3.27
N VAL A 310 24.37 9.84 -3.66
CA VAL A 310 24.49 10.43 -5.00
C VAL A 310 25.34 11.70 -4.84
N PRO A 311 26.62 11.66 -5.26
CA PRO A 311 27.50 12.81 -5.06
C PRO A 311 27.33 13.82 -6.20
N LEU A 312 26.14 14.44 -6.26
CA LEU A 312 25.74 15.33 -7.36
C LEU A 312 26.12 16.81 -7.14
N GLY A 313 26.90 17.10 -6.10
CA GLY A 313 27.31 18.47 -5.81
C GLY A 313 28.24 19.07 -6.86
N THR A 314 28.22 20.41 -7.02
CA THR A 314 29.12 21.10 -7.96
C THR A 314 30.57 20.89 -7.47
N GLY A 315 31.52 20.81 -8.41
CA GLY A 315 32.92 20.56 -8.10
C GLY A 315 33.58 21.67 -7.31
N ILE A 316 34.24 21.30 -6.20
CA ILE A 316 34.99 22.20 -5.34
C ILE A 316 36.38 21.63 -5.14
N SER A 317 37.32 22.44 -4.66
CA SER A 317 38.66 21.94 -4.41
C SER A 317 38.61 20.86 -3.32
N SER A 318 39.30 19.75 -3.54
CA SER A 318 39.32 18.67 -2.57
C SER A 318 40.36 18.96 -1.48
N GLY A 319 41.19 19.97 -1.69
CA GLY A 319 42.27 20.31 -0.75
C GLY A 319 43.47 19.38 -0.86
N VAL A 320 43.45 18.43 -1.83
CA VAL A 320 44.55 17.50 -2.08
C VAL A 320 45.34 18.08 -3.27
N ASN A 321 46.56 18.61 -3.05
CA ASN A 321 47.34 19.19 -4.17
C ASN A 321 48.35 18.20 -4.74
N ASP A 322 48.81 17.28 -3.91
CA ASP A 322 49.85 16.31 -4.27
C ASP A 322 49.28 15.03 -4.90
N THR A 323 48.46 15.17 -5.94
CA THR A 323 47.89 14.01 -6.64
C THR A 323 48.16 14.02 -8.12
N SER A 324 48.12 12.81 -8.71
CA SER A 324 48.29 12.60 -10.14
C SER A 324 47.00 12.95 -10.90
N LEU A 325 45.84 12.88 -10.20
CA LEU A 325 44.50 13.01 -10.78
C LEU A 325 43.80 14.34 -10.64
N LEU A 326 43.14 14.80 -11.70
CA LEU A 326 42.36 16.03 -11.62
C LEU A 326 41.04 15.74 -10.90
N TYR A 327 40.46 14.56 -11.15
CA TYR A 327 39.16 14.15 -10.59
C TYR A 327 39.25 12.78 -9.97
N ASN A 328 38.33 12.49 -9.03
CA ASN A 328 38.32 11.19 -8.40
C ASN A 328 38.03 10.06 -9.40
N GLU A 329 38.32 8.87 -8.99
CA GLU A 329 37.90 7.64 -9.65
C GLU A 329 37.81 6.55 -8.62
N TYR A 330 36.98 5.56 -8.89
CA TYR A 330 36.71 4.49 -7.93
C TYR A 330 36.81 3.19 -8.66
N ILE A 331 37.50 2.24 -8.05
CA ILE A 331 37.75 0.91 -8.63
C ILE A 331 37.36 -0.19 -7.65
N VAL A 332 36.67 -1.23 -8.17
CA VAL A 332 36.34 -2.43 -7.43
C VAL A 332 36.98 -3.60 -8.18
N TYR A 333 37.38 -4.64 -7.45
CA TYR A 333 38.13 -5.75 -8.00
C TYR A 333 37.36 -7.07 -7.97
N ASP A 334 36.06 -6.95 -7.73
CA ASP A 334 35.15 -8.10 -7.73
C ASP A 334 33.90 -7.64 -8.48
N ILE A 335 33.56 -8.38 -9.55
CA ILE A 335 32.43 -8.03 -10.40
C ILE A 335 31.10 -7.98 -9.62
N ALA A 336 31.01 -8.74 -8.51
CA ALA A 336 29.82 -8.81 -7.67
C ALA A 336 29.51 -7.52 -6.91
N GLN A 337 30.51 -6.59 -6.78
CA GLN A 337 30.35 -5.34 -6.05
C GLN A 337 29.58 -4.24 -6.79
N VAL A 338 29.09 -4.55 -8.01
CA VAL A 338 28.35 -3.58 -8.82
C VAL A 338 26.90 -4.07 -9.07
N ASN A 339 25.95 -3.16 -8.89
CA ASN A 339 24.54 -3.36 -9.23
C ASN A 339 24.12 -2.20 -10.11
N LEU A 340 23.99 -2.48 -11.41
CA LEU A 340 23.59 -1.46 -12.38
C LEU A 340 22.16 -0.96 -12.10
N LYS A 341 21.98 0.36 -12.08
CA LYS A 341 20.70 1.00 -11.75
C LYS A 341 20.04 1.78 -12.88
N TYR A 342 20.79 2.59 -13.60
CA TYR A 342 20.26 3.40 -14.69
C TYR A 342 21.16 3.38 -15.87
N LEU A 343 20.57 3.60 -17.02
CA LEU A 343 21.26 3.70 -18.31
C LEU A 343 20.74 4.99 -18.95
N LEU A 344 21.64 5.91 -19.29
CA LEU A 344 21.25 7.19 -19.87
C LEU A 344 21.67 7.23 -21.32
N LYS A 345 20.80 7.79 -22.16
CA LYS A 345 21.14 8.05 -23.55
C LYS A 345 21.44 9.54 -23.58
N LEU A 346 22.68 9.92 -23.94
CA LEU A 346 23.13 11.31 -23.94
C LEU A 346 23.49 11.82 -25.30
N LYS A 347 23.14 13.07 -25.57
CA LYS A 347 23.50 13.79 -26.79
C LYS A 347 24.74 14.60 -26.40
N PHE A 348 25.82 14.47 -27.19
CA PHE A 348 27.05 15.22 -26.98
C PHE A 348 27.03 16.36 -28.02
N ASN A 349 26.95 17.60 -27.55
CA ASN A 349 26.91 18.78 -28.42
C ASN A 349 28.33 19.31 -28.55
N PHE A 350 29.06 18.83 -29.58
CA PHE A 350 30.45 19.21 -29.80
C PHE A 350 30.62 20.66 -30.22
N LYS A 351 31.52 21.38 -29.53
CA LYS A 351 31.82 22.79 -29.75
C LYS A 351 32.84 22.97 -30.88
N LYS B 3 23.83 -35.03 -24.51
CA LYS B 3 23.48 -35.61 -23.19
C LYS B 3 23.66 -34.57 -22.08
N SER B 4 22.71 -34.55 -21.14
CA SER B 4 22.66 -33.61 -20.01
C SER B 4 23.85 -33.69 -19.05
N LYS B 5 24.41 -32.51 -18.74
CA LYS B 5 25.51 -32.34 -17.79
C LYS B 5 24.94 -32.11 -16.36
N LEU B 6 23.60 -32.02 -16.25
CA LEU B 6 22.91 -31.83 -14.96
C LEU B 6 23.14 -33.02 -14.04
N PRO B 7 23.27 -32.81 -12.71
CA PRO B 7 23.43 -33.96 -11.80
C PRO B 7 22.21 -34.88 -11.86
N LYS B 8 22.43 -36.20 -11.59
CA LYS B 8 21.33 -37.18 -11.58
C LYS B 8 20.13 -36.74 -10.70
N PRO B 9 20.35 -36.23 -9.45
CA PRO B 9 19.19 -35.80 -8.63
C PRO B 9 18.36 -34.67 -9.26
N VAL B 10 19.01 -33.77 -10.04
CA VAL B 10 18.30 -32.69 -10.72
C VAL B 10 17.49 -33.28 -11.89
N GLN B 11 18.08 -34.23 -12.64
CA GLN B 11 17.40 -34.88 -13.77
C GLN B 11 16.16 -35.64 -13.27
N ASP B 12 16.31 -36.39 -12.18
CA ASP B 12 15.23 -37.16 -11.55
C ASP B 12 14.12 -36.22 -11.06
N LEU B 13 14.50 -35.05 -10.49
CA LEU B 13 13.54 -34.04 -10.03
C LEU B 13 12.74 -33.52 -11.22
N ILE B 14 13.43 -33.18 -12.35
CA ILE B 14 12.79 -32.70 -13.58
C ILE B 14 11.77 -33.74 -14.09
N LYS B 15 12.15 -35.03 -14.10
CA LYS B 15 11.27 -36.11 -14.57
C LYS B 15 10.03 -36.27 -13.66
N MET B 16 10.25 -36.19 -12.36
CA MET B 16 9.23 -36.30 -11.32
C MET B 16 8.17 -35.17 -11.46
N ILE B 17 8.61 -33.90 -11.63
CA ILE B 17 7.66 -32.77 -11.69
C ILE B 17 6.99 -32.63 -13.06
N PHE B 18 7.61 -33.16 -14.12
CA PHE B 18 7.03 -33.12 -15.46
C PHE B 18 6.42 -34.49 -15.86
N ASP B 19 6.03 -35.29 -14.87
CA ASP B 19 5.44 -36.62 -15.10
C ASP B 19 3.98 -36.49 -15.56
N VAL B 20 3.74 -36.79 -16.84
CA VAL B 20 2.43 -36.74 -17.50
C VAL B 20 1.43 -37.73 -16.85
N GLU B 21 1.89 -38.94 -16.47
CA GLU B 21 1.03 -39.95 -15.84
C GLU B 21 0.57 -39.56 -14.43
N SER B 22 1.42 -38.85 -13.67
CA SER B 22 1.03 -38.34 -12.36
C SER B 22 -0.07 -37.28 -12.55
N MET B 23 -0.01 -36.51 -13.63
CA MET B 23 -1.01 -35.47 -13.98
C MET B 23 -2.35 -36.16 -14.25
N LYS B 24 -2.32 -37.24 -15.09
CA LYS B 24 -3.55 -38.00 -15.45
C LYS B 24 -4.16 -38.69 -14.25
N LYS B 25 -3.33 -39.32 -13.42
CA LYS B 25 -3.71 -40.01 -12.20
C LYS B 25 -4.46 -39.04 -11.26
N ALA B 26 -3.94 -37.80 -11.12
CA ALA B 26 -4.57 -36.77 -10.28
C ALA B 26 -5.97 -36.46 -10.82
N MET B 27 -6.10 -36.27 -12.14
CA MET B 27 -7.38 -35.97 -12.80
C MET B 27 -8.41 -37.08 -12.60
N VAL B 28 -7.96 -38.37 -12.73
CA VAL B 28 -8.84 -39.54 -12.51
C VAL B 28 -9.32 -39.62 -11.06
N GLU B 29 -8.43 -39.30 -10.07
CA GLU B 29 -8.78 -39.31 -8.65
C GLU B 29 -9.86 -38.27 -8.32
N TYR B 30 -9.89 -37.16 -9.06
CA TYR B 30 -10.89 -36.11 -8.87
C TYR B 30 -12.18 -36.46 -9.61
N GLU B 31 -12.21 -37.62 -10.30
CA GLU B 31 -13.34 -38.17 -11.06
C GLU B 31 -13.60 -37.46 -12.38
N ILE B 32 -12.54 -36.80 -12.94
CA ILE B 32 -12.65 -36.14 -14.25
C ILE B 32 -12.70 -37.25 -15.31
N ASP B 33 -13.46 -37.03 -16.40
CA ASP B 33 -13.54 -38.00 -17.49
C ASP B 33 -12.45 -37.64 -18.49
N LEU B 34 -11.35 -38.43 -18.53
CA LEU B 34 -10.20 -38.22 -19.44
C LEU B 34 -10.53 -38.37 -20.92
N GLN B 35 -11.61 -39.11 -21.25
CA GLN B 35 -12.08 -39.28 -22.62
C GLN B 35 -12.70 -37.96 -23.14
N LYS B 36 -13.58 -37.33 -22.36
CA LYS B 36 -14.24 -36.09 -22.75
C LYS B 36 -13.39 -34.87 -22.40
N MET B 37 -12.51 -35.01 -21.39
CA MET B 37 -11.64 -33.92 -20.93
C MET B 37 -10.18 -34.41 -20.75
N PRO B 38 -9.44 -34.63 -21.87
CA PRO B 38 -8.04 -35.07 -21.72
C PRO B 38 -7.15 -33.97 -21.16
N LEU B 39 -6.00 -34.38 -20.62
CA LEU B 39 -4.99 -33.47 -20.07
C LEU B 39 -4.66 -32.31 -21.03
N GLY B 40 -4.55 -32.63 -22.32
CA GLY B 40 -4.26 -31.66 -23.38
C GLY B 40 -5.33 -30.62 -23.65
N LYS B 41 -6.58 -30.85 -23.18
CA LYS B 41 -7.71 -29.94 -23.38
C LYS B 41 -7.92 -28.94 -22.23
N LEU B 42 -7.29 -29.16 -21.06
CA LEU B 42 -7.38 -28.24 -19.92
C LEU B 42 -6.89 -26.85 -20.35
N SER B 43 -7.61 -25.79 -19.95
CA SER B 43 -7.17 -24.43 -20.28
C SER B 43 -7.30 -23.48 -19.09
N LYS B 44 -6.55 -22.36 -19.11
CA LYS B 44 -6.61 -21.34 -18.05
C LYS B 44 -8.00 -20.70 -18.01
N ARG B 45 -8.58 -20.37 -19.18
CA ARG B 45 -9.92 -19.76 -19.29
C ARG B 45 -10.99 -20.68 -18.70
N GLN B 46 -10.87 -22.00 -18.95
CA GLN B 46 -11.78 -23.02 -18.43
C GLN B 46 -11.71 -23.04 -16.91
N ILE B 47 -10.49 -23.10 -16.34
CA ILE B 47 -10.26 -23.17 -14.89
C ILE B 47 -10.79 -21.91 -14.21
N GLN B 48 -10.54 -20.75 -14.83
CA GLN B 48 -11.02 -19.46 -14.32
C GLN B 48 -12.56 -19.46 -14.28
N ALA B 49 -13.20 -19.89 -15.39
CA ALA B 49 -14.66 -19.96 -15.48
C ALA B 49 -15.24 -20.92 -14.44
N ALA B 50 -14.55 -22.04 -14.18
CA ALA B 50 -14.97 -23.03 -13.18
C ALA B 50 -14.90 -22.48 -11.75
N TYR B 51 -13.82 -21.71 -11.41
CA TYR B 51 -13.73 -21.08 -10.09
C TYR B 51 -14.93 -20.13 -9.92
N SER B 52 -15.24 -19.35 -10.98
CA SER B 52 -16.37 -18.38 -10.99
C SER B 52 -17.70 -19.10 -10.74
N ILE B 53 -17.91 -20.29 -11.35
CA ILE B 53 -19.11 -21.08 -11.08
C ILE B 53 -19.14 -21.49 -9.60
N LEU B 54 -18.02 -21.98 -9.03
CA LEU B 54 -17.99 -22.38 -7.62
C LEU B 54 -18.23 -21.19 -6.67
N SER B 55 -17.83 -19.99 -7.07
CA SER B 55 -18.11 -18.77 -6.28
C SER B 55 -19.61 -18.52 -6.31
N GLU B 56 -20.24 -18.68 -7.50
CA GLU B 56 -21.71 -18.54 -7.60
C GLU B 56 -22.40 -19.55 -6.70
N VAL B 57 -21.93 -20.81 -6.64
CA VAL B 57 -22.45 -21.88 -5.76
C VAL B 57 -22.30 -21.47 -4.27
N GLN B 58 -21.08 -21.03 -3.87
CA GLN B 58 -20.77 -20.57 -2.51
C GLN B 58 -21.80 -19.46 -2.10
N GLN B 59 -22.03 -18.47 -2.98
CA GLN B 59 -22.99 -17.38 -2.73
C GLN B 59 -24.43 -17.94 -2.61
N ALA B 60 -24.86 -18.81 -3.56
CA ALA B 60 -26.20 -19.42 -3.50
C ALA B 60 -26.44 -20.25 -2.22
N VAL B 61 -25.43 -21.02 -1.75
CA VAL B 61 -25.55 -21.87 -0.56
C VAL B 61 -25.87 -21.04 0.70
N SER B 62 -25.13 -19.94 0.94
CA SER B 62 -25.41 -19.10 2.11
C SER B 62 -26.66 -18.21 1.86
N GLN B 63 -26.94 -17.86 0.58
CA GLN B 63 -28.11 -17.04 0.22
C GLN B 63 -29.42 -17.78 0.55
N GLY B 64 -29.43 -19.09 0.30
CA GLY B 64 -30.62 -19.94 0.49
C GLY B 64 -31.67 -19.68 -0.57
N SER B 65 -32.74 -20.52 -0.59
CA SER B 65 -33.88 -20.43 -1.52
C SER B 65 -33.40 -20.33 -3.00
N SER B 66 -32.36 -21.14 -3.36
CA SER B 66 -31.73 -21.11 -4.68
C SER B 66 -31.50 -22.53 -5.25
N ASP B 67 -32.40 -23.48 -4.95
CA ASP B 67 -32.27 -24.88 -5.41
C ASP B 67 -32.21 -25.06 -6.93
N SER B 68 -33.05 -24.32 -7.67
CA SER B 68 -33.02 -24.42 -9.13
C SER B 68 -31.72 -23.77 -9.67
N GLN B 69 -31.19 -22.70 -9.00
CA GLN B 69 -29.92 -22.08 -9.41
C GLN B 69 -28.74 -23.02 -9.12
N ILE B 70 -28.82 -23.77 -7.99
CA ILE B 70 -27.79 -24.74 -7.56
C ILE B 70 -27.75 -25.91 -8.56
N LEU B 71 -28.94 -26.34 -9.03
CA LEU B 71 -28.99 -27.37 -10.05
C LEU B 71 -28.37 -26.84 -11.37
N ASP B 72 -28.69 -25.59 -11.77
CA ASP B 72 -28.14 -25.02 -13.00
C ASP B 72 -26.61 -24.92 -12.90
N LEU B 73 -26.10 -24.49 -11.74
CA LEU B 73 -24.65 -24.30 -11.52
C LEU B 73 -23.89 -25.61 -11.52
N SER B 74 -24.46 -26.66 -10.91
CA SER B 74 -23.87 -28.00 -10.91
C SER B 74 -23.80 -28.52 -12.34
N ASN B 75 -24.91 -28.39 -13.10
CA ASN B 75 -24.91 -28.78 -14.53
C ASN B 75 -23.86 -28.03 -15.32
N ARG B 76 -23.77 -26.70 -15.14
CA ARG B 76 -22.80 -25.87 -15.88
C ARG B 76 -21.35 -26.29 -15.53
N PHE B 77 -21.13 -26.58 -14.24
CA PHE B 77 -19.81 -26.99 -13.73
C PHE B 77 -19.35 -28.30 -14.41
N TYR B 78 -20.21 -29.33 -14.37
CA TYR B 78 -19.88 -30.62 -14.98
C TYR B 78 -19.82 -30.58 -16.53
N THR B 79 -20.48 -29.61 -17.19
CA THR B 79 -20.37 -29.43 -18.64
C THR B 79 -18.99 -28.85 -18.94
N LEU B 80 -18.57 -27.88 -18.11
CA LEU B 80 -17.29 -27.22 -18.25
C LEU B 80 -16.12 -28.20 -17.99
N ILE B 81 -16.24 -29.01 -16.93
CA ILE B 81 -15.25 -30.01 -16.56
C ILE B 81 -15.94 -31.37 -16.47
N PRO B 82 -16.06 -32.11 -17.60
CA PRO B 82 -16.73 -33.43 -17.56
C PRO B 82 -16.18 -34.39 -16.53
N HIS B 83 -17.09 -34.99 -15.75
CA HIS B 83 -16.80 -36.00 -14.73
C HIS B 83 -17.35 -37.36 -15.12
N ASP B 84 -16.79 -38.43 -14.56
CA ASP B 84 -17.20 -39.79 -14.81
C ASP B 84 -17.63 -40.39 -13.48
N PHE B 85 -18.95 -40.40 -13.24
CA PHE B 85 -19.51 -40.93 -12.00
C PHE B 85 -20.05 -42.34 -12.21
N LYS B 88 -24.54 -43.96 -11.50
CA LYS B 88 -24.47 -43.06 -10.36
C LYS B 88 -24.76 -41.61 -10.77
N LYS B 89 -25.69 -40.96 -10.03
CA LYS B 89 -26.13 -39.59 -10.24
C LYS B 89 -25.00 -38.57 -9.97
N PRO B 90 -24.84 -37.50 -10.80
CA PRO B 90 -23.81 -36.49 -10.49
C PRO B 90 -24.20 -35.73 -9.22
N PRO B 91 -23.35 -35.67 -8.18
CA PRO B 91 -23.72 -34.96 -6.95
C PRO B 91 -23.95 -33.48 -7.15
N LEU B 92 -24.96 -32.94 -6.46
CA LEU B 92 -25.24 -31.51 -6.54
C LEU B 92 -24.22 -30.77 -5.68
N LEU B 93 -23.73 -29.64 -6.18
CA LEU B 93 -22.76 -28.85 -5.41
C LEU B 93 -23.63 -27.91 -4.57
N ASN B 94 -24.15 -28.42 -3.43
CA ASN B 94 -25.11 -27.67 -2.60
C ASN B 94 -24.72 -27.51 -1.14
N ASN B 95 -23.46 -27.80 -0.82
CA ASN B 95 -23.01 -27.69 0.58
C ASN B 95 -21.55 -27.30 0.59
N ALA B 96 -21.06 -26.88 1.78
CA ALA B 96 -19.68 -26.45 2.00
C ALA B 96 -18.65 -27.49 1.57
N ASP B 97 -18.82 -28.77 2.01
CA ASP B 97 -17.89 -29.85 1.69
C ASP B 97 -17.80 -30.16 0.20
N SER B 98 -18.96 -30.19 -0.50
CA SER B 98 -18.99 -30.45 -1.94
C SER B 98 -18.30 -29.34 -2.76
N VAL B 99 -18.46 -28.07 -2.33
CA VAL B 99 -17.83 -26.91 -2.98
C VAL B 99 -16.29 -27.01 -2.77
N GLN B 100 -15.86 -27.25 -1.53
CA GLN B 100 -14.41 -27.31 -1.22
C GLN B 100 -13.70 -28.47 -1.92
N ALA B 101 -14.37 -29.61 -2.11
CA ALA B 101 -13.76 -30.74 -2.82
C ALA B 101 -13.45 -30.34 -4.26
N LYS B 102 -14.33 -29.56 -4.89
CA LYS B 102 -14.13 -29.10 -6.27
C LYS B 102 -13.14 -27.92 -6.33
N VAL B 103 -13.09 -27.09 -5.26
CA VAL B 103 -12.09 -26.01 -5.19
C VAL B 103 -10.69 -26.68 -5.16
N GLU B 104 -10.53 -27.73 -4.32
CA GLU B 104 -9.28 -28.52 -4.18
C GLU B 104 -8.84 -29.04 -5.56
N MET B 105 -9.77 -29.62 -6.33
CA MET B 105 -9.49 -30.10 -7.67
C MET B 105 -8.99 -28.96 -8.56
N LEU B 106 -9.72 -27.81 -8.60
CA LEU B 106 -9.31 -26.69 -9.44
C LEU B 106 -7.93 -26.15 -9.02
N ASP B 107 -7.66 -26.10 -7.68
CA ASP B 107 -6.36 -25.58 -7.17
C ASP B 107 -5.20 -26.40 -7.78
N ASN B 108 -5.39 -27.73 -7.82
CA ASN B 108 -4.41 -28.65 -8.39
C ASN B 108 -4.39 -28.59 -9.92
N LEU B 109 -5.58 -28.55 -10.57
CA LEU B 109 -5.68 -28.44 -12.04
C LEU B 109 -4.98 -27.21 -12.59
N LEU B 110 -5.05 -26.09 -11.85
CA LEU B 110 -4.40 -24.84 -12.22
C LEU B 110 -2.92 -25.09 -12.50
N ASP B 111 -2.21 -25.74 -11.55
CA ASP B 111 -0.79 -26.01 -11.72
C ASP B 111 -0.50 -27.15 -12.70
N ILE B 112 -1.45 -28.10 -12.83
CA ILE B 112 -1.31 -29.19 -13.81
C ILE B 112 -1.33 -28.58 -15.21
N GLU B 113 -2.26 -27.63 -15.47
CA GLU B 113 -2.35 -26.92 -16.75
C GLU B 113 -1.04 -26.15 -17.04
N VAL B 114 -0.44 -25.50 -16.01
CA VAL B 114 0.81 -24.76 -16.18
C VAL B 114 1.94 -25.75 -16.61
N ALA B 115 2.05 -26.90 -15.92
CA ALA B 115 3.07 -27.94 -16.17
C ALA B 115 2.92 -28.49 -17.60
N TYR B 116 1.69 -28.86 -17.97
CA TYR B 116 1.41 -29.35 -19.33
C TYR B 116 1.68 -28.30 -20.40
N SER B 117 1.25 -27.04 -20.19
CA SER B 117 1.49 -25.90 -21.10
C SER B 117 2.97 -25.67 -21.34
N LEU B 118 3.80 -25.82 -20.29
CA LEU B 118 5.27 -25.67 -20.41
C LEU B 118 5.81 -26.82 -21.25
N LEU B 119 5.40 -28.08 -20.93
CA LEU B 119 5.83 -29.30 -21.64
C LEU B 119 5.58 -29.27 -23.13
N ARG B 120 4.51 -28.57 -23.57
CA ARG B 120 4.17 -28.50 -24.98
C ARG B 120 4.62 -27.20 -25.68
N GLY B 121 4.98 -26.19 -24.90
CA GLY B 121 5.45 -24.90 -25.40
C GLY B 121 6.84 -24.93 -26.03
N SER B 126 16.39 -28.61 -30.50
CA SER B 126 16.25 -29.97 -31.03
C SER B 126 17.51 -30.81 -30.79
N SER B 127 18.68 -30.16 -30.77
CA SER B 127 19.97 -30.80 -30.54
C SER B 127 20.22 -31.11 -29.06
N LYS B 128 19.65 -30.29 -28.14
CA LYS B 128 19.87 -30.51 -26.70
C LYS B 128 18.93 -31.56 -26.10
N ASP B 129 19.39 -32.19 -25.01
CA ASP B 129 18.70 -33.22 -24.23
C ASP B 129 17.33 -32.72 -23.74
N PRO B 130 16.23 -33.52 -23.95
CA PRO B 130 14.90 -33.10 -23.48
C PRO B 130 14.85 -32.70 -21.99
N ILE B 131 15.66 -33.38 -21.14
CA ILE B 131 15.76 -33.08 -19.70
C ILE B 131 16.29 -31.63 -19.48
N ASP B 132 17.26 -31.19 -20.33
CA ASP B 132 17.80 -29.82 -20.27
C ASP B 132 16.77 -28.82 -20.77
N VAL B 133 15.99 -29.19 -21.81
CA VAL B 133 14.93 -28.33 -22.37
C VAL B 133 13.89 -28.07 -21.25
N ASN B 134 13.48 -29.13 -20.53
CA ASN B 134 12.49 -29.05 -19.45
C ASN B 134 13.03 -28.30 -18.23
N TYR B 135 14.33 -28.51 -17.90
CA TYR B 135 15.00 -27.78 -16.81
C TYR B 135 14.94 -26.29 -17.09
N GLU B 136 15.27 -25.86 -18.33
CA GLU B 136 15.25 -24.45 -18.73
C GLU B 136 13.85 -23.82 -18.63
N LYS B 137 12.80 -24.63 -18.93
CA LYS B 137 11.41 -24.14 -18.88
C LYS B 137 10.99 -23.69 -17.48
N LEU B 138 11.64 -24.24 -16.44
CA LEU B 138 11.38 -23.93 -15.02
C LEU B 138 11.91 -22.55 -14.61
N LYS B 139 12.86 -21.99 -15.38
CA LYS B 139 13.45 -20.66 -15.16
C LYS B 139 13.89 -20.52 -13.69
N THR B 140 14.49 -21.59 -13.17
CA THR B 140 14.97 -21.70 -11.79
C THR B 140 16.35 -22.35 -11.83
N ASP B 141 17.30 -21.75 -11.11
CA ASP B 141 18.61 -22.37 -10.94
C ASP B 141 18.42 -23.42 -9.84
N ILE B 142 18.81 -24.67 -10.12
CA ILE B 142 18.71 -25.75 -9.16
C ILE B 142 20.10 -26.38 -8.95
N LYS B 143 20.57 -26.40 -7.68
CA LYS B 143 21.85 -26.96 -7.30
C LYS B 143 21.63 -27.99 -6.20
N VAL B 144 22.40 -29.08 -6.25
CA VAL B 144 22.31 -30.10 -5.20
C VAL B 144 23.14 -29.63 -4.01
N VAL B 145 22.57 -29.68 -2.80
CA VAL B 145 23.28 -29.32 -1.58
C VAL B 145 24.00 -30.62 -1.14
N ASP B 146 25.32 -30.54 -0.89
CA ASP B 146 26.10 -31.70 -0.46
C ASP B 146 25.65 -32.20 0.90
N ARG B 147 25.33 -33.51 0.99
CA ARG B 147 24.85 -34.16 2.21
C ARG B 147 25.77 -33.94 3.44
N ASP B 148 27.09 -33.80 3.20
CA ASP B 148 28.11 -33.60 4.23
C ASP B 148 28.47 -32.12 4.50
N SER B 149 27.53 -31.18 4.24
CA SER B 149 27.75 -29.76 4.51
C SER B 149 26.98 -29.33 5.77
N GLU B 150 27.37 -28.20 6.40
CA GLU B 150 26.65 -27.69 7.58
C GLU B 150 25.23 -27.21 7.17
N GLU B 151 25.10 -26.75 5.90
CA GLU B 151 23.85 -26.34 5.27
C GLU B 151 22.86 -27.52 5.32
N ALA B 152 23.29 -28.73 4.84
CA ALA B 152 22.46 -29.94 4.87
C ALA B 152 22.15 -30.40 6.30
N GLU B 153 23.15 -30.34 7.22
CA GLU B 153 22.97 -30.73 8.62
C GLU B 153 21.90 -29.90 9.31
N ILE B 154 21.90 -28.56 9.06
CA ILE B 154 20.92 -27.63 9.64
C ILE B 154 19.51 -27.97 9.12
N ILE B 155 19.39 -28.22 7.81
CA ILE B 155 18.10 -28.60 7.20
C ILE B 155 17.60 -29.93 7.76
N ARG B 156 18.49 -30.94 7.83
CA ARG B 156 18.12 -32.24 8.41
C ARG B 156 17.67 -32.11 9.86
N LYS B 157 18.31 -31.21 10.64
CA LYS B 157 17.94 -30.92 12.05
C LYS B 157 16.55 -30.29 12.14
N TYR B 158 16.23 -29.38 11.19
CA TYR B 158 14.91 -28.74 11.10
C TYR B 158 13.84 -29.84 10.86
N VAL B 159 14.10 -30.77 9.93
CA VAL B 159 13.19 -31.91 9.62
C VAL B 159 13.05 -32.82 10.87
N LYS B 160 14.17 -33.23 11.46
CA LYS B 160 14.18 -34.13 12.62
C LYS B 160 13.43 -33.58 13.84
N ASN B 161 13.69 -32.33 14.21
CA ASN B 161 13.16 -31.71 15.42
C ASN B 161 11.71 -31.23 15.37
N THR B 162 11.21 -30.85 14.20
CA THR B 162 9.90 -30.22 14.11
C THR B 162 8.80 -31.15 13.61
N HIS B 163 9.02 -32.48 13.67
CA HIS B 163 7.94 -33.41 13.35
C HIS B 163 6.98 -33.43 14.53
N ALA B 164 5.68 -33.18 14.28
CA ALA B 164 4.66 -33.14 15.33
C ALA B 164 4.29 -34.53 15.86
N THR B 165 3.95 -34.61 17.17
CA THR B 165 3.56 -35.87 17.85
C THR B 165 2.29 -36.52 17.28
N THR B 166 1.30 -35.69 16.88
CA THR B 166 0.02 -36.16 16.31
C THR B 166 0.14 -36.66 14.86
N HIS B 167 1.22 -36.26 14.13
CA HIS B 167 1.41 -36.70 12.74
C HIS B 167 2.28 -37.96 12.73
N ASN B 168 1.80 -39.01 13.42
CA ASN B 168 2.50 -40.29 13.62
C ASN B 168 2.20 -41.38 12.58
N ALA B 169 1.55 -41.05 11.43
CA ALA B 169 1.29 -42.03 10.37
C ALA B 169 2.56 -42.34 9.58
N TYR B 170 3.59 -41.48 9.72
CA TYR B 170 4.83 -41.63 8.98
C TYR B 170 6.02 -40.98 9.68
N ASP B 171 7.21 -41.35 9.22
CA ASP B 171 8.51 -40.79 9.59
C ASP B 171 9.03 -40.16 8.32
N LEU B 172 9.85 -39.10 8.45
CA LEU B 172 10.42 -38.46 7.26
C LEU B 172 11.91 -38.70 7.14
N GLU B 173 12.35 -38.90 5.89
CA GLU B 173 13.73 -39.09 5.50
C GLU B 173 14.04 -38.17 4.31
N VAL B 174 15.05 -37.32 4.46
CA VAL B 174 15.47 -36.44 3.38
C VAL B 174 16.29 -37.25 2.37
N ILE B 175 15.86 -37.26 1.11
CA ILE B 175 16.58 -37.94 0.06
C ILE B 175 17.56 -36.96 -0.57
N ASP B 176 17.06 -35.79 -1.05
CA ASP B 176 17.87 -34.78 -1.72
C ASP B 176 17.48 -33.39 -1.25
N ILE B 177 18.46 -32.50 -1.20
CA ILE B 177 18.24 -31.11 -0.82
C ILE B 177 18.70 -30.29 -2.00
N PHE B 178 17.80 -29.47 -2.52
CA PHE B 178 18.13 -28.61 -3.63
C PHE B 178 18.10 -27.17 -3.20
N LYS B 179 19.10 -26.38 -3.64
CA LYS B 179 19.17 -24.92 -3.42
C LYS B 179 18.57 -24.33 -4.70
N ILE B 180 17.47 -23.58 -4.54
CA ILE B 180 16.75 -23.03 -5.69
C ILE B 180 16.75 -21.50 -5.71
N GLU B 181 16.85 -20.93 -6.91
CA GLU B 181 16.82 -19.50 -7.15
C GLU B 181 15.96 -19.29 -8.36
N ARG B 182 14.67 -18.93 -8.13
CA ARG B 182 13.75 -18.66 -9.22
C ARG B 182 14.16 -17.34 -9.88
N GLU B 183 14.16 -17.29 -11.21
CA GLU B 183 14.49 -16.06 -11.95
C GLU B 183 13.56 -14.90 -11.56
N GLY B 184 14.18 -13.74 -11.30
CA GLY B 184 13.51 -12.51 -10.91
C GLY B 184 13.03 -12.46 -9.46
N GLU B 185 13.13 -13.58 -8.71
CA GLU B 185 12.60 -13.57 -7.35
C GLU B 185 13.36 -12.71 -6.35
N CYS B 186 14.70 -12.74 -6.45
CA CYS B 186 15.55 -11.91 -5.59
C CYS B 186 15.09 -10.43 -5.72
N GLN B 187 14.92 -9.94 -6.96
CA GLN B 187 14.56 -8.54 -7.20
C GLN B 187 13.16 -8.22 -6.65
N ARG B 188 12.22 -9.15 -6.83
CA ARG B 188 10.85 -9.02 -6.34
C ARG B 188 10.85 -8.97 -4.81
N TYR B 189 11.66 -9.79 -4.19
CA TYR B 189 11.71 -9.90 -2.72
C TYR B 189 12.48 -8.75 -2.09
N LYS B 190 13.46 -8.18 -2.83
CA LYS B 190 14.35 -7.11 -2.37
C LYS B 190 13.65 -6.07 -1.43
N PRO B 191 12.52 -5.43 -1.81
CA PRO B 191 11.90 -4.44 -0.89
C PRO B 191 11.49 -5.01 0.46
N PHE B 192 11.02 -6.28 0.46
CA PHE B 192 10.59 -6.96 1.69
C PHE B 192 11.72 -7.41 2.57
N LYS B 193 12.96 -7.41 2.08
CA LYS B 193 14.14 -7.73 2.90
C LYS B 193 14.36 -6.66 4.00
N GLN B 194 13.74 -5.45 3.83
CA GLN B 194 13.78 -4.34 4.80
C GLN B 194 12.84 -4.58 5.95
N LEU B 195 11.86 -5.48 5.78
CA LEU B 195 10.92 -5.84 6.81
C LEU B 195 11.63 -6.69 7.85
N HIS B 196 11.37 -6.42 9.14
CA HIS B 196 12.00 -7.20 10.22
C HIS B 196 11.32 -8.58 10.25
N ASN B 197 11.83 -9.49 11.06
CA ASN B 197 11.20 -10.78 11.30
C ASN B 197 11.08 -11.65 10.04
N ARG B 198 12.21 -12.00 9.48
CA ARG B 198 12.27 -12.89 8.32
C ARG B 198 12.59 -14.27 8.84
N ARG B 199 11.77 -15.27 8.42
CA ARG B 199 11.82 -16.63 8.93
C ARG B 199 11.86 -17.69 7.85
N LEU B 200 12.61 -18.77 8.09
CA LEU B 200 12.71 -19.87 7.14
C LEU B 200 11.63 -20.85 7.53
N LEU B 201 10.61 -20.98 6.66
CA LEU B 201 9.41 -21.78 6.96
C LEU B 201 9.11 -22.80 5.90
N TRP B 202 8.30 -23.80 6.26
CA TRP B 202 7.93 -24.89 5.36
C TRP B 202 6.68 -24.58 4.55
N HIS B 203 6.62 -25.12 3.33
CA HIS B 203 5.41 -25.11 2.50
C HIS B 203 5.36 -26.44 1.75
N GLY B 204 4.30 -27.21 2.03
CA GLY B 204 4.04 -28.48 1.35
C GLY B 204 2.99 -28.31 0.26
N SER B 205 3.10 -29.12 -0.81
CA SER B 205 2.16 -29.12 -1.92
C SER B 205 2.27 -30.45 -2.67
N ARG B 206 1.23 -30.80 -3.46
CA ARG B 206 1.26 -32.01 -4.27
C ARG B 206 2.39 -31.90 -5.29
N THR B 207 3.05 -33.04 -5.60
CA THR B 207 4.16 -33.07 -6.57
C THR B 207 3.75 -32.50 -7.92
N THR B 208 2.48 -32.70 -8.33
CA THR B 208 1.97 -32.22 -9.63
C THR B 208 1.88 -30.68 -9.71
N ASN B 209 2.07 -29.98 -8.57
CA ASN B 209 2.03 -28.51 -8.52
C ASN B 209 3.43 -27.86 -8.67
N PHE B 210 4.51 -28.62 -8.58
CA PHE B 210 5.88 -28.06 -8.51
C PHE B 210 6.41 -27.48 -9.81
N ALA B 211 5.93 -27.92 -11.00
CA ALA B 211 6.35 -27.23 -12.23
C ALA B 211 5.79 -25.79 -12.19
N GLY B 212 4.53 -25.66 -11.76
CA GLY B 212 3.88 -24.35 -11.63
C GLY B 212 4.54 -23.52 -10.55
N ILE B 213 4.81 -24.12 -9.39
CA ILE B 213 5.46 -23.43 -8.26
C ILE B 213 6.86 -22.94 -8.68
N LEU B 214 7.68 -23.76 -9.33
CA LEU B 214 9.00 -23.27 -9.74
C LEU B 214 8.96 -22.22 -10.86
N SER B 215 8.10 -22.38 -11.87
CA SER B 215 8.06 -21.38 -12.94
C SER B 215 7.39 -20.08 -12.52
N GLN B 216 6.35 -20.15 -11.65
CA GLN B 216 5.59 -18.95 -11.27
C GLN B 216 5.65 -18.53 -9.79
N GLY B 217 6.29 -19.33 -8.97
CA GLY B 217 6.39 -19.07 -7.54
C GLY B 217 5.13 -19.46 -6.78
N LEU B 218 5.17 -19.31 -5.46
CA LEU B 218 3.97 -19.62 -4.69
C LEU B 218 2.99 -18.49 -4.96
N ARG B 219 1.72 -18.85 -5.20
CA ARG B 219 0.67 -17.90 -5.54
C ARG B 219 -0.52 -17.96 -4.60
N ILE B 220 -1.35 -16.92 -4.66
CA ILE B 220 -2.55 -16.80 -3.85
C ILE B 220 -3.73 -17.27 -4.73
N ALA B 221 -4.79 -17.79 -4.11
CA ALA B 221 -6.00 -18.19 -4.84
C ALA B 221 -6.50 -17.00 -5.70
N PRO B 222 -6.99 -17.24 -6.94
CA PRO B 222 -7.42 -16.09 -7.78
C PRO B 222 -8.65 -15.37 -7.21
N PRO B 223 -8.94 -14.10 -7.59
CA PRO B 223 -10.14 -13.43 -7.07
C PRO B 223 -11.43 -14.19 -7.38
N GLU B 224 -11.46 -14.93 -8.54
CA GLU B 224 -12.63 -15.72 -8.98
C GLU B 224 -12.93 -16.87 -8.06
N ALA B 225 -11.94 -17.34 -7.29
CA ALA B 225 -12.19 -18.49 -6.43
C ALA B 225 -13.16 -18.13 -5.25
N PRO B 226 -13.89 -19.13 -4.68
CA PRO B 226 -14.75 -18.86 -3.51
C PRO B 226 -13.97 -18.25 -2.34
N VAL B 227 -14.65 -17.44 -1.51
CA VAL B 227 -14.01 -16.77 -0.37
C VAL B 227 -13.99 -17.67 0.88
N THR B 228 -14.75 -18.79 0.84
CA THR B 228 -14.84 -19.76 1.93
C THR B 228 -13.71 -20.82 1.81
N GLY B 229 -13.49 -21.59 2.88
CA GLY B 229 -12.53 -22.68 2.90
C GLY B 229 -11.14 -22.28 3.36
N TYR B 230 -10.95 -21.01 3.76
CA TYR B 230 -9.65 -20.50 4.19
C TYR B 230 -9.74 -19.95 5.60
N MET B 231 -8.97 -20.51 6.54
CA MET B 231 -8.98 -20.05 7.93
C MET B 231 -8.58 -18.57 8.05
N PHE B 232 -7.54 -18.17 7.31
CA PHE B 232 -7.07 -16.79 7.38
C PHE B 232 -7.14 -16.11 6.00
N GLY B 233 -8.15 -16.47 5.22
CA GLY B 233 -8.36 -15.89 3.90
C GLY B 233 -7.37 -16.33 2.84
N LYS B 234 -7.50 -15.71 1.66
CA LYS B 234 -6.68 -16.05 0.50
C LYS B 234 -5.27 -15.49 0.69
N GLY B 235 -4.36 -16.36 1.11
CA GLY B 235 -2.96 -15.99 1.26
C GLY B 235 -2.07 -17.18 0.97
N ILE B 236 -0.75 -17.01 1.22
CA ILE B 236 0.23 -18.09 1.11
C ILE B 236 0.49 -18.53 2.54
N TYR B 237 0.29 -19.82 2.84
CA TYR B 237 0.39 -20.45 4.17
C TYR B 237 1.67 -21.24 4.36
N PHE B 238 2.27 -21.10 5.54
CA PHE B 238 3.52 -21.79 5.92
C PHE B 238 3.40 -22.33 7.33
N ALA B 239 4.21 -23.33 7.64
CA ALA B 239 4.30 -23.91 8.98
C ALA B 239 5.74 -23.82 9.48
N ASP B 240 5.90 -23.89 10.81
CA ASP B 240 7.21 -23.98 11.43
C ASP B 240 7.51 -25.45 11.84
N MET B 241 6.51 -26.34 11.66
CA MET B 241 6.62 -27.78 11.94
C MET B 241 6.61 -28.52 10.60
N VAL B 242 7.71 -29.23 10.26
CA VAL B 242 7.84 -29.92 8.98
C VAL B 242 6.62 -30.79 8.63
N SER B 243 6.06 -31.51 9.62
CA SER B 243 4.96 -32.45 9.40
C SER B 243 3.65 -31.78 9.05
N LYS B 244 3.37 -30.55 9.61
CA LYS B 244 2.16 -29.79 9.28
C LYS B 244 2.17 -29.46 7.78
N SER B 245 3.34 -29.06 7.23
CA SER B 245 3.45 -28.79 5.80
C SER B 245 3.52 -30.11 5.00
N ALA B 246 4.23 -31.15 5.54
CA ALA B 246 4.39 -32.44 4.84
C ALA B 246 3.04 -33.09 4.51
N ASN B 247 2.04 -32.91 5.40
CA ASN B 247 0.68 -33.41 5.23
C ASN B 247 0.05 -32.90 3.93
N TYR B 248 0.41 -31.67 3.54
CA TYR B 248 -0.10 -31.06 2.31
C TYR B 248 0.55 -31.60 1.03
N CYS B 249 1.56 -32.49 1.13
CA CYS B 249 2.13 -33.14 -0.06
C CYS B 249 1.14 -34.17 -0.60
N HIS B 250 0.22 -34.64 0.27
CA HIS B 250 -0.79 -35.66 -0.02
C HIS B 250 -0.14 -36.95 -0.56
N THR B 251 0.95 -37.40 0.12
CA THR B 251 1.66 -38.62 -0.26
C THR B 251 0.92 -39.82 0.35
N SER B 252 1.13 -41.00 -0.22
CA SER B 252 0.49 -42.21 0.29
C SER B 252 1.46 -43.38 0.26
N GLN B 253 1.06 -44.53 0.82
CA GLN B 253 1.88 -45.74 0.81
C GLN B 253 2.25 -46.10 -0.65
N GLY B 254 1.30 -45.87 -1.57
CA GLY B 254 1.47 -46.13 -3.00
C GLY B 254 2.52 -45.30 -3.70
N ASP B 255 2.67 -44.03 -3.28
CA ASP B 255 3.67 -43.09 -3.80
C ASP B 255 4.19 -42.27 -2.59
N PRO B 256 5.21 -42.82 -1.89
CA PRO B 256 5.63 -42.21 -0.62
C PRO B 256 6.73 -41.14 -0.71
N ILE B 257 6.95 -40.59 -1.91
CA ILE B 257 7.96 -39.56 -2.10
C ILE B 257 7.26 -38.22 -2.38
N GLY B 258 7.61 -37.21 -1.61
CA GLY B 258 7.03 -35.88 -1.78
C GLY B 258 8.06 -34.79 -1.89
N LEU B 259 7.58 -33.59 -2.26
CA LEU B 259 8.42 -32.40 -2.37
C LEU B 259 7.93 -31.37 -1.38
N ILE B 260 8.86 -30.71 -0.68
CA ILE B 260 8.48 -29.68 0.30
C ILE B 260 9.43 -28.48 0.09
N LEU B 261 8.94 -27.27 0.38
CA LEU B 261 9.81 -26.10 0.21
C LEU B 261 10.21 -25.54 1.55
N LEU B 262 11.36 -24.86 1.57
CA LEU B 262 11.79 -23.98 2.63
C LEU B 262 11.83 -22.61 1.97
N GLY B 263 11.01 -21.71 2.49
CA GLY B 263 10.94 -20.37 1.98
C GLY B 263 11.32 -19.36 3.04
N GLU B 264 12.02 -18.29 2.64
CA GLU B 264 12.30 -17.17 3.54
C GLU B 264 11.07 -16.27 3.42
N VAL B 265 10.38 -16.07 4.52
CA VAL B 265 9.16 -15.29 4.49
C VAL B 265 9.37 -14.01 5.32
N ALA B 266 9.11 -12.84 4.73
CA ALA B 266 9.28 -11.54 5.44
C ALA B 266 7.98 -11.30 6.19
N LEU B 267 7.93 -11.75 7.44
CA LEU B 267 6.72 -11.71 8.28
C LEU B 267 6.41 -10.31 8.86
N GLY B 268 7.45 -9.49 9.07
CA GLY B 268 7.26 -8.17 9.66
C GLY B 268 6.49 -8.24 10.96
N ASN B 269 5.57 -7.29 11.13
CA ASN B 269 4.71 -7.24 12.31
C ASN B 269 3.55 -8.19 12.13
N MET B 270 3.56 -9.30 12.90
CA MET B 270 2.54 -10.34 12.78
C MET B 270 1.27 -10.01 13.52
N TYR B 271 0.15 -10.32 12.89
CA TYR B 271 -1.18 -10.15 13.47
C TYR B 271 -1.49 -11.55 14.05
N GLU B 272 -1.31 -11.70 15.37
CA GLU B 272 -1.41 -12.98 16.06
C GLU B 272 -2.86 -13.31 16.38
N LEU B 273 -3.35 -14.44 15.83
CA LEU B 273 -4.74 -14.85 15.95
C LEU B 273 -4.90 -16.28 16.43
N LYS B 274 -5.93 -16.52 17.28
CA LYS B 274 -6.22 -17.84 17.86
C LYS B 274 -7.39 -18.50 17.13
N HIS B 275 -8.16 -17.70 16.38
CA HIS B 275 -9.32 -18.21 15.65
C HIS B 275 -9.34 -17.68 14.23
N ALA B 276 -10.02 -18.43 13.33
CA ALA B 276 -10.17 -18.05 11.94
C ALA B 276 -10.60 -16.61 11.76
N SER B 277 -9.92 -15.88 10.85
CA SER B 277 -10.32 -14.51 10.51
C SER B 277 -11.24 -14.72 9.31
N HIS B 278 -12.28 -13.96 9.14
CA HIS B 278 -12.99 -14.38 7.94
C HIS B 278 -12.73 -13.36 6.82
N ILE B 279 -11.47 -12.81 6.86
CA ILE B 279 -10.93 -11.72 6.02
C ILE B 279 -9.47 -11.95 5.51
N SER B 280 -9.16 -11.39 4.33
CA SER B 280 -7.83 -11.38 3.70
C SER B 280 -7.14 -9.98 3.95
N LYS B 281 -7.82 -9.05 4.70
CA LYS B 281 -7.34 -7.68 4.95
C LYS B 281 -6.66 -7.49 6.32
N LEU B 282 -5.41 -6.99 6.28
CA LEU B 282 -4.62 -6.77 7.48
C LEU B 282 -4.77 -5.36 8.03
N PRO B 283 -4.70 -5.19 9.36
CA PRO B 283 -4.68 -3.81 9.91
C PRO B 283 -3.41 -3.08 9.45
N LYS B 284 -3.45 -1.74 9.41
CA LYS B 284 -2.28 -0.92 9.08
C LYS B 284 -1.15 -1.27 10.02
N GLY B 285 0.05 -1.43 9.46
CA GLY B 285 1.22 -1.76 10.27
C GLY B 285 1.45 -3.25 10.47
N LYS B 286 0.47 -4.09 10.07
CA LYS B 286 0.62 -5.55 10.16
C LYS B 286 1.02 -6.09 8.79
N HIS B 287 1.93 -7.08 8.75
CA HIS B 287 2.41 -7.58 7.47
C HIS B 287 2.11 -9.05 7.21
N SER B 288 1.63 -9.76 8.24
CA SER B 288 1.36 -11.19 8.11
C SER B 288 0.40 -11.57 9.21
N VAL B 289 -0.14 -12.79 9.13
CA VAL B 289 -0.91 -13.34 10.24
C VAL B 289 -0.09 -14.49 10.81
N LYS B 290 -0.01 -14.58 12.15
CA LYS B 290 0.51 -15.76 12.79
C LYS B 290 -0.70 -16.43 13.47
N GLY B 291 -1.04 -17.64 13.05
CA GLY B 291 -2.06 -18.48 13.68
C GLY B 291 -1.34 -19.18 14.83
N LEU B 292 -1.78 -18.89 16.07
CA LEU B 292 -1.12 -19.39 17.29
C LEU B 292 -1.47 -20.82 17.66
N GLY B 293 -0.49 -21.70 17.61
CA GLY B 293 -0.69 -23.10 17.99
C GLY B 293 -0.45 -23.35 19.46
N LYS B 294 -0.99 -24.48 19.97
CA LYS B 294 -0.79 -24.92 21.36
C LYS B 294 0.66 -25.40 21.54
N THR B 295 1.32 -25.78 20.43
CA THR B 295 2.70 -26.29 20.40
C THR B 295 3.54 -25.39 19.48
N THR B 296 4.75 -25.07 19.91
CA THR B 296 5.67 -24.18 19.18
C THR B 296 7.11 -24.74 19.22
N PRO B 297 7.94 -24.55 18.17
CA PRO B 297 9.34 -24.98 18.27
C PRO B 297 9.98 -24.27 19.46
N ASP B 298 10.81 -24.99 20.24
CA ASP B 298 11.46 -24.45 21.44
C ASP B 298 12.25 -23.18 21.04
N PRO B 299 11.80 -21.99 21.53
CA PRO B 299 12.47 -20.72 21.18
C PRO B 299 13.94 -20.62 21.51
N SER B 300 14.39 -21.39 22.51
CA SER B 300 15.77 -21.38 22.98
C SER B 300 16.69 -22.00 21.95
N ALA B 301 16.12 -22.83 21.07
CA ALA B 301 16.84 -23.51 20.02
C ALA B 301 16.78 -22.80 18.65
N ASN B 302 16.07 -21.66 18.57
CA ASN B 302 15.99 -20.89 17.33
C ASN B 302 17.38 -20.32 17.04
N ILE B 303 17.79 -20.31 15.79
CA ILE B 303 19.08 -19.73 15.37
C ILE B 303 18.86 -18.66 14.28
N SER B 304 19.69 -17.64 14.25
CA SER B 304 19.62 -16.56 13.28
C SER B 304 20.79 -16.75 12.35
N LEU B 305 20.48 -17.01 11.07
CA LEU B 305 21.46 -17.24 10.01
C LEU B 305 21.29 -16.20 8.92
N ASP B 306 22.29 -15.32 8.73
CA ASP B 306 22.26 -14.25 7.73
C ASP B 306 21.00 -13.36 7.90
N GLY B 307 20.62 -13.09 9.14
CA GLY B 307 19.48 -12.23 9.45
C GLY B 307 18.14 -12.94 9.34
N VAL B 308 18.15 -14.27 9.15
CA VAL B 308 16.91 -15.07 9.04
C VAL B 308 16.80 -16.06 10.21
N ASP B 309 15.62 -16.11 10.84
CA ASP B 309 15.37 -17.06 11.94
C ASP B 309 15.04 -18.44 11.42
N VAL B 310 15.67 -19.46 12.00
CA VAL B 310 15.41 -20.87 11.66
C VAL B 310 14.90 -21.50 12.94
N PRO B 311 13.56 -21.69 13.07
CA PRO B 311 13.01 -22.23 14.34
C PRO B 311 13.17 -23.74 14.44
N LEU B 312 14.40 -24.24 14.54
CA LEU B 312 14.58 -25.69 14.53
C LEU B 312 14.48 -26.36 15.92
N GLY B 313 13.84 -25.69 16.87
CA GLY B 313 13.62 -26.26 18.21
C GLY B 313 12.58 -27.35 18.19
N THR B 314 12.71 -28.32 19.10
CA THR B 314 11.73 -29.40 19.20
C THR B 314 10.42 -28.77 19.74
N GLY B 315 9.29 -29.29 19.29
CA GLY B 315 7.98 -28.77 19.68
C GLY B 315 7.71 -28.86 21.18
N ILE B 316 7.39 -27.72 21.81
CA ILE B 316 7.06 -27.60 23.25
C ILE B 316 5.72 -26.87 23.43
N SER B 317 5.12 -26.90 24.65
CA SER B 317 3.87 -26.14 24.86
C SER B 317 4.14 -24.64 24.68
N SER B 318 3.22 -23.95 23.99
CA SER B 318 3.29 -22.51 23.72
C SER B 318 2.70 -21.69 24.88
N GLY B 319 1.90 -22.35 25.72
CA GLY B 319 1.22 -21.67 26.82
C GLY B 319 -0.08 -21.02 26.38
N VAL B 320 -0.44 -21.14 25.07
CA VAL B 320 -1.67 -20.60 24.46
C VAL B 320 -2.74 -21.69 24.63
N ASN B 321 -3.88 -21.35 25.25
CA ASN B 321 -4.92 -22.35 25.55
C ASN B 321 -6.24 -22.14 24.80
N ASP B 322 -6.67 -20.89 24.63
CA ASP B 322 -7.93 -20.58 23.96
C ASP B 322 -7.73 -20.48 22.43
N THR B 323 -7.17 -21.53 21.80
CA THR B 323 -6.89 -21.52 20.36
C THR B 323 -7.48 -22.72 19.59
N SER B 324 -7.83 -22.45 18.32
CA SER B 324 -8.35 -23.40 17.35
C SER B 324 -7.23 -24.28 16.75
N LEU B 325 -5.95 -23.89 16.92
CA LEU B 325 -4.80 -24.59 16.32
C LEU B 325 -3.89 -25.37 17.26
N LEU B 326 -3.48 -26.56 16.80
CA LEU B 326 -2.52 -27.40 17.53
C LEU B 326 -1.11 -26.84 17.31
N TYR B 327 -0.83 -26.37 16.07
CA TYR B 327 0.48 -25.85 15.69
C TYR B 327 0.35 -24.51 15.00
N ASN B 328 1.44 -23.73 15.03
CA ASN B 328 1.45 -22.41 14.40
C ASN B 328 1.26 -22.52 12.90
N GLU B 329 0.89 -21.40 12.30
CA GLU B 329 0.88 -21.21 10.85
C GLU B 329 1.08 -19.74 10.56
N TYR B 330 1.64 -19.44 9.40
CA TYR B 330 1.99 -18.06 9.04
C TYR B 330 1.45 -17.82 7.65
N ILE B 331 0.81 -16.66 7.47
CA ILE B 331 0.16 -16.29 6.21
C ILE B 331 0.61 -14.92 5.77
N VAL B 332 0.99 -14.82 4.50
CA VAL B 332 1.33 -13.55 3.87
C VAL B 332 0.34 -13.35 2.72
N TYR B 333 0.04 -12.08 2.39
CA TYR B 333 -0.98 -11.74 1.39
C TYR B 333 -0.43 -11.06 0.16
N ASP B 334 0.89 -10.98 0.08
CA ASP B 334 1.58 -10.42 -1.07
C ASP B 334 2.59 -11.47 -1.49
N ILE B 335 2.49 -11.93 -2.74
CA ILE B 335 3.41 -12.97 -3.25
C ILE B 335 4.89 -12.53 -3.14
N ALA B 336 5.15 -11.20 -3.12
CA ALA B 336 6.52 -10.70 -3.09
C ALA B 336 7.22 -10.91 -1.75
N GLN B 337 6.44 -11.27 -0.70
CA GLN B 337 6.95 -11.48 0.66
C GLN B 337 7.63 -12.83 0.86
N VAL B 338 7.76 -13.63 -0.22
CA VAL B 338 8.34 -14.97 -0.13
C VAL B 338 9.54 -15.10 -1.07
N ASN B 339 10.63 -15.68 -0.56
CA ASN B 339 11.81 -16.00 -1.34
C ASN B 339 12.09 -17.49 -1.12
N LEU B 340 11.79 -18.33 -2.11
CA LEU B 340 12.02 -19.77 -2.00
C LEU B 340 13.54 -20.06 -1.95
N LYS B 341 13.95 -20.85 -0.96
CA LYS B 341 15.37 -21.12 -0.72
C LYS B 341 15.78 -22.54 -1.04
N TYR B 342 15.00 -23.54 -0.59
CA TYR B 342 15.36 -24.95 -0.79
C TYR B 342 14.13 -25.72 -1.21
N LEU B 343 14.37 -26.84 -1.88
CA LEU B 343 13.32 -27.76 -2.30
C LEU B 343 13.85 -29.11 -1.86
N LEU B 344 13.10 -29.81 -0.99
CA LEU B 344 13.57 -31.10 -0.49
C LEU B 344 12.74 -32.21 -1.07
N LYS B 345 13.39 -33.32 -1.44
CA LYS B 345 12.70 -34.53 -1.87
C LYS B 345 12.69 -35.40 -0.61
N LEU B 346 11.48 -35.63 -0.06
CA LEU B 346 11.28 -36.39 1.17
C LEU B 346 10.71 -37.77 0.89
N LYS B 347 11.17 -38.74 1.67
CA LYS B 347 10.65 -40.11 1.66
C LYS B 347 9.78 -40.20 2.92
N PHE B 348 8.51 -40.57 2.75
CA PHE B 348 7.56 -40.76 3.83
C PHE B 348 7.56 -42.27 4.16
N ASN B 349 8.05 -42.65 5.36
CA ASN B 349 8.10 -44.04 5.81
C ASN B 349 6.84 -44.30 6.61
N PHE B 350 5.81 -44.81 5.94
CA PHE B 350 4.51 -45.10 6.57
C PHE B 350 4.59 -46.27 7.56
N LYS B 351 4.00 -46.07 8.76
CA LYS B 351 3.97 -47.02 9.87
C LYS B 351 2.67 -47.81 9.85
N SER C 2 -30.97 36.72 12.50
CA SER C 2 -30.64 35.96 13.71
C SER C 2 -29.18 36.20 14.12
N LYS C 3 -28.90 36.21 15.45
CA LYS C 3 -27.56 36.45 16.00
C LYS C 3 -26.89 35.13 16.42
N SER C 4 -25.58 34.99 16.10
CA SER C 4 -24.79 33.80 16.39
C SER C 4 -24.67 33.48 17.89
N LYS C 5 -24.88 32.21 18.25
CA LYS C 5 -24.75 31.68 19.62
C LYS C 5 -23.34 31.11 19.84
N LEU C 6 -22.46 31.13 18.80
CA LEU C 6 -21.07 30.66 18.88
C LEU C 6 -20.33 31.49 19.91
N PRO C 7 -19.39 30.89 20.67
CA PRO C 7 -18.59 31.70 21.61
C PRO C 7 -17.85 32.81 20.86
N LYS C 8 -17.65 33.98 21.50
CA LYS C 8 -16.92 35.10 20.88
C LYS C 8 -15.57 34.65 20.29
N PRO C 9 -14.70 33.85 20.98
CA PRO C 9 -13.42 33.47 20.33
C PRO C 9 -13.59 32.71 19.00
N VAL C 10 -14.65 31.88 18.87
CA VAL C 10 -14.94 31.15 17.62
C VAL C 10 -15.35 32.16 16.54
N GLN C 11 -16.25 33.11 16.89
CA GLN C 11 -16.68 34.16 15.94
C GLN C 11 -15.49 34.95 15.42
N ASP C 12 -14.56 35.36 16.31
CA ASP C 12 -13.35 36.10 15.94
C ASP C 12 -12.43 35.27 15.02
N LEU C 13 -12.32 33.94 15.29
CA LEU C 13 -11.53 33.03 14.47
C LEU C 13 -12.12 32.97 13.05
N ILE C 14 -13.45 32.83 12.93
CA ILE C 14 -14.12 32.80 11.63
C ILE C 14 -13.82 34.06 10.83
N LYS C 15 -13.95 35.24 11.46
CA LYS C 15 -13.69 36.53 10.81
C LYS C 15 -12.25 36.61 10.31
N MET C 16 -11.31 36.16 11.13
CA MET C 16 -9.88 36.13 10.83
C MET C 16 -9.60 35.23 9.62
N ILE C 17 -10.21 34.03 9.56
CA ILE C 17 -9.87 33.11 8.49
C ILE C 17 -10.59 33.46 7.16
N PHE C 18 -11.77 34.15 7.18
CA PHE C 18 -12.45 34.55 5.96
C PHE C 18 -12.25 36.03 5.59
N ASP C 19 -11.19 36.63 6.09
CA ASP C 19 -10.88 38.06 5.90
C ASP C 19 -10.45 38.34 4.46
N VAL C 20 -11.36 38.93 3.66
CA VAL C 20 -11.10 39.28 2.25
C VAL C 20 -9.97 40.31 2.10
N GLU C 21 -9.93 41.35 2.98
CA GLU C 21 -8.84 42.32 2.95
C GLU C 21 -7.46 41.62 3.07
N SER C 22 -7.34 40.62 3.96
CA SER C 22 -6.11 39.83 4.13
C SER C 22 -5.74 39.08 2.85
N MET C 23 -6.76 38.54 2.13
CA MET C 23 -6.52 37.84 0.86
C MET C 23 -5.92 38.82 -0.16
N LYS C 24 -6.53 40.00 -0.30
CA LYS C 24 -6.04 41.02 -1.22
C LYS C 24 -4.64 41.51 -0.85
N LYS C 25 -4.37 41.74 0.46
CA LYS C 25 -3.03 42.18 0.91
C LYS C 25 -1.98 41.12 0.62
N ALA C 26 -2.35 39.81 0.73
CA ALA C 26 -1.42 38.71 0.40
C ALA C 26 -1.05 38.79 -1.09
N MET C 27 -2.05 39.02 -1.96
CA MET C 27 -1.85 39.15 -3.40
C MET C 27 -0.98 40.37 -3.74
N VAL C 28 -1.23 41.50 -3.07
CA VAL C 28 -0.41 42.74 -3.24
C VAL C 28 1.05 42.43 -2.87
N GLU C 29 1.29 41.71 -1.74
CA GLU C 29 2.64 41.33 -1.30
C GLU C 29 3.35 40.45 -2.31
N TYR C 30 2.59 39.65 -3.07
CA TYR C 30 3.14 38.79 -4.12
C TYR C 30 3.35 39.54 -5.44
N GLU C 31 2.95 40.83 -5.49
CA GLU C 31 3.06 41.72 -6.65
C GLU C 31 2.14 41.31 -7.79
N ILE C 32 1.01 40.66 -7.46
CA ILE C 32 0.05 40.26 -8.46
C ILE C 32 -0.71 41.51 -9.01
N ASP C 33 -1.02 41.53 -10.34
CA ASP C 33 -1.77 42.62 -10.99
C ASP C 33 -3.26 42.39 -10.71
N LEU C 34 -3.80 43.14 -9.72
CA LEU C 34 -5.21 43.01 -9.27
C LEU C 34 -6.27 43.53 -10.29
N GLN C 35 -5.85 44.03 -11.47
CA GLN C 35 -6.79 44.46 -12.53
C GLN C 35 -6.99 43.29 -13.50
N LYS C 36 -5.86 42.67 -13.92
CA LYS C 36 -5.88 41.52 -14.81
C LYS C 36 -6.30 40.32 -14.00
N MET C 37 -5.89 40.27 -12.71
CA MET C 37 -6.29 39.15 -11.90
C MET C 37 -6.76 39.55 -10.51
N PRO C 38 -8.02 40.07 -10.41
CA PRO C 38 -8.57 40.32 -9.08
C PRO C 38 -8.80 38.99 -8.34
N LEU C 39 -8.99 39.09 -7.03
CA LEU C 39 -9.26 37.95 -6.16
C LEU C 39 -10.39 37.05 -6.71
N GLY C 40 -11.47 37.67 -7.21
CA GLY C 40 -12.60 36.97 -7.82
C GLY C 40 -12.32 36.21 -9.11
N LYS C 41 -11.18 36.48 -9.79
CA LYS C 41 -10.80 35.80 -11.05
C LYS C 41 -9.84 34.62 -10.79
N LEU C 42 -9.28 34.51 -9.57
CA LEU C 42 -8.38 33.40 -9.21
C LEU C 42 -9.09 32.09 -9.47
N SER C 43 -8.46 31.14 -10.20
CA SER C 43 -9.14 29.87 -10.44
C SER C 43 -8.24 28.66 -10.23
N LYS C 44 -8.84 27.53 -9.85
CA LYS C 44 -8.14 26.25 -9.63
C LYS C 44 -7.36 25.83 -10.89
N ARG C 45 -8.01 25.92 -12.07
CA ARG C 45 -7.41 25.52 -13.34
C ARG C 45 -6.19 26.36 -13.71
N GLN C 46 -6.27 27.68 -13.51
CA GLN C 46 -5.14 28.56 -13.80
C GLN C 46 -3.97 28.31 -12.82
N ILE C 47 -4.25 28.01 -11.52
CA ILE C 47 -3.19 27.74 -10.53
C ILE C 47 -2.53 26.40 -10.90
N GLN C 48 -3.35 25.43 -11.31
CA GLN C 48 -2.85 24.12 -11.77
C GLN C 48 -1.94 24.29 -13.00
N ALA C 49 -2.38 25.09 -13.99
CA ALA C 49 -1.58 25.34 -15.21
C ALA C 49 -0.28 26.09 -14.86
N ALA C 50 -0.33 27.00 -13.86
CA ALA C 50 0.86 27.73 -13.38
C ALA C 50 1.87 26.76 -12.73
N TYR C 51 1.39 25.82 -11.86
CA TYR C 51 2.28 24.80 -11.26
C TYR C 51 2.99 23.98 -12.37
N SER C 52 2.20 23.53 -13.40
CA SER C 52 2.67 22.75 -14.55
C SER C 52 3.78 23.50 -15.30
N ILE C 53 3.59 24.82 -15.49
CA ILE C 53 4.60 25.66 -16.12
C ILE C 53 5.88 25.68 -15.29
N LEU C 54 5.74 25.88 -13.96
CA LEU C 54 6.86 25.88 -13.02
C LEU C 54 7.63 24.55 -13.05
N SER C 55 6.91 23.44 -13.26
CA SER C 55 7.52 22.09 -13.39
C SER C 55 8.33 22.03 -14.69
N GLU C 56 7.77 22.55 -15.79
CA GLU C 56 8.49 22.62 -17.07
C GLU C 56 9.77 23.48 -16.92
N VAL C 57 9.70 24.59 -16.15
CA VAL C 57 10.83 25.47 -15.90
C VAL C 57 11.90 24.68 -15.10
N GLN C 58 11.48 24.04 -13.97
CA GLN C 58 12.32 23.20 -13.10
C GLN C 58 13.11 22.19 -13.96
N GLN C 59 12.40 21.47 -14.86
CA GLN C 59 12.96 20.47 -15.77
C GLN C 59 13.95 21.10 -16.76
N ALA C 60 13.58 22.25 -17.37
CA ALA C 60 14.41 22.99 -18.32
C ALA C 60 15.73 23.44 -17.67
N VAL C 61 15.68 23.96 -16.43
CA VAL C 61 16.85 24.44 -15.66
C VAL C 61 17.85 23.31 -15.40
N SER C 62 17.37 22.16 -14.89
CA SER C 62 18.28 21.03 -14.63
C SER C 62 18.72 20.32 -15.94
N GLN C 63 17.90 20.40 -17.02
CA GLN C 63 18.23 19.82 -18.34
C GLN C 63 19.40 20.61 -18.98
N GLY C 64 19.47 21.90 -18.70
CA GLY C 64 20.47 22.79 -19.26
C GLY C 64 20.01 23.38 -20.56
N SER C 65 18.67 23.48 -20.75
CA SER C 65 18.00 24.05 -21.94
C SER C 65 18.44 25.48 -22.24
N SER C 66 18.28 25.92 -23.52
CA SER C 66 18.70 27.26 -23.95
C SER C 66 17.96 28.37 -23.20
N ASP C 67 18.62 29.53 -23.07
CA ASP C 67 18.07 30.70 -22.39
C ASP C 67 16.72 31.12 -22.98
N SER C 68 16.55 30.93 -24.31
CA SER C 68 15.33 31.23 -25.07
C SER C 68 14.15 30.31 -24.69
N GLN C 69 14.42 29.00 -24.48
CA GLN C 69 13.37 28.03 -24.10
C GLN C 69 12.86 28.33 -22.68
N ILE C 70 13.78 28.69 -21.78
CA ILE C 70 13.49 29.05 -20.40
C ILE C 70 12.73 30.38 -20.37
N LEU C 71 13.13 31.34 -21.25
CA LEU C 71 12.46 32.65 -21.34
C LEU C 71 11.00 32.52 -21.80
N ASP C 72 10.73 31.63 -22.76
CA ASP C 72 9.39 31.38 -23.24
C ASP C 72 8.49 30.82 -22.12
N LEU C 73 9.02 29.86 -21.32
CA LEU C 73 8.29 29.26 -20.20
C LEU C 73 8.04 30.29 -19.10
N SER C 74 9.07 31.09 -18.77
CA SER C 74 9.00 32.19 -17.80
C SER C 74 7.90 33.20 -18.21
N ASN C 75 7.87 33.63 -19.50
CA ASN C 75 6.83 34.52 -20.02
C ASN C 75 5.43 33.91 -19.91
N ARG C 76 5.29 32.59 -20.22
CA ARG C 76 4.02 31.86 -20.10
C ARG C 76 3.50 31.92 -18.64
N PHE C 77 4.41 31.79 -17.67
CA PHE C 77 4.05 31.87 -16.26
C PHE C 77 3.47 33.25 -15.95
N TYR C 78 4.17 34.34 -16.34
CA TYR C 78 3.70 35.71 -16.10
C TYR C 78 2.41 36.08 -16.88
N THR C 79 2.08 35.30 -17.91
CA THR C 79 0.84 35.48 -18.66
C THR C 79 -0.30 34.84 -17.87
N LEU C 80 -0.05 33.68 -17.24
CA LEU C 80 -1.00 32.95 -16.40
C LEU C 80 -1.28 33.72 -15.11
N ILE C 81 -0.22 34.16 -14.41
CA ILE C 81 -0.34 34.89 -13.16
C ILE C 81 0.26 36.28 -13.41
N PRO C 82 -0.56 37.29 -13.82
CA PRO C 82 0.00 38.61 -14.13
C PRO C 82 0.54 39.33 -12.93
N HIS C 83 1.77 39.84 -13.06
CA HIS C 83 2.48 40.59 -12.04
C HIS C 83 2.52 42.08 -12.38
N ASP C 84 2.65 42.92 -11.36
CA ASP C 84 2.66 44.39 -11.49
C ASP C 84 4.05 44.96 -11.70
N PRO C 91 11.29 39.39 -13.08
CA PRO C 91 12.36 38.48 -12.63
C PRO C 91 12.32 37.17 -13.44
N LEU C 92 13.42 36.88 -14.17
CA LEU C 92 13.56 35.68 -14.99
C LEU C 92 13.56 34.39 -14.13
N LEU C 93 12.69 33.43 -14.48
CA LEU C 93 12.55 32.19 -13.73
C LEU C 93 13.50 31.17 -14.36
N ASN C 94 14.78 31.20 -13.96
CA ASN C 94 15.82 30.35 -14.55
C ASN C 94 16.73 29.67 -13.52
N ASN C 95 16.31 29.69 -12.25
CA ASN C 95 17.10 29.12 -11.15
C ASN C 95 16.17 28.58 -10.05
N ALA C 96 16.74 27.84 -9.09
CA ALA C 96 16.01 27.25 -7.96
C ALA C 96 15.30 28.29 -7.08
N ASP C 97 16.00 29.37 -6.69
CA ASP C 97 15.42 30.40 -5.82
C ASP C 97 14.23 31.12 -6.43
N SER C 98 14.35 31.52 -7.71
CA SER C 98 13.27 32.20 -8.43
C SER C 98 12.05 31.28 -8.56
N VAL C 99 12.27 30.00 -8.93
CA VAL C 99 11.17 29.03 -9.09
C VAL C 99 10.45 28.77 -7.74
N GLN C 100 11.23 28.52 -6.67
CA GLN C 100 10.66 28.26 -5.33
C GLN C 100 9.84 29.44 -4.78
N ALA C 101 10.22 30.69 -5.10
CA ALA C 101 9.43 31.85 -4.63
C ALA C 101 8.04 31.81 -5.28
N LYS C 102 7.99 31.40 -6.55
CA LYS C 102 6.72 31.33 -7.29
C LYS C 102 5.90 30.15 -6.84
N VAL C 103 6.56 29.02 -6.53
CA VAL C 103 5.85 27.84 -5.99
C VAL C 103 5.21 28.27 -4.66
N GLU C 104 5.97 28.98 -3.79
CA GLU C 104 5.46 29.49 -2.49
C GLU C 104 4.20 30.34 -2.71
N MET C 105 4.25 31.23 -3.70
CA MET C 105 3.11 32.09 -4.01
C MET C 105 1.89 31.24 -4.41
N LEU C 106 2.08 30.25 -5.33
CA LEU C 106 1.00 29.38 -5.79
C LEU C 106 0.43 28.54 -4.64
N ASP C 107 1.30 28.01 -3.76
CA ASP C 107 0.84 27.21 -2.59
C ASP C 107 -0.18 28.03 -1.78
N ASN C 108 0.11 29.31 -1.57
CA ASN C 108 -0.77 30.21 -0.80
C ASN C 108 -1.98 30.63 -1.62
N LEU C 109 -1.80 30.94 -2.94
CA LEU C 109 -2.94 31.30 -3.81
C LEU C 109 -3.95 30.18 -3.90
N LEU C 110 -3.46 28.92 -3.94
CA LEU C 110 -4.31 27.72 -3.95
C LEU C 110 -5.35 27.81 -2.80
N ASP C 111 -4.90 28.07 -1.56
CA ASP C 111 -5.82 28.13 -0.43
C ASP C 111 -6.63 29.42 -0.36
N ILE C 112 -6.08 30.52 -0.91
CA ILE C 112 -6.84 31.78 -1.01
C ILE C 112 -8.03 31.53 -1.95
N GLU C 113 -7.78 30.84 -3.07
CA GLU C 113 -8.84 30.48 -4.00
C GLU C 113 -9.90 29.62 -3.27
N VAL C 114 -9.47 28.62 -2.49
CA VAL C 114 -10.41 27.78 -1.73
C VAL C 114 -11.30 28.66 -0.79
N ALA C 115 -10.66 29.55 -0.01
CA ALA C 115 -11.35 30.43 0.94
C ALA C 115 -12.38 31.30 0.23
N TYR C 116 -11.96 31.95 -0.87
CA TYR C 116 -12.84 32.86 -1.59
C TYR C 116 -14.01 32.15 -2.26
N SER C 117 -13.74 31.00 -2.88
CA SER C 117 -14.76 30.17 -3.51
C SER C 117 -15.82 29.69 -2.48
N LEU C 118 -15.39 29.31 -1.26
CA LEU C 118 -16.29 28.91 -0.17
C LEU C 118 -17.14 30.11 0.20
N LEU C 119 -16.49 31.27 0.40
CA LEU C 119 -17.16 32.51 0.79
C LEU C 119 -18.26 32.94 -0.17
N ARG C 120 -17.99 32.86 -1.49
CA ARG C 120 -18.97 33.28 -2.47
C ARG C 120 -19.97 32.18 -2.90
N GLY C 121 -19.69 30.93 -2.55
CA GLY C 121 -20.57 29.80 -2.84
C GLY C 121 -21.69 29.67 -1.83
N GLY C 122 -22.61 28.74 -2.07
CA GLY C 122 -23.75 28.47 -1.19
C GLY C 122 -24.98 29.31 -1.51
N SER C 123 -26.11 28.95 -0.89
CA SER C 123 -27.42 29.62 -1.04
C SER C 123 -27.65 30.60 0.12
N ASP C 124 -28.10 31.84 -0.19
CA ASP C 124 -28.34 32.91 0.79
C ASP C 124 -29.46 32.57 1.78
N ASP C 125 -29.09 32.33 3.05
CA ASP C 125 -30.05 32.03 4.09
C ASP C 125 -30.03 33.15 5.11
N SER C 126 -30.93 34.16 4.95
CA SER C 126 -31.01 35.31 5.86
C SER C 126 -31.31 34.90 7.30
N SER C 127 -31.93 33.72 7.49
CA SER C 127 -32.29 33.19 8.81
C SER C 127 -31.10 32.89 9.70
N LYS C 128 -29.89 32.85 9.10
CA LYS C 128 -28.66 32.58 9.83
C LYS C 128 -27.70 33.77 9.77
N ASP C 129 -27.02 34.05 10.88
CA ASP C 129 -26.02 35.10 10.99
C ASP C 129 -24.89 34.76 9.97
N PRO C 130 -24.34 35.74 9.19
CA PRO C 130 -23.24 35.43 8.26
C PRO C 130 -22.06 34.69 8.89
N ILE C 131 -21.76 34.93 10.18
CA ILE C 131 -20.69 34.25 10.93
C ILE C 131 -21.05 32.75 11.04
N ASP C 132 -22.34 32.41 11.30
CA ASP C 132 -22.78 31.00 11.34
C ASP C 132 -22.74 30.37 9.97
N VAL C 133 -23.13 31.12 8.94
CA VAL C 133 -23.08 30.59 7.56
C VAL C 133 -21.63 30.21 7.21
N ASN C 134 -20.67 31.11 7.48
CA ASN C 134 -19.25 30.89 7.22
C ASN C 134 -18.69 29.79 8.12
N TYR C 135 -19.12 29.72 9.41
CA TYR C 135 -18.71 28.62 10.29
C TYR C 135 -19.07 27.26 9.64
N GLU C 136 -20.33 27.14 9.17
CA GLU C 136 -20.83 25.91 8.55
C GLU C 136 -20.06 25.51 7.29
N LYS C 137 -19.57 26.50 6.51
CA LYS C 137 -18.78 26.26 5.28
C LYS C 137 -17.48 25.52 5.59
N LEU C 138 -16.95 25.66 6.80
CA LEU C 138 -15.72 25.00 7.23
C LEU C 138 -15.88 23.51 7.51
N LYS C 139 -17.14 23.02 7.68
CA LYS C 139 -17.46 21.61 7.97
C LYS C 139 -16.53 21.03 9.06
N THR C 140 -16.37 21.81 10.13
CA THR C 140 -15.50 21.52 11.26
C THR C 140 -16.21 21.94 12.54
N ASP C 141 -16.28 21.03 13.54
CA ASP C 141 -16.82 21.40 14.84
C ASP C 141 -15.67 22.10 15.56
N ILE C 142 -15.93 23.30 16.10
CA ILE C 142 -14.92 24.08 16.79
C ILE C 142 -15.46 24.46 18.17
N LYS C 143 -14.74 24.11 19.21
CA LYS C 143 -15.10 24.41 20.60
C LYS C 143 -13.93 25.11 21.27
N VAL C 144 -14.23 25.96 22.25
CA VAL C 144 -13.19 26.65 22.99
C VAL C 144 -12.75 25.76 24.16
N VAL C 145 -11.45 25.53 24.29
CA VAL C 145 -10.91 24.77 25.40
C VAL C 145 -10.82 25.75 26.59
N ASP C 146 -11.51 25.44 27.69
CA ASP C 146 -11.52 26.28 28.89
C ASP C 146 -10.06 26.55 29.35
N ARG C 147 -9.67 27.83 29.48
CA ARG C 147 -8.32 28.26 29.88
C ARG C 147 -7.80 27.59 31.18
N ASP C 148 -8.68 27.34 32.16
CA ASP C 148 -8.28 26.78 33.45
C ASP C 148 -8.35 25.24 33.53
N SER C 149 -8.37 24.56 32.37
CA SER C 149 -8.41 23.10 32.30
C SER C 149 -6.99 22.52 32.22
N GLU C 150 -6.82 21.23 32.55
CA GLU C 150 -5.52 20.54 32.51
C GLU C 150 -5.08 20.36 31.04
N GLU C 151 -6.06 20.21 30.15
CA GLU C 151 -5.93 20.11 28.69
C GLU C 151 -5.20 21.38 28.22
N ALA C 152 -5.71 22.56 28.62
CA ALA C 152 -5.11 23.87 28.31
C ALA C 152 -3.75 24.04 28.99
N GLU C 153 -3.59 23.50 30.21
CA GLU C 153 -2.33 23.56 30.95
C GLU C 153 -1.22 22.82 30.22
N ILE C 154 -1.50 21.59 29.74
CA ILE C 154 -0.55 20.80 28.98
C ILE C 154 -0.17 21.55 27.67
N ILE C 155 -1.16 22.08 26.95
CA ILE C 155 -0.93 22.81 25.70
C ILE C 155 -0.03 24.02 25.95
N ARG C 156 -0.34 24.85 26.99
CA ARG C 156 0.52 26.00 27.31
C ARG C 156 1.95 25.57 27.63
N LYS C 157 2.12 24.45 28.37
CA LYS C 157 3.45 23.91 28.72
C LYS C 157 4.20 23.48 27.45
N TYR C 158 3.49 22.85 26.50
CA TYR C 158 4.08 22.43 25.22
C TYR C 158 4.60 23.69 24.50
N VAL C 159 3.78 24.77 24.47
CA VAL C 159 4.21 26.04 23.85
C VAL C 159 5.42 26.65 24.61
N LYS C 160 5.30 26.73 25.94
CA LYS C 160 6.38 27.30 26.76
C LYS C 160 7.70 26.58 26.60
N ASN C 161 7.69 25.24 26.75
CA ASN C 161 8.93 24.45 26.75
C ASN C 161 9.63 24.23 25.43
N THR C 162 8.88 24.14 24.31
CA THR C 162 9.51 23.78 23.04
C THR C 162 9.85 24.95 22.12
N HIS C 163 9.91 26.19 22.67
CA HIS C 163 10.35 27.32 21.86
C HIS C 163 11.87 27.23 21.71
N ALA C 164 12.38 27.17 20.47
CA ALA C 164 13.82 27.01 20.21
C ALA C 164 14.64 28.24 20.55
N THR C 165 15.86 28.00 21.09
CA THR C 165 16.80 29.07 21.48
C THR C 165 17.27 29.93 20.30
N THR C 166 17.30 29.39 19.06
CA THR C 166 17.71 30.13 17.86
C THR C 166 16.54 30.91 17.19
N HIS C 167 15.29 30.73 17.69
CA HIS C 167 14.12 31.44 17.16
C HIS C 167 13.77 32.52 18.17
N ASN C 168 14.77 33.37 18.50
CA ASN C 168 14.67 34.41 19.53
C ASN C 168 14.16 35.77 19.01
N ALA C 169 13.58 35.82 17.79
CA ALA C 169 13.00 37.04 17.23
C ALA C 169 11.65 37.42 17.87
N TYR C 170 11.01 36.47 18.58
CA TYR C 170 9.72 36.66 19.24
C TYR C 170 9.50 35.72 20.43
N ASP C 171 8.54 36.06 21.27
CA ASP C 171 8.04 35.27 22.41
C ASP C 171 6.62 34.88 21.98
N LEU C 172 6.11 33.75 22.45
CA LEU C 172 4.75 33.32 22.12
C LEU C 172 3.86 33.35 23.31
N GLU C 173 2.62 33.78 23.08
CA GLU C 173 1.55 33.87 24.07
C GLU C 173 0.31 33.20 23.50
N VAL C 174 -0.25 32.24 24.24
CA VAL C 174 -1.46 31.58 23.82
C VAL C 174 -2.68 32.43 24.15
N ILE C 175 -3.42 32.86 23.10
CA ILE C 175 -4.64 33.64 23.27
C ILE C 175 -5.82 32.69 23.43
N ASP C 176 -6.09 31.86 22.39
CA ASP C 176 -7.20 30.92 22.44
C ASP C 176 -6.74 29.56 22.00
N ILE C 177 -7.37 28.52 22.56
CA ILE C 177 -7.12 27.11 22.21
C ILE C 177 -8.48 26.59 21.78
N PHE C 178 -8.56 26.08 20.53
CA PHE C 178 -9.78 25.52 19.99
C PHE C 178 -9.61 24.03 19.81
N LYS C 179 -10.64 23.26 20.15
CA LYS C 179 -10.65 21.81 19.92
C LYS C 179 -11.41 21.68 18.59
N ILE C 180 -10.77 21.02 17.60
CA ILE C 180 -11.37 20.92 16.28
C ILE C 180 -11.63 19.48 15.83
N GLU C 181 -12.72 19.30 15.11
CA GLU C 181 -13.16 18.01 14.56
C GLU C 181 -13.65 18.23 13.15
N ARG C 182 -12.79 17.99 12.16
CA ARG C 182 -13.16 18.17 10.76
C ARG C 182 -14.12 17.02 10.35
N GLU C 183 -15.20 17.34 9.64
CA GLU C 183 -16.17 16.31 9.21
C GLU C 183 -15.49 15.25 8.36
N GLY C 184 -15.77 13.98 8.71
CA GLY C 184 -15.22 12.83 8.01
C GLY C 184 -13.79 12.45 8.36
N GLU C 185 -13.06 13.28 9.16
CA GLU C 185 -11.66 12.97 9.47
C GLU C 185 -11.47 11.79 10.43
N CYS C 186 -12.36 11.63 11.42
CA CYS C 186 -12.30 10.47 12.35
C CYS C 186 -12.32 9.15 11.53
N GLN C 187 -13.30 9.01 10.61
CA GLN C 187 -13.51 7.81 9.79
C GLN C 187 -12.28 7.59 8.87
N ARG C 188 -11.75 8.69 8.29
CA ARG C 188 -10.58 8.66 7.41
C ARG C 188 -9.33 8.20 8.18
N TYR C 189 -9.14 8.67 9.41
CA TYR C 189 -7.99 8.38 10.27
C TYR C 189 -8.09 6.99 10.92
N LYS C 190 -9.32 6.47 11.06
CA LYS C 190 -9.66 5.17 11.68
C LYS C 190 -8.64 4.03 11.34
N PRO C 191 -8.33 3.70 10.07
CA PRO C 191 -7.34 2.62 9.83
C PRO C 191 -5.96 2.90 10.44
N PHE C 192 -5.54 4.17 10.44
CA PHE C 192 -4.22 4.51 10.97
C PHE C 192 -4.13 4.65 12.46
N LYS C 193 -5.28 4.73 13.14
CA LYS C 193 -5.34 4.83 14.59
C LYS C 193 -4.75 3.57 15.20
N GLN C 194 -4.70 2.49 14.39
CA GLN C 194 -4.13 1.18 14.68
C GLN C 194 -2.60 1.17 14.67
N LEU C 195 -1.94 2.12 13.94
CA LEU C 195 -0.48 2.24 13.92
C LEU C 195 0.04 2.71 15.29
N HIS C 196 1.18 2.21 15.70
CA HIS C 196 1.80 2.62 16.96
C HIS C 196 2.48 3.99 16.74
N ASN C 197 3.09 4.54 17.79
CA ASN C 197 3.86 5.77 17.69
C ASN C 197 3.01 6.98 17.20
N ARG C 198 1.85 7.20 17.83
CA ARG C 198 0.99 8.35 17.51
C ARG C 198 1.49 9.54 18.34
N ARG C 199 1.74 10.68 17.67
CA ARG C 199 2.28 11.87 18.36
C ARG C 199 1.51 13.12 18.06
N LEU C 200 1.43 14.02 19.06
CA LEU C 200 0.73 15.30 18.94
C LEU C 200 1.78 16.33 18.52
N LEU C 201 1.73 16.75 17.24
CA LEU C 201 2.78 17.59 16.66
C LEU C 201 2.26 18.91 16.09
N TRP C 202 3.16 19.86 15.92
CA TRP C 202 2.88 21.21 15.42
C TRP C 202 2.87 21.28 13.90
N HIS C 203 1.96 22.07 13.37
CA HIS C 203 1.97 22.43 11.94
C HIS C 203 1.53 23.90 11.84
N GLY C 204 2.43 24.74 11.37
CA GLY C 204 2.18 26.18 11.16
C GLY C 204 1.92 26.46 9.69
N SER C 205 1.07 27.49 9.41
CA SER C 205 0.75 27.92 8.06
C SER C 205 0.26 29.37 8.10
N ARG C 206 0.27 30.07 6.94
CA ARG C 206 -0.27 31.44 6.90
C ARG C 206 -1.76 31.43 7.26
N THR C 207 -2.22 32.47 7.95
CA THR C 207 -3.63 32.60 8.33
C THR C 207 -4.55 32.46 7.14
N THR C 208 -4.12 32.99 5.96
CA THR C 208 -4.92 32.95 4.74
C THR C 208 -5.13 31.54 4.18
N ASN C 209 -4.43 30.55 4.75
CA ASN C 209 -4.56 29.13 4.32
C ASN C 209 -5.56 28.35 5.18
N PHE C 210 -5.97 28.90 6.33
CA PHE C 210 -6.78 28.12 7.28
C PHE C 210 -8.20 27.79 6.86
N ALA C 211 -8.87 28.58 5.98
CA ALA C 211 -10.19 28.15 5.52
C ALA C 211 -10.04 26.86 4.67
N GLY C 212 -8.98 26.81 3.85
CA GLY C 212 -8.63 25.63 3.06
C GLY C 212 -8.24 24.47 3.97
N ILE C 213 -7.40 24.73 4.99
CA ILE C 213 -6.96 23.65 5.89
C ILE C 213 -8.15 23.10 6.68
N LEU C 214 -9.03 23.97 7.19
CA LEU C 214 -10.18 23.44 7.93
C LEU C 214 -11.20 22.73 7.04
N SER C 215 -11.48 23.27 5.85
CA SER C 215 -12.47 22.63 5.01
C SER C 215 -11.93 21.35 4.35
N GLN C 216 -10.64 21.33 3.98
CA GLN C 216 -10.07 20.19 3.22
C GLN C 216 -9.02 19.35 3.94
N GLY C 217 -8.58 19.81 5.08
CA GLY C 217 -7.55 19.16 5.88
C GLY C 217 -6.16 19.49 5.36
N LEU C 218 -5.13 19.02 6.07
CA LEU C 218 -3.76 19.22 5.57
C LEU C 218 -3.59 18.34 4.32
N ARG C 219 -3.01 18.93 3.27
CA ARG C 219 -2.83 18.28 1.98
C ARG C 219 -1.38 18.23 1.56
N ILE C 220 -1.10 17.35 0.60
CA ILE C 220 0.22 17.22 0.01
C ILE C 220 0.20 18.08 -1.27
N ALA C 221 1.37 18.63 -1.66
CA ALA C 221 1.49 19.43 -2.87
C ALA C 221 0.96 18.63 -4.07
N PRO C 222 0.29 19.28 -5.04
CA PRO C 222 -0.31 18.52 -6.15
C PRO C 222 0.73 17.90 -7.09
N PRO C 223 0.38 16.85 -7.86
CA PRO C 223 1.38 16.22 -8.76
C PRO C 223 2.00 17.20 -9.76
N GLU C 224 1.22 18.21 -10.20
CA GLU C 224 1.62 19.26 -11.15
C GLU C 224 2.72 20.17 -10.62
N ALA C 225 2.85 20.28 -9.29
CA ALA C 225 3.83 21.16 -8.69
C ALA C 225 5.28 20.62 -8.90
N PRO C 226 6.29 21.50 -8.98
CA PRO C 226 7.69 21.03 -9.07
C PRO C 226 8.08 20.04 -7.95
N VAL C 227 9.00 19.10 -8.25
CA VAL C 227 9.49 18.08 -7.30
C VAL C 227 10.60 18.65 -6.39
N THR C 228 11.11 19.85 -6.76
CA THR C 228 12.16 20.54 -6.01
C THR C 228 11.60 21.32 -4.82
N GLY C 229 12.49 21.72 -3.88
CA GLY C 229 12.15 22.56 -2.71
C GLY C 229 11.65 21.81 -1.48
N TYR C 230 11.67 20.47 -1.49
CA TYR C 230 11.22 19.65 -0.35
C TYR C 230 12.35 18.75 0.11
N MET C 231 12.84 18.94 1.35
CA MET C 231 13.94 18.14 1.92
C MET C 231 13.67 16.65 1.87
N PHE C 232 12.40 16.26 2.16
CA PHE C 232 11.97 14.87 2.20
C PHE C 232 10.80 14.57 1.23
N GLY C 233 10.75 15.31 0.14
CA GLY C 233 9.75 15.09 -0.89
C GLY C 233 8.40 15.68 -0.53
N LYS C 234 7.42 15.52 -1.43
CA LYS C 234 6.08 16.03 -1.17
C LYS C 234 5.44 15.21 -0.07
N GLY C 235 5.14 15.86 1.02
CA GLY C 235 4.44 15.21 2.14
C GLY C 235 3.85 16.28 3.03
N ILE C 236 3.34 15.87 4.19
CA ILE C 236 2.83 16.78 5.22
C ILE C 236 3.92 16.81 6.30
N TYR C 237 4.45 18.02 6.61
CA TYR C 237 5.57 18.20 7.57
C TYR C 237 5.07 18.71 8.91
N PHE C 238 5.67 18.24 10.02
CA PHE C 238 5.32 18.64 11.37
C PHE C 238 6.60 18.83 12.19
N ALA C 239 6.53 19.62 13.26
CA ALA C 239 7.65 19.84 14.17
C ALA C 239 7.26 19.43 15.57
N ASP C 240 8.26 19.11 16.40
CA ASP C 240 7.98 18.87 17.83
C ASP C 240 8.35 20.12 18.64
N MET C 241 9.00 21.13 17.99
CA MET C 241 9.37 22.42 18.62
C MET C 241 8.38 23.48 18.07
N VAL C 242 7.55 24.09 18.95
CA VAL C 242 6.51 25.05 18.56
C VAL C 242 7.02 26.16 17.64
N SER C 243 8.22 26.68 17.90
CA SER C 243 8.74 27.80 17.12
C SER C 243 9.16 27.44 15.70
N LYS C 244 9.58 26.18 15.48
CA LYS C 244 9.94 25.71 14.13
C LYS C 244 8.67 25.80 13.22
N SER C 245 7.52 25.41 13.76
CA SER C 245 6.24 25.49 13.05
C SER C 245 5.71 26.95 13.05
N ALA C 246 5.82 27.65 14.19
CA ALA C 246 5.35 29.06 14.32
C ALA C 246 6.00 29.98 13.27
N ASN C 247 7.23 29.66 12.82
CA ASN C 247 7.95 30.41 11.79
C ASN C 247 7.22 30.32 10.43
N TYR C 248 6.46 29.23 10.20
CA TYR C 248 5.68 29.03 8.98
C TYR C 248 4.35 29.80 8.96
N CYS C 249 4.01 30.47 10.08
CA CYS C 249 2.83 31.36 10.13
C CYS C 249 3.10 32.62 9.32
N HIS C 250 4.39 32.96 9.12
CA HIS C 250 4.84 34.15 8.39
C HIS C 250 4.20 35.42 8.99
N THR C 251 4.11 35.48 10.34
CA THR C 251 3.52 36.62 11.05
C THR C 251 4.52 37.80 11.07
N SER C 252 4.03 38.99 11.32
CA SER C 252 4.86 40.20 11.32
C SER C 252 4.41 41.16 12.39
N GLN C 253 5.19 42.24 12.61
CA GLN C 253 4.89 43.27 13.61
C GLN C 253 3.49 43.88 13.37
N GLY C 254 3.13 44.01 12.09
CA GLY C 254 1.85 44.56 11.63
C GLY C 254 0.64 43.73 12.00
N ASP C 255 0.76 42.40 11.82
CA ASP C 255 -0.28 41.43 12.20
C ASP C 255 0.44 40.35 13.01
N PRO C 256 0.57 40.57 14.34
CA PRO C 256 1.32 39.63 15.17
C PRO C 256 0.52 38.42 15.66
N ILE C 257 -0.69 38.21 15.13
CA ILE C 257 -1.53 37.08 15.53
C ILE C 257 -1.45 36.00 14.47
N GLY C 258 -1.10 34.79 14.90
CA GLY C 258 -0.97 33.65 13.99
C GLY C 258 -1.75 32.46 14.44
N LEU C 259 -1.93 31.49 13.53
CA LEU C 259 -2.65 30.25 13.85
C LEU C 259 -1.74 29.06 13.65
N ILE C 260 -1.75 28.12 14.61
CA ILE C 260 -0.92 26.92 14.55
C ILE C 260 -1.79 25.75 14.94
N LEU C 261 -1.53 24.61 14.34
CA LEU C 261 -2.29 23.39 14.60
C LEU C 261 -1.51 22.43 15.48
N LEU C 262 -2.24 21.60 16.23
CA LEU C 262 -1.70 20.41 16.89
C LEU C 262 -2.46 19.28 16.22
N GLY C 263 -1.73 18.43 15.55
CA GLY C 263 -2.31 17.29 14.88
C GLY C 263 -1.80 16.00 15.50
N GLU C 264 -2.69 15.00 15.59
CA GLU C 264 -2.28 13.65 16.00
C GLU C 264 -1.80 13.01 14.71
N VAL C 265 -0.54 12.62 14.70
CA VAL C 265 0.07 12.02 13.50
C VAL C 265 0.41 10.56 13.80
N ALA C 266 -0.09 9.66 12.98
CA ALA C 266 0.20 8.22 13.10
C ALA C 266 1.50 7.96 12.37
N LEU C 267 2.60 8.07 13.12
CA LEU C 267 3.95 7.96 12.58
C LEU C 267 4.43 6.51 12.34
N GLY C 268 3.91 5.56 13.15
CA GLY C 268 4.35 4.16 13.05
C GLY C 268 5.87 4.00 13.14
N ASN C 269 6.45 3.17 12.26
CA ASN C 269 7.88 2.95 12.23
C ASN C 269 8.51 4.08 11.40
N MET C 270 9.30 4.92 12.08
CA MET C 270 9.90 6.08 11.40
C MET C 270 11.18 5.73 10.69
N TYR C 271 11.31 6.25 9.46
CA TYR C 271 12.52 6.16 8.65
C TYR C 271 13.34 7.37 9.05
N GLU C 272 14.38 7.15 9.87
CA GLU C 272 15.18 8.23 10.44
C GLU C 272 16.30 8.69 9.52
N LEU C 273 16.22 9.97 9.10
CA LEU C 273 17.15 10.56 8.14
C LEU C 273 17.80 11.84 8.66
N LYS C 274 19.03 12.10 8.22
CA LYS C 274 19.83 13.26 8.66
C LYS C 274 20.02 14.27 7.55
N HIS C 275 19.84 13.82 6.30
CA HIS C 275 20.06 14.67 5.13
C HIS C 275 18.95 14.52 4.11
N ALA C 276 18.93 15.43 3.13
CA ALA C 276 17.94 15.47 2.05
C ALA C 276 17.85 14.17 1.26
N SER C 277 16.61 13.65 1.18
CA SER C 277 16.25 12.43 0.49
C SER C 277 15.60 12.83 -0.82
N HIS C 278 14.96 14.06 -0.85
CA HIS C 278 14.32 14.69 -2.03
C HIS C 278 13.34 13.74 -2.81
N ILE C 279 12.88 12.66 -2.14
CA ILE C 279 11.95 11.66 -2.69
C ILE C 279 10.79 11.41 -1.73
N SER C 280 9.62 10.96 -2.25
CA SER C 280 8.40 10.70 -1.48
C SER C 280 8.12 9.21 -1.20
N LYS C 281 9.05 8.29 -1.65
CA LYS C 281 8.90 6.84 -1.44
C LYS C 281 9.51 6.36 -0.11
N LEU C 282 8.78 5.41 0.58
CA LEU C 282 9.15 4.80 1.87
C LEU C 282 9.54 3.32 1.76
N PRO C 283 10.55 2.84 2.54
CA PRO C 283 10.87 1.41 2.54
C PRO C 283 9.73 0.61 3.16
N LYS C 284 9.68 -0.71 2.87
CA LYS C 284 8.64 -1.59 3.39
C LYS C 284 8.72 -1.63 4.90
N GLY C 285 7.58 -1.43 5.54
CA GLY C 285 7.53 -1.45 7.00
C GLY C 285 7.74 -0.10 7.65
N LYS C 286 8.12 0.94 6.87
CA LYS C 286 8.28 2.32 7.38
C LYS C 286 7.02 3.11 7.04
N HIS C 287 6.53 3.96 7.96
CA HIS C 287 5.27 4.69 7.73
C HIS C 287 5.42 6.21 7.70
N SER C 288 6.60 6.71 7.99
CA SER C 288 6.86 8.16 8.05
C SER C 288 8.35 8.39 8.00
N VAL C 289 8.76 9.66 7.87
CA VAL C 289 10.17 10.02 7.96
C VAL C 289 10.33 10.91 9.17
N LYS C 290 11.41 10.70 9.90
CA LYS C 290 11.81 11.58 10.97
C LYS C 290 13.15 12.18 10.56
N GLY C 291 13.18 13.49 10.33
CA GLY C 291 14.39 14.23 10.05
C GLY C 291 15.02 14.49 11.41
N LEU C 292 16.25 14.00 11.64
CA LEU C 292 16.90 14.09 12.95
C LEU C 292 17.58 15.40 13.22
N GLY C 293 17.11 16.11 14.23
CA GLY C 293 17.70 17.37 14.63
C GLY C 293 18.76 17.20 15.69
N LYS C 294 19.62 18.23 15.85
CA LYS C 294 20.68 18.28 16.86
C LYS C 294 20.06 18.49 18.25
N THR C 295 18.86 19.14 18.29
CA THR C 295 18.10 19.43 19.50
C THR C 295 16.74 18.73 19.48
N THR C 296 16.37 18.13 20.62
CA THR C 296 15.11 17.42 20.77
C THR C 296 14.44 17.76 22.10
N PRO C 297 13.09 17.83 22.19
CA PRO C 297 12.46 17.98 23.50
C PRO C 297 12.89 16.81 24.39
N ASP C 298 13.14 17.07 25.69
CA ASP C 298 13.62 16.06 26.64
C ASP C 298 12.72 14.82 26.70
N PRO C 299 13.21 13.65 26.23
CA PRO C 299 12.39 12.43 26.24
C PRO C 299 11.80 12.05 27.60
N SER C 300 12.53 12.32 28.70
CA SER C 300 12.06 12.07 30.07
C SER C 300 10.79 12.89 30.42
N ALA C 301 10.52 14.00 29.68
CA ALA C 301 9.34 14.83 29.93
C ALA C 301 8.16 14.52 28.97
N ASN C 302 8.33 13.58 28.01
CA ASN C 302 7.24 13.18 27.11
C ASN C 302 6.10 12.65 28.02
N ILE C 303 4.85 12.92 27.64
CA ILE C 303 3.64 12.43 28.33
C ILE C 303 2.73 11.72 27.34
N SER C 304 1.88 10.83 27.83
CA SER C 304 0.93 10.11 27.00
C SER C 304 -0.47 10.53 27.38
N LEU C 305 -1.21 11.05 26.38
CA LEU C 305 -2.55 11.58 26.59
C LEU C 305 -3.49 10.88 25.61
N ASP C 306 -4.37 9.99 26.13
CA ASP C 306 -5.35 9.19 25.38
C ASP C 306 -4.62 8.42 24.25
N GLY C 307 -3.52 7.74 24.62
CA GLY C 307 -2.70 6.93 23.73
C GLY C 307 -1.82 7.70 22.74
N VAL C 308 -1.65 9.00 22.94
CA VAL C 308 -0.85 9.83 22.05
C VAL C 308 0.31 10.49 22.79
N ASP C 309 1.52 10.42 22.24
CA ASP C 309 2.72 11.01 22.84
C ASP C 309 2.77 12.51 22.60
N VAL C 310 3.06 13.26 23.66
CA VAL C 310 3.17 14.72 23.63
C VAL C 310 4.59 15.06 24.08
N PRO C 311 5.51 15.43 23.13
CA PRO C 311 6.90 15.70 23.49
C PRO C 311 7.07 17.13 24.03
N LEU C 312 6.48 17.40 25.19
CA LEU C 312 6.47 18.74 25.78
C LEU C 312 7.72 19.09 26.62
N GLY C 313 8.77 18.27 26.55
CA GLY C 313 10.01 18.55 27.27
C GLY C 313 10.80 19.70 26.70
N THR C 314 11.58 20.41 27.54
CA THR C 314 12.42 21.50 27.04
C THR C 314 13.49 20.91 26.12
N GLY C 315 13.91 21.69 25.13
CA GLY C 315 14.91 21.29 24.14
C GLY C 315 16.30 21.02 24.67
N ILE C 316 16.79 19.76 24.49
CA ILE C 316 18.13 19.31 24.91
C ILE C 316 18.89 18.68 23.72
N SER C 317 20.21 18.44 23.87
CA SER C 317 20.99 17.82 22.80
C SER C 317 20.54 16.38 22.53
N SER C 318 20.33 16.05 21.24
CA SER C 318 19.89 14.71 20.82
C SER C 318 21.06 13.72 20.74
N GLY C 319 22.27 14.26 20.68
CA GLY C 319 23.49 13.47 20.51
C GLY C 319 23.81 13.19 19.05
N VAL C 320 22.97 13.72 18.13
CA VAL C 320 23.14 13.61 16.67
C VAL C 320 23.87 14.88 16.24
N ASN C 321 24.99 14.80 15.52
CA ASN C 321 25.68 16.03 15.13
C ASN C 321 26.03 16.15 13.64
N ASP C 322 26.04 15.01 12.91
CA ASP C 322 26.29 14.97 11.46
C ASP C 322 24.94 15.12 10.71
N THR C 323 24.15 16.10 11.12
CA THR C 323 22.84 16.30 10.52
C THR C 323 22.66 17.69 9.91
N SER C 324 21.83 17.76 8.87
CA SER C 324 21.49 19.02 8.19
C SER C 324 20.46 19.84 9.00
N LEU C 325 19.87 19.25 10.06
CA LEU C 325 18.80 19.88 10.84
C LEU C 325 19.16 20.29 12.24
N LEU C 326 18.68 21.47 12.68
CA LEU C 326 18.89 21.89 14.06
C LEU C 326 17.85 21.24 14.95
N TYR C 327 16.63 21.06 14.39
CA TYR C 327 15.48 20.50 15.09
C TYR C 327 14.84 19.38 14.27
N ASN C 328 14.12 18.51 14.97
CA ASN C 328 13.46 17.39 14.31
C ASN C 328 12.36 17.87 13.38
N GLU C 329 11.97 16.99 12.48
CA GLU C 329 10.78 17.17 11.67
C GLU C 329 10.23 15.82 11.35
N TYR C 330 8.93 15.76 11.11
CA TYR C 330 8.25 14.50 10.87
C TYR C 330 7.42 14.68 9.61
N ILE C 331 7.45 13.68 8.75
CA ILE C 331 6.77 13.72 7.44
C ILE C 331 5.94 12.48 7.19
N VAL C 332 4.71 12.68 6.75
CA VAL C 332 3.84 11.57 6.35
C VAL C 332 3.46 11.79 4.89
N TYR C 333 3.25 10.70 4.15
CA TYR C 333 2.97 10.78 2.72
C TYR C 333 1.53 10.37 2.36
N ASP C 334 0.69 10.18 3.36
CA ASP C 334 -0.71 9.87 3.16
C ASP C 334 -1.51 10.81 4.03
N ILE C 335 -2.40 11.60 3.39
CA ILE C 335 -3.22 12.61 4.10
C ILE C 335 -4.04 11.99 5.24
N ALA C 336 -4.36 10.68 5.12
CA ALA C 336 -5.18 9.99 6.15
C ALA C 336 -4.43 9.71 7.46
N GLN C 337 -3.09 9.86 7.49
CA GLN C 337 -2.28 9.61 8.69
C GLN C 337 -2.34 10.76 9.71
N VAL C 338 -3.15 11.80 9.40
CA VAL C 338 -3.24 12.99 10.25
C VAL C 338 -4.67 13.16 10.80
N ASN C 339 -4.80 13.44 12.11
CA ASN C 339 -6.12 13.79 12.65
C ASN C 339 -5.89 15.09 13.41
N LEU C 340 -6.42 16.21 12.88
CA LEU C 340 -6.23 17.52 13.53
C LEU C 340 -6.99 17.54 14.85
N LYS C 341 -6.34 18.03 15.92
CA LYS C 341 -6.95 18.01 17.25
C LYS C 341 -7.24 19.40 17.83
N TYR C 342 -6.28 20.31 17.71
CA TYR C 342 -6.43 21.66 18.25
C TYR C 342 -5.96 22.69 17.26
N LEU C 343 -6.43 23.92 17.46
CA LEU C 343 -5.98 25.07 16.67
C LEU C 343 -5.74 26.16 17.71
N LEU C 344 -4.55 26.73 17.74
CA LEU C 344 -4.14 27.77 18.68
C LEU C 344 -4.05 29.11 17.98
N LYS C 345 -4.62 30.16 18.60
CA LYS C 345 -4.44 31.54 18.14
C LYS C 345 -3.30 32.04 19.02
N LEU C 346 -2.15 32.35 18.42
CA LEU C 346 -0.97 32.79 19.14
C LEU C 346 -0.68 34.25 18.90
N LYS C 347 -0.30 34.95 19.98
CA LYS C 347 0.21 36.32 19.95
C LYS C 347 1.72 36.19 19.87
N PHE C 348 2.32 36.78 18.85
CA PHE C 348 3.76 36.83 18.65
C PHE C 348 4.19 38.22 19.16
N ASN C 349 5.07 38.23 20.16
CA ASN C 349 5.61 39.48 20.71
C ASN C 349 7.03 39.59 20.18
N PHE C 350 7.20 40.36 19.10
CA PHE C 350 8.51 40.55 18.45
C PHE C 350 9.46 41.41 19.31
N LYS C 351 10.76 41.06 19.29
CA LYS C 351 11.78 41.75 20.08
C LYS C 351 12.44 42.92 19.34
N LYS D 3 -28.31 13.24 -14.67
CA LYS D 3 -28.67 11.93 -14.10
C LYS D 3 -27.59 11.41 -13.14
N SER D 4 -28.06 10.81 -12.01
CA SER D 4 -27.23 10.29 -10.90
C SER D 4 -26.25 9.18 -11.31
N LYS D 5 -25.04 9.27 -10.76
CA LYS D 5 -23.93 8.33 -10.95
C LYS D 5 -24.00 7.20 -9.88
N LEU D 6 -24.84 7.39 -8.82
CA LEU D 6 -24.99 6.39 -7.74
C LEU D 6 -25.44 5.01 -8.28
N PRO D 7 -24.97 3.86 -7.70
CA PRO D 7 -25.44 2.56 -8.20
C PRO D 7 -26.94 2.42 -8.08
N LYS D 8 -27.55 1.62 -8.97
CA LYS D 8 -28.99 1.36 -9.00
C LYS D 8 -29.52 0.94 -7.60
N PRO D 9 -28.88 -0.02 -6.85
CA PRO D 9 -29.38 -0.37 -5.51
C PRO D 9 -29.45 0.79 -4.51
N VAL D 10 -28.45 1.70 -4.56
CA VAL D 10 -28.41 2.87 -3.68
C VAL D 10 -29.55 3.82 -4.07
N GLN D 11 -29.76 4.02 -5.39
CA GLN D 11 -30.86 4.86 -5.88
C GLN D 11 -32.20 4.32 -5.43
N ASP D 12 -32.42 2.99 -5.56
CA ASP D 12 -33.66 2.34 -5.16
C ASP D 12 -33.90 2.46 -3.66
N LEU D 13 -32.83 2.47 -2.86
CA LEU D 13 -32.91 2.65 -1.41
C LEU D 13 -33.43 4.06 -1.09
N ILE D 14 -32.86 5.10 -1.74
CA ILE D 14 -33.27 6.51 -1.53
C ILE D 14 -34.76 6.72 -1.79
N LYS D 15 -35.28 6.14 -2.90
CA LYS D 15 -36.68 6.25 -3.31
C LYS D 15 -37.61 5.56 -2.32
N MET D 16 -37.16 4.40 -1.83
CA MET D 16 -37.84 3.57 -0.85
C MET D 16 -37.98 4.30 0.51
N ILE D 17 -36.95 5.05 0.94
CA ILE D 17 -36.96 5.73 2.25
C ILE D 17 -37.59 7.13 2.17
N PHE D 18 -37.69 7.71 0.95
CA PHE D 18 -38.32 9.01 0.76
C PHE D 18 -39.67 8.90 0.01
N ASP D 19 -40.33 7.74 0.14
CA ASP D 19 -41.61 7.45 -0.51
C ASP D 19 -42.75 8.20 0.19
N VAL D 20 -43.11 9.39 -0.38
CA VAL D 20 -44.17 10.27 0.13
C VAL D 20 -45.52 9.51 0.21
N GLU D 21 -45.78 8.62 -0.77
CA GLU D 21 -47.02 7.83 -0.79
C GLU D 21 -47.05 6.80 0.35
N SER D 22 -45.89 6.23 0.72
CA SER D 22 -45.82 5.30 1.87
C SER D 22 -46.07 6.08 3.18
N MET D 23 -45.59 7.34 3.24
CA MET D 23 -45.80 8.22 4.40
C MET D 23 -47.30 8.50 4.61
N LYS D 24 -48.03 8.84 3.51
CA LYS D 24 -49.47 9.11 3.54
C LYS D 24 -50.28 7.84 3.81
N LYS D 25 -49.85 6.70 3.20
CA LYS D 25 -50.51 5.39 3.40
C LYS D 25 -50.42 4.98 4.87
N ALA D 26 -49.25 5.25 5.52
CA ALA D 26 -49.02 4.97 6.95
C ALA D 26 -50.04 5.72 7.79
N MET D 27 -50.25 7.03 7.49
CA MET D 27 -51.20 7.92 8.16
C MET D 27 -52.67 7.51 7.96
N VAL D 28 -52.98 6.83 6.83
CA VAL D 28 -54.31 6.33 6.51
C VAL D 28 -54.63 5.11 7.41
N GLU D 29 -53.63 4.23 7.61
CA GLU D 29 -53.71 3.04 8.45
C GLU D 29 -53.90 3.42 9.93
N TYR D 30 -53.35 4.58 10.34
CA TYR D 30 -53.48 5.10 11.71
C TYR D 30 -54.82 5.83 11.92
N GLU D 31 -55.60 5.99 10.83
CA GLU D 31 -56.92 6.64 10.75
C GLU D 31 -56.84 8.17 10.99
N ILE D 32 -55.67 8.77 10.70
CA ILE D 32 -55.45 10.22 10.81
C ILE D 32 -56.20 10.91 9.67
N ASP D 33 -56.95 11.99 9.97
CA ASP D 33 -57.71 12.75 8.98
C ASP D 33 -56.73 13.58 8.12
N LEU D 34 -56.54 13.15 6.85
CA LEU D 34 -55.64 13.77 5.87
C LEU D 34 -55.95 15.23 5.57
N GLN D 35 -57.24 15.61 5.61
CA GLN D 35 -57.70 16.99 5.32
C GLN D 35 -57.37 17.97 6.45
N LYS D 36 -57.80 17.67 7.70
CA LYS D 36 -57.56 18.50 8.87
C LYS D 36 -56.11 18.42 9.34
N MET D 37 -55.51 17.21 9.25
CA MET D 37 -54.10 16.98 9.61
C MET D 37 -53.32 16.49 8.36
N PRO D 38 -52.88 17.41 7.49
CA PRO D 38 -52.10 16.98 6.32
C PRO D 38 -50.65 16.64 6.71
N LEU D 39 -49.99 15.79 5.90
CA LEU D 39 -48.60 15.37 6.08
C LEU D 39 -47.64 16.55 6.30
N GLY D 40 -47.90 17.67 5.62
CA GLY D 40 -47.13 18.90 5.72
C GLY D 40 -47.27 19.68 7.01
N LYS D 41 -48.39 19.47 7.76
CA LYS D 41 -48.64 20.20 9.01
C LYS D 41 -48.11 19.49 10.28
N LEU D 42 -47.47 18.31 10.11
CA LEU D 42 -46.87 17.54 11.20
C LEU D 42 -45.66 18.28 11.79
N SER D 43 -45.61 18.43 13.13
CA SER D 43 -44.50 19.15 13.77
C SER D 43 -43.98 18.49 15.06
N LYS D 44 -42.71 18.77 15.39
CA LYS D 44 -41.97 18.26 16.56
C LYS D 44 -42.67 18.60 17.87
N ARG D 45 -43.01 19.90 18.09
CA ARG D 45 -43.68 20.40 19.30
C ARG D 45 -45.00 19.69 19.55
N GLN D 46 -45.78 19.48 18.46
CA GLN D 46 -47.07 18.79 18.46
C GLN D 46 -46.90 17.31 18.89
N ILE D 47 -45.92 16.58 18.30
CA ILE D 47 -45.63 15.16 18.62
C ILE D 47 -45.19 15.04 20.09
N GLN D 48 -44.35 15.98 20.57
CA GLN D 48 -43.87 16.06 21.95
C GLN D 48 -45.05 16.24 22.92
N ALA D 49 -45.99 17.15 22.59
CA ALA D 49 -47.18 17.45 23.39
C ALA D 49 -48.17 16.26 23.36
N ALA D 50 -48.23 15.53 22.23
CA ALA D 50 -49.08 14.35 22.08
C ALA D 50 -48.58 13.20 22.96
N TYR D 51 -47.24 13.08 23.13
CA TYR D 51 -46.58 12.09 23.99
C TYR D 51 -46.92 12.40 25.46
N SER D 52 -46.86 13.69 25.84
CA SER D 52 -47.16 14.17 27.20
C SER D 52 -48.60 13.88 27.63
N ILE D 53 -49.57 13.97 26.68
CA ILE D 53 -50.99 13.68 26.90
C ILE D 53 -51.17 12.17 27.13
N LEU D 54 -50.52 11.32 26.29
CA LEU D 54 -50.59 9.86 26.41
C LEU D 54 -50.00 9.36 27.74
N SER D 55 -48.97 10.06 28.28
CA SER D 55 -48.37 9.75 29.58
C SER D 55 -49.39 10.09 30.69
N GLU D 56 -50.14 11.21 30.53
CA GLU D 56 -51.18 11.65 31.47
C GLU D 56 -52.38 10.69 31.43
N VAL D 57 -52.73 10.19 30.22
CA VAL D 57 -53.82 9.23 30.01
C VAL D 57 -53.47 7.89 30.70
N GLN D 58 -52.27 7.33 30.41
CA GLN D 58 -51.76 6.07 30.97
C GLN D 58 -51.76 6.09 32.50
N GLN D 59 -51.48 7.26 33.09
CA GLN D 59 -51.50 7.53 34.53
C GLN D 59 -52.93 7.30 35.09
N ALA D 60 -53.95 7.82 34.38
CA ALA D 60 -55.37 7.70 34.75
C ALA D 60 -55.99 6.31 34.45
N VAL D 61 -55.28 5.49 33.65
CA VAL D 61 -55.73 4.13 33.29
C VAL D 61 -54.99 3.11 34.18
N SER D 68 -64.99 9.27 32.48
CA SER D 68 -65.58 10.59 32.34
C SER D 68 -64.51 11.69 32.32
N GLN D 69 -63.59 11.66 33.29
CA GLN D 69 -62.49 12.62 33.41
C GLN D 69 -61.31 12.26 32.50
N ILE D 70 -61.25 11.00 32.06
CA ILE D 70 -60.22 10.50 31.14
C ILE D 70 -60.59 10.90 29.70
N LEU D 71 -61.90 11.15 29.46
CA LEU D 71 -62.48 11.59 28.18
C LEU D 71 -61.97 13.00 27.86
N ASP D 72 -61.76 13.83 28.91
CA ASP D 72 -61.24 15.20 28.77
C ASP D 72 -59.81 15.18 28.21
N LEU D 73 -59.00 14.18 28.63
CA LEU D 73 -57.64 13.97 28.15
C LEU D 73 -57.64 13.26 26.79
N SER D 74 -58.62 12.34 26.58
CA SER D 74 -58.81 11.58 25.35
C SER D 74 -59.22 12.48 24.18
N ASN D 75 -60.15 13.44 24.42
CA ASN D 75 -60.62 14.40 23.43
C ASN D 75 -59.52 15.39 23.08
N ARG D 76 -58.71 15.79 24.09
CA ARG D 76 -57.58 16.71 23.93
C ARG D 76 -56.47 16.10 23.06
N PHE D 77 -56.43 14.74 22.96
CA PHE D 77 -55.48 14.03 22.12
C PHE D 77 -55.95 14.11 20.65
N TYR D 78 -57.25 13.83 20.39
CA TYR D 78 -57.84 13.89 19.06
C TYR D 78 -57.96 15.34 18.54
N THR D 79 -57.89 16.33 19.45
CA THR D 79 -57.91 17.75 19.13
C THR D 79 -56.53 18.11 18.54
N LEU D 80 -55.45 17.70 19.24
CA LEU D 80 -54.07 17.94 18.85
C LEU D 80 -53.68 17.10 17.62
N ILE D 81 -54.24 15.86 17.54
CA ILE D 81 -53.99 14.94 16.42
C ILE D 81 -55.35 14.58 15.76
N PRO D 82 -55.83 15.40 14.79
CA PRO D 82 -57.11 15.11 14.12
C PRO D 82 -57.20 13.74 13.45
N HIS D 83 -58.24 12.97 13.79
CA HIS D 83 -58.52 11.63 13.29
C HIS D 83 -59.84 11.60 12.50
N ASP D 84 -60.10 10.51 11.74
CA ASP D 84 -61.32 10.31 10.96
C ASP D 84 -61.85 8.87 11.13
N PRO D 90 -65.46 7.97 17.76
CA PRO D 90 -64.06 8.06 18.24
C PRO D 90 -63.76 7.09 19.38
N PRO D 91 -62.72 6.22 19.26
CA PRO D 91 -62.44 5.26 20.33
C PRO D 91 -61.79 5.90 21.56
N LEU D 92 -62.29 5.55 22.76
CA LEU D 92 -61.78 6.07 24.03
C LEU D 92 -60.49 5.35 24.43
N LEU D 93 -59.52 6.10 24.98
CA LEU D 93 -58.23 5.57 25.42
C LEU D 93 -58.29 5.18 26.90
N ASN D 94 -59.09 4.14 27.22
CA ASN D 94 -59.32 3.64 28.57
C ASN D 94 -58.60 2.30 28.88
N ASN D 95 -57.65 1.90 28.02
CA ASN D 95 -56.89 0.65 28.19
C ASN D 95 -55.45 0.78 27.67
N ALA D 96 -54.51 0.03 28.28
CA ALA D 96 -53.08 0.02 27.93
C ALA D 96 -52.83 -0.37 26.49
N ASP D 97 -53.66 -1.26 25.92
CA ASP D 97 -53.57 -1.73 24.54
C ASP D 97 -53.89 -0.61 23.54
N SER D 98 -54.89 0.26 23.87
CA SER D 98 -55.29 1.38 23.02
C SER D 98 -54.29 2.55 23.09
N VAL D 99 -53.77 2.83 24.30
CA VAL D 99 -52.78 3.89 24.56
C VAL D 99 -51.47 3.59 23.81
N GLN D 100 -51.00 2.32 23.84
CA GLN D 100 -49.78 1.87 23.15
C GLN D 100 -49.89 1.91 21.63
N ALA D 101 -51.13 1.82 21.09
CA ALA D 101 -51.40 1.90 19.66
C ALA D 101 -51.12 3.34 19.20
N LYS D 102 -51.48 4.32 20.04
CA LYS D 102 -51.24 5.73 19.78
C LYS D 102 -49.78 6.11 19.99
N VAL D 103 -49.06 5.39 20.90
CA VAL D 103 -47.63 5.63 21.14
C VAL D 103 -46.87 5.17 19.90
N GLU D 104 -47.14 3.94 19.42
CA GLU D 104 -46.50 3.36 18.23
C GLU D 104 -46.70 4.28 17.01
N MET D 105 -47.90 4.86 16.89
CA MET D 105 -48.27 5.85 15.87
C MET D 105 -47.35 7.08 15.98
N LEU D 106 -47.21 7.65 17.19
CA LEU D 106 -46.34 8.81 17.43
C LEU D 106 -44.86 8.52 17.17
N ASP D 107 -44.40 7.29 17.51
CA ASP D 107 -43.01 6.87 17.25
C ASP D 107 -42.73 6.95 15.76
N ASN D 108 -43.66 6.41 14.93
CA ASN D 108 -43.54 6.38 13.47
C ASN D 108 -43.69 7.78 12.88
N LEU D 109 -44.65 8.59 13.40
CA LEU D 109 -44.86 9.99 12.98
C LEU D 109 -43.63 10.85 13.23
N LEU D 110 -42.92 10.62 14.35
CA LEU D 110 -41.70 11.35 14.70
C LEU D 110 -40.66 11.23 13.57
N ASP D 111 -40.47 10.01 13.01
CA ASP D 111 -39.54 9.81 11.89
C ASP D 111 -40.15 10.19 10.55
N ILE D 112 -41.50 10.02 10.38
CA ILE D 112 -42.21 10.46 9.15
C ILE D 112 -42.02 11.99 9.00
N GLU D 113 -42.14 12.74 10.11
CA GLU D 113 -41.94 14.20 10.18
C GLU D 113 -40.47 14.56 9.87
N VAL D 114 -39.49 13.74 10.35
CA VAL D 114 -38.06 13.98 10.10
C VAL D 114 -37.80 13.77 8.59
N ALA D 115 -38.40 12.70 8.03
CA ALA D 115 -38.32 12.34 6.61
C ALA D 115 -38.91 13.45 5.74
N TYR D 116 -40.10 13.97 6.12
CA TYR D 116 -40.77 15.04 5.39
C TYR D 116 -40.06 16.38 5.51
N SER D 117 -39.52 16.74 6.70
CA SER D 117 -38.78 17.99 6.93
C SER D 117 -37.48 18.07 6.14
N LEU D 118 -36.77 16.91 5.99
CA LEU D 118 -35.52 16.85 5.22
C LEU D 118 -35.85 17.05 3.75
N LEU D 119 -36.87 16.34 3.27
CA LEU D 119 -37.40 16.35 1.91
C LEU D 119 -37.95 17.74 1.51
N ARG D 120 -38.50 18.49 2.49
CA ARG D 120 -39.06 19.84 2.34
C ARG D 120 -37.94 20.89 2.33
N GLY D 121 -36.98 20.76 3.24
CA GLY D 121 -35.86 21.68 3.41
C GLY D 121 -34.87 21.73 2.26
N GLY D 122 -33.80 22.51 2.46
CA GLY D 122 -32.74 22.70 1.47
C GLY D 122 -33.07 23.76 0.45
N ASP D 129 -30.26 16.06 -10.22
CA ASP D 129 -31.11 14.89 -10.02
C ASP D 129 -31.66 14.91 -8.58
N PRO D 130 -32.98 14.76 -8.38
CA PRO D 130 -33.52 14.74 -7.01
C PRO D 130 -32.97 13.58 -6.16
N ILE D 131 -32.69 12.41 -6.78
CA ILE D 131 -32.12 11.22 -6.11
C ILE D 131 -30.79 11.57 -5.40
N ASP D 132 -29.89 12.34 -6.06
CA ASP D 132 -28.61 12.81 -5.51
C ASP D 132 -28.83 13.81 -4.38
N VAL D 133 -29.80 14.74 -4.56
CA VAL D 133 -30.18 15.76 -3.56
C VAL D 133 -30.62 15.04 -2.28
N ASN D 134 -31.59 14.11 -2.39
CA ASN D 134 -32.11 13.33 -1.26
C ASN D 134 -31.06 12.41 -0.61
N TYR D 135 -30.11 11.88 -1.40
CA TYR D 135 -29.00 11.07 -0.88
C TYR D 135 -28.17 11.91 0.11
N GLU D 136 -27.78 13.14 -0.29
CA GLU D 136 -26.98 14.04 0.53
C GLU D 136 -27.71 14.52 1.82
N LYS D 137 -29.06 14.56 1.77
CA LYS D 137 -29.90 14.96 2.93
C LYS D 137 -29.83 13.92 4.06
N LEU D 138 -29.36 12.69 3.75
CA LEU D 138 -29.21 11.64 4.75
C LEU D 138 -27.93 11.77 5.54
N LYS D 139 -26.93 12.54 5.02
CA LYS D 139 -25.60 12.77 5.64
C LYS D 139 -24.95 11.41 6.03
N THR D 140 -25.08 10.42 5.12
CA THR D 140 -24.59 9.06 5.34
C THR D 140 -23.91 8.56 4.06
N ASP D 141 -22.65 8.12 4.18
CA ASP D 141 -21.95 7.50 3.04
C ASP D 141 -22.57 6.10 2.92
N ILE D 142 -23.09 5.78 1.74
CA ILE D 142 -23.71 4.48 1.47
C ILE D 142 -22.95 3.82 0.32
N LYS D 143 -22.38 2.62 0.56
CA LYS D 143 -21.68 1.84 -0.48
C LYS D 143 -22.30 0.46 -0.59
N VAL D 144 -22.38 -0.10 -1.79
CA VAL D 144 -22.92 -1.46 -1.99
C VAL D 144 -21.82 -2.46 -1.61
N VAL D 145 -22.17 -3.49 -0.82
CA VAL D 145 -21.24 -4.55 -0.45
C VAL D 145 -21.40 -5.61 -1.55
N ASP D 146 -20.30 -5.88 -2.28
CA ASP D 146 -20.27 -6.84 -3.39
C ASP D 146 -20.71 -8.23 -2.95
N ARG D 147 -21.60 -8.87 -3.71
CA ARG D 147 -22.08 -10.22 -3.42
C ARG D 147 -20.91 -11.24 -3.24
N ASP D 148 -19.83 -11.08 -4.01
CA ASP D 148 -18.70 -12.01 -4.00
C ASP D 148 -17.70 -11.79 -2.83
N SER D 149 -17.94 -10.77 -1.99
CA SER D 149 -17.03 -10.42 -0.90
C SER D 149 -17.13 -11.33 0.33
N GLU D 150 -16.07 -11.27 1.18
CA GLU D 150 -15.97 -11.95 2.47
C GLU D 150 -17.07 -11.42 3.43
N GLU D 151 -17.29 -10.08 3.44
CA GLU D 151 -18.33 -9.48 4.31
C GLU D 151 -19.70 -9.99 3.92
N ALA D 152 -20.01 -10.06 2.59
CA ALA D 152 -21.33 -10.54 2.17
C ALA D 152 -21.57 -12.00 2.56
N GLU D 153 -20.53 -12.83 2.52
CA GLU D 153 -20.67 -14.22 2.94
C GLU D 153 -21.00 -14.29 4.45
N ILE D 154 -20.25 -13.53 5.29
CA ILE D 154 -20.51 -13.48 6.74
C ILE D 154 -21.94 -13.03 7.03
N ILE D 155 -22.36 -11.92 6.42
CA ILE D 155 -23.70 -11.33 6.60
C ILE D 155 -24.79 -12.30 6.13
N ARG D 156 -24.63 -12.96 4.95
CA ARG D 156 -25.63 -13.97 4.52
C ARG D 156 -25.73 -15.10 5.56
N LYS D 157 -24.59 -15.58 6.08
CA LYS D 157 -24.58 -16.64 7.10
C LYS D 157 -25.33 -16.22 8.37
N TYR D 158 -25.14 -14.96 8.79
CA TYR D 158 -25.81 -14.38 9.97
C TYR D 158 -27.33 -14.39 9.78
N VAL D 159 -27.81 -14.02 8.56
CA VAL D 159 -29.24 -14.03 8.26
C VAL D 159 -29.75 -15.50 8.21
N LYS D 160 -29.03 -16.36 7.51
CA LYS D 160 -29.41 -17.78 7.36
C LYS D 160 -29.48 -18.53 8.70
N ASN D 161 -28.50 -18.34 9.57
CA ASN D 161 -28.41 -19.11 10.82
C ASN D 161 -29.19 -18.62 12.00
N THR D 162 -29.67 -17.36 12.01
CA THR D 162 -30.29 -16.83 13.23
C THR D 162 -31.79 -16.58 13.10
N HIS D 163 -32.48 -17.30 12.18
CA HIS D 163 -33.93 -17.16 12.07
C HIS D 163 -34.55 -18.08 13.15
N ALA D 164 -35.38 -17.50 14.03
CA ALA D 164 -36.01 -18.19 15.16
C ALA D 164 -37.11 -19.16 14.75
N THR D 165 -37.22 -20.30 15.47
CA THR D 165 -38.23 -21.35 15.19
C THR D 165 -39.66 -20.85 15.33
N THR D 166 -39.95 -19.99 16.33
CA THR D 166 -41.30 -19.43 16.54
C THR D 166 -41.66 -18.31 15.54
N HIS D 167 -40.70 -17.82 14.75
CA HIS D 167 -40.95 -16.79 13.73
C HIS D 167 -41.10 -17.49 12.37
N ASN D 168 -42.06 -18.43 12.31
CA ASN D 168 -42.33 -19.30 11.16
C ASN D 168 -43.32 -18.73 10.12
N ALA D 169 -43.83 -17.50 10.32
CA ALA D 169 -44.75 -16.84 9.37
C ALA D 169 -44.06 -16.48 8.06
N TYR D 170 -42.72 -16.33 8.08
CA TYR D 170 -41.96 -15.95 6.90
C TYR D 170 -40.53 -16.48 6.95
N ASP D 171 -39.87 -16.47 5.80
CA ASP D 171 -38.45 -16.75 5.68
C ASP D 171 -37.84 -15.49 5.03
N LEU D 172 -36.51 -15.33 5.15
CA LEU D 172 -35.85 -14.11 4.68
C LEU D 172 -34.83 -14.33 3.58
N GLU D 173 -34.78 -13.37 2.66
CA GLU D 173 -33.83 -13.41 1.56
C GLU D 173 -33.14 -12.04 1.44
N VAL D 174 -31.80 -12.02 1.45
CA VAL D 174 -31.01 -10.80 1.30
C VAL D 174 -31.10 -10.32 -0.16
N ILE D 175 -31.54 -9.07 -0.36
CA ILE D 175 -31.60 -8.48 -1.69
C ILE D 175 -30.31 -7.67 -1.89
N ASP D 176 -30.09 -6.64 -1.05
CA ASP D 176 -28.89 -5.80 -1.08
C ASP D 176 -28.34 -5.67 0.32
N ILE D 177 -27.02 -5.53 0.39
CA ILE D 177 -26.25 -5.25 1.60
C ILE D 177 -25.52 -3.93 1.31
N PHE D 178 -25.72 -2.94 2.19
CA PHE D 178 -25.04 -1.65 2.14
C PHE D 178 -24.12 -1.47 3.35
N LYS D 179 -22.94 -0.89 3.11
CA LYS D 179 -21.99 -0.51 4.15
C LYS D 179 -22.30 0.99 4.38
N ILE D 180 -22.64 1.35 5.62
CA ILE D 180 -23.06 2.71 5.93
C ILE D 180 -22.11 3.40 6.91
N GLU D 181 -22.00 4.74 6.75
CA GLU D 181 -21.16 5.58 7.58
C GLU D 181 -21.90 6.90 7.81
N ARG D 182 -22.60 6.99 8.94
CA ARG D 182 -23.33 8.21 9.27
C ARG D 182 -22.32 9.32 9.65
N GLU D 183 -22.45 10.53 9.05
CA GLU D 183 -21.54 11.64 9.36
C GLU D 183 -21.48 11.88 10.86
N GLY D 184 -20.26 12.02 11.38
CA GLY D 184 -20.04 12.32 12.79
C GLY D 184 -20.16 11.17 13.75
N GLU D 185 -20.63 9.98 13.29
CA GLU D 185 -20.80 8.85 14.20
C GLU D 185 -19.48 8.25 14.68
N CYS D 186 -18.44 8.23 13.82
CA CYS D 186 -17.10 7.75 14.23
C CYS D 186 -16.62 8.54 15.46
N GLN D 187 -16.71 9.88 15.38
CA GLN D 187 -16.25 10.75 16.46
C GLN D 187 -17.09 10.54 17.72
N ARG D 188 -18.43 10.48 17.56
CA ARG D 188 -19.36 10.26 18.67
C ARG D 188 -19.06 8.90 19.38
N TYR D 189 -18.74 7.85 18.58
CA TYR D 189 -18.44 6.50 19.09
C TYR D 189 -17.05 6.36 19.70
N LYS D 190 -16.12 7.25 19.32
CA LYS D 190 -14.73 7.21 19.79
C LYS D 190 -14.57 6.83 21.29
N PRO D 191 -15.30 7.45 22.28
CA PRO D 191 -15.09 7.03 23.69
C PRO D 191 -15.35 5.55 23.98
N PHE D 192 -16.17 4.87 23.13
CA PHE D 192 -16.53 3.46 23.31
C PHE D 192 -15.80 2.53 22.35
N LYS D 193 -15.10 3.09 21.34
CA LYS D 193 -14.39 2.32 20.32
C LYS D 193 -13.47 1.22 20.89
N GLN D 194 -12.91 1.44 22.12
CA GLN D 194 -11.98 0.52 22.77
C GLN D 194 -12.56 -0.11 24.03
N LEU D 195 -13.89 -0.04 24.19
CA LEU D 195 -14.58 -0.76 25.26
C LEU D 195 -14.61 -2.25 24.87
N HIS D 196 -14.68 -3.14 25.83
CA HIS D 196 -14.72 -4.56 25.53
C HIS D 196 -16.18 -5.02 25.18
N ASN D 197 -16.33 -6.26 24.71
CA ASN D 197 -17.63 -6.86 24.38
C ASN D 197 -18.39 -6.07 23.34
N ARG D 198 -17.74 -5.75 22.21
CA ARG D 198 -18.38 -5.04 21.10
C ARG D 198 -18.98 -6.09 20.20
N ARG D 199 -20.29 -5.98 19.90
CA ARG D 199 -20.99 -7.02 19.17
C ARG D 199 -21.78 -6.44 18.00
N LEU D 200 -21.84 -7.19 16.89
CA LEU D 200 -22.57 -6.80 15.68
C LEU D 200 -23.98 -7.36 15.82
N LEU D 201 -24.96 -6.45 16.05
CA LEU D 201 -26.34 -6.83 16.34
C LEU D 201 -27.36 -6.22 15.41
N TRP D 202 -28.54 -6.86 15.34
CA TRP D 202 -29.64 -6.45 14.48
C TRP D 202 -30.50 -5.38 15.12
N HIS D 203 -31.05 -4.47 14.29
CA HIS D 203 -32.06 -3.50 14.70
C HIS D 203 -33.00 -3.32 13.52
N GLY D 204 -34.24 -3.69 13.72
CA GLY D 204 -35.31 -3.59 12.72
C GLY D 204 -36.23 -2.43 13.00
N SER D 205 -36.75 -1.82 11.92
CA SER D 205 -37.68 -0.69 12.04
C SER D 205 -38.49 -0.59 10.76
N ARG D 206 -39.63 0.11 10.85
CA ARG D 206 -40.47 0.36 9.67
C ARG D 206 -39.63 1.13 8.65
N THR D 207 -39.80 0.82 7.35
CA THR D 207 -39.06 1.51 6.27
C THR D 207 -39.22 3.03 6.36
N THR D 208 -40.43 3.51 6.74
CA THR D 208 -40.73 4.95 6.87
C THR D 208 -39.87 5.68 7.94
N ASN D 209 -39.16 4.92 8.80
CA ASN D 209 -38.29 5.51 9.83
C ASN D 209 -36.85 5.73 9.42
N PHE D 210 -36.39 5.05 8.34
CA PHE D 210 -34.97 5.01 7.98
C PHE D 210 -34.38 6.35 7.54
N ALA D 211 -35.20 7.30 7.03
CA ALA D 211 -34.66 8.62 6.72
C ALA D 211 -34.28 9.32 8.04
N GLY D 212 -35.10 9.12 9.09
CA GLY D 212 -34.79 9.64 10.41
C GLY D 212 -33.58 8.94 11.03
N ILE D 213 -33.54 7.59 10.91
CA ILE D 213 -32.44 6.78 11.46
C ILE D 213 -31.13 7.14 10.76
N LEU D 214 -31.12 7.21 9.44
CA LEU D 214 -29.85 7.55 8.79
C LEU D 214 -29.42 9.01 9.06
N SER D 215 -30.36 9.98 9.09
CA SER D 215 -29.95 11.36 9.37
C SER D 215 -29.58 11.64 10.83
N GLN D 216 -30.33 11.06 11.80
CA GLN D 216 -30.11 11.32 13.23
C GLN D 216 -29.55 10.14 14.06
N GLY D 217 -29.44 8.98 13.45
CA GLY D 217 -28.97 7.75 14.09
C GLY D 217 -30.05 7.14 14.96
N LEU D 218 -29.76 5.99 15.58
CA LEU D 218 -30.73 5.39 16.52
C LEU D 218 -30.83 6.28 17.77
N ARG D 219 -32.06 6.53 18.22
CA ARG D 219 -32.30 7.44 19.34
C ARG D 219 -33.09 6.75 20.46
N ILE D 220 -33.10 7.35 21.63
CA ILE D 220 -33.85 6.82 22.78
C ILE D 220 -35.18 7.60 22.84
N ALA D 221 -36.27 6.97 23.28
CA ALA D 221 -37.58 7.64 23.40
C ALA D 221 -37.46 8.90 24.26
N PRO D 222 -38.16 10.01 23.92
CA PRO D 222 -38.03 11.24 24.74
C PRO D 222 -38.62 11.06 26.16
N PRO D 223 -38.19 11.87 27.16
CA PRO D 223 -38.74 11.72 28.52
C PRO D 223 -40.25 11.92 28.61
N GLU D 224 -40.85 12.72 27.68
CA GLU D 224 -42.31 13.00 27.58
C GLU D 224 -43.13 11.75 27.24
N ALA D 225 -42.55 10.82 26.45
CA ALA D 225 -43.20 9.58 26.01
C ALA D 225 -43.55 8.67 27.19
N PRO D 226 -44.62 7.84 27.09
CA PRO D 226 -44.95 6.93 28.20
C PRO D 226 -43.82 5.94 28.50
N VAL D 227 -43.69 5.59 29.77
CA VAL D 227 -42.67 4.70 30.31
C VAL D 227 -43.01 3.21 30.08
N THR D 228 -44.26 2.93 29.66
CA THR D 228 -44.83 1.60 29.39
C THR D 228 -44.44 1.10 28.00
N GLY D 229 -44.36 -0.22 27.84
CA GLY D 229 -43.98 -0.86 26.58
C GLY D 229 -42.50 -1.12 26.45
N TYR D 230 -41.68 -0.60 27.38
CA TYR D 230 -40.22 -0.77 27.42
C TYR D 230 -39.82 -1.70 28.54
N MET D 231 -39.66 -2.97 28.21
CA MET D 231 -39.30 -4.05 29.14
C MET D 231 -38.08 -3.69 30.02
N PHE D 232 -37.06 -3.07 29.42
CA PHE D 232 -35.83 -2.71 30.13
C PHE D 232 -35.60 -1.23 30.17
N GLY D 233 -36.71 -0.49 30.14
CA GLY D 233 -36.69 0.96 30.18
C GLY D 233 -36.31 1.58 28.83
N LYS D 234 -36.27 2.89 28.81
CA LYS D 234 -35.94 3.65 27.59
C LYS D 234 -34.45 3.46 27.22
N GLY D 235 -34.22 2.93 26.05
CA GLY D 235 -32.87 2.71 25.53
C GLY D 235 -32.95 2.28 24.09
N ILE D 236 -31.82 1.87 23.52
CA ILE D 236 -31.76 1.37 22.13
C ILE D 236 -31.67 -0.14 22.21
N TYR D 237 -32.66 -0.83 21.63
CA TYR D 237 -32.76 -2.31 21.69
C TYR D 237 -32.21 -2.99 20.44
N PHE D 238 -31.54 -4.12 20.63
CA PHE D 238 -30.98 -4.93 19.55
C PHE D 238 -31.25 -6.44 19.78
N ALA D 239 -31.15 -7.24 18.71
CA ALA D 239 -31.30 -8.71 18.80
C ALA D 239 -30.09 -9.40 18.18
N ASP D 240 -29.81 -10.65 18.60
CA ASP D 240 -28.78 -11.45 17.96
C ASP D 240 -29.43 -12.46 17.00
N MET D 241 -30.80 -12.46 16.93
CA MET D 241 -31.61 -13.30 16.03
C MET D 241 -32.23 -12.36 15.01
N VAL D 242 -31.86 -12.54 13.74
CA VAL D 242 -32.35 -11.68 12.65
C VAL D 242 -33.87 -11.53 12.64
N SER D 243 -34.62 -12.65 12.85
CA SER D 243 -36.08 -12.60 12.82
C SER D 243 -36.70 -11.81 13.97
N LYS D 244 -36.02 -11.72 15.13
CA LYS D 244 -36.57 -10.97 16.26
C LYS D 244 -36.58 -9.48 15.87
N SER D 245 -35.52 -9.01 15.20
CA SER D 245 -35.45 -7.63 14.72
C SER D 245 -36.30 -7.44 13.46
N ALA D 246 -36.34 -8.44 12.55
CA ALA D 246 -37.11 -8.38 11.29
C ALA D 246 -38.59 -8.20 11.55
N ASN D 247 -39.10 -8.73 12.69
CA ASN D 247 -40.49 -8.55 13.09
C ASN D 247 -40.84 -7.05 13.29
N TYR D 248 -39.84 -6.21 13.60
CA TYR D 248 -40.06 -4.78 13.80
C TYR D 248 -40.12 -3.98 12.49
N CYS D 249 -39.90 -4.63 11.35
CA CYS D 249 -40.00 -3.97 10.02
C CYS D 249 -41.49 -3.75 9.69
N HIS D 250 -42.39 -4.59 10.27
CA HIS D 250 -43.84 -4.57 10.04
C HIS D 250 -44.19 -4.79 8.56
N THR D 251 -43.50 -5.75 7.90
CA THR D 251 -43.76 -6.11 6.50
C THR D 251 -45.02 -7.00 6.40
N SER D 252 -45.54 -7.20 5.17
CA SER D 252 -46.76 -7.97 4.89
C SER D 252 -46.68 -8.69 3.54
N GLN D 253 -47.74 -9.42 3.16
CA GLN D 253 -47.77 -10.13 1.87
C GLN D 253 -47.81 -9.10 0.73
N GLY D 254 -48.57 -8.01 0.94
CA GLY D 254 -48.73 -6.91 0.00
C GLY D 254 -47.54 -5.99 -0.15
N ASP D 255 -46.65 -5.95 0.88
CA ASP D 255 -45.41 -5.18 0.90
C ASP D 255 -44.34 -6.03 1.63
N PRO D 256 -43.74 -7.00 0.91
CA PRO D 256 -42.82 -7.95 1.57
C PRO D 256 -41.34 -7.57 1.56
N ILE D 257 -41.01 -6.28 1.53
CA ILE D 257 -39.62 -5.82 1.52
C ILE D 257 -39.40 -4.92 2.75
N GLY D 258 -38.37 -5.24 3.53
CA GLY D 258 -38.04 -4.48 4.73
C GLY D 258 -36.57 -4.11 4.77
N LEU D 259 -36.24 -3.17 5.68
CA LEU D 259 -34.86 -2.73 5.89
C LEU D 259 -34.45 -3.07 7.32
N ILE D 260 -33.23 -3.56 7.48
CA ILE D 260 -32.73 -3.91 8.83
C ILE D 260 -31.29 -3.43 8.95
N LEU D 261 -30.89 -3.05 10.14
CA LEU D 261 -29.53 -2.58 10.41
C LEU D 261 -28.67 -3.62 11.10
N LEU D 262 -27.37 -3.55 10.86
CA LEU D 262 -26.34 -4.25 11.63
C LEU D 262 -25.54 -3.11 12.28
N GLY D 263 -25.54 -3.07 13.59
CA GLY D 263 -24.80 -2.05 14.29
C GLY D 263 -23.77 -2.63 15.22
N GLU D 264 -22.60 -1.96 15.29
CA GLU D 264 -21.60 -2.35 16.26
C GLU D 264 -22.06 -1.70 17.56
N VAL D 265 -22.27 -2.54 18.60
CA VAL D 265 -22.78 -2.04 19.88
C VAL D 265 -21.76 -2.33 20.95
N ALA D 266 -21.30 -1.28 21.66
CA ALA D 266 -20.28 -1.41 22.72
C ALA D 266 -21.01 -1.84 24.01
N LEU D 267 -21.09 -3.14 24.25
CA LEU D 267 -21.86 -3.71 25.37
C LEU D 267 -21.12 -3.66 26.71
N GLY D 268 -19.79 -3.78 26.67
CA GLY D 268 -19.02 -3.75 27.92
C GLY D 268 -19.50 -4.80 28.90
N ASN D 269 -19.61 -4.43 30.17
CA ASN D 269 -20.10 -5.37 31.19
C ASN D 269 -21.62 -5.36 31.16
N MET D 270 -22.21 -6.50 30.84
CA MET D 270 -23.66 -6.62 30.67
C MET D 270 -24.35 -6.87 31.98
N TYR D 271 -25.44 -6.10 32.24
CA TYR D 271 -26.33 -6.28 33.40
C TYR D 271 -27.35 -7.31 32.89
N GLU D 272 -27.14 -8.57 33.24
CA GLU D 272 -27.93 -9.68 32.75
C GLU D 272 -29.22 -9.87 33.51
N LEU D 273 -30.35 -9.72 32.80
CA LEU D 273 -31.69 -9.80 33.39
C LEU D 273 -32.56 -10.82 32.72
N LYS D 274 -33.40 -11.50 33.52
CA LYS D 274 -34.31 -12.53 33.05
C LYS D 274 -35.72 -11.97 32.92
N HIS D 275 -36.04 -10.90 33.64
CA HIS D 275 -37.38 -10.31 33.63
C HIS D 275 -37.33 -8.78 33.53
N ALA D 276 -38.48 -8.14 33.16
CA ALA D 276 -38.59 -6.66 33.06
C ALA D 276 -38.02 -5.91 34.24
N SER D 277 -37.30 -4.80 33.93
CA SER D 277 -36.74 -3.89 34.92
C SER D 277 -36.66 -2.53 34.24
N HIS D 278 -37.32 -1.52 34.81
CA HIS D 278 -37.31 -0.19 34.21
C HIS D 278 -36.04 0.57 34.55
N ILE D 279 -34.96 0.28 33.79
CA ILE D 279 -33.65 0.89 34.00
C ILE D 279 -33.71 2.39 33.79
N SER D 280 -33.31 3.14 34.82
CA SER D 280 -33.16 4.60 34.75
C SER D 280 -31.66 4.88 34.78
N LYS D 281 -30.90 4.22 35.67
CA LYS D 281 -29.44 4.30 35.73
C LYS D 281 -28.91 2.90 35.93
N LEU D 282 -28.00 2.48 35.05
CA LEU D 282 -27.40 1.16 35.15
C LEU D 282 -26.59 1.00 36.43
N PRO D 283 -26.38 -0.23 36.94
CA PRO D 283 -25.46 -0.42 38.07
C PRO D 283 -24.07 0.07 37.65
N LYS D 284 -23.32 0.68 38.59
CA LYS D 284 -21.97 1.20 38.31
C LYS D 284 -21.06 0.08 37.81
N GLY D 285 -20.31 0.33 36.74
CA GLY D 285 -19.45 -0.67 36.15
C GLY D 285 -20.10 -1.47 35.02
N LYS D 286 -21.44 -1.29 34.86
CA LYS D 286 -22.22 -1.97 33.81
C LYS D 286 -22.44 -1.02 32.65
N HIS D 287 -22.34 -1.51 31.41
CA HIS D 287 -22.46 -0.63 30.25
C HIS D 287 -23.69 -0.92 29.39
N SER D 288 -24.39 -2.03 29.66
CA SER D 288 -25.56 -2.40 28.86
C SER D 288 -26.41 -3.41 29.66
N VAL D 289 -27.59 -3.76 29.13
CA VAL D 289 -28.44 -4.83 29.68
C VAL D 289 -28.48 -5.93 28.64
N LYS D 290 -28.37 -7.19 29.07
CA LYS D 290 -28.63 -8.31 28.23
C LYS D 290 -29.88 -8.96 28.83
N GLY D 291 -30.96 -8.97 28.05
CA GLY D 291 -32.17 -9.68 28.43
C GLY D 291 -31.92 -11.12 28.02
N LEU D 292 -31.94 -12.06 28.98
CA LEU D 292 -31.58 -13.44 28.70
C LEU D 292 -32.67 -14.27 28.06
N GLY D 293 -32.38 -14.79 26.87
CA GLY D 293 -33.32 -15.65 26.18
C GLY D 293 -33.08 -17.12 26.48
N LYS D 294 -34.07 -17.96 26.16
CA LYS D 294 -33.98 -19.41 26.35
C LYS D 294 -33.08 -20.05 25.31
N THR D 295 -33.04 -19.44 24.11
CA THR D 295 -32.24 -19.90 22.99
C THR D 295 -31.23 -18.80 22.68
N THR D 296 -29.99 -19.22 22.39
CA THR D 296 -28.90 -18.32 22.06
C THR D 296 -28.14 -18.86 20.85
N PRO D 297 -27.63 -17.99 19.93
CA PRO D 297 -26.75 -18.49 18.85
C PRO D 297 -25.58 -19.19 19.54
N ASP D 298 -25.14 -20.35 19.01
CA ASP D 298 -24.07 -21.15 19.59
C ASP D 298 -22.80 -20.32 19.79
N PRO D 299 -22.38 -20.04 21.06
CA PRO D 299 -21.16 -19.23 21.30
C PRO D 299 -19.89 -19.79 20.68
N SER D 300 -19.85 -21.12 20.47
CA SER D 300 -18.71 -21.83 19.86
C SER D 300 -18.57 -21.45 18.38
N ALA D 301 -19.70 -21.02 17.77
CA ALA D 301 -19.73 -20.63 16.37
C ALA D 301 -19.57 -19.11 16.15
N ASN D 302 -19.48 -18.31 17.26
CA ASN D 302 -19.25 -16.84 17.23
C ASN D 302 -17.95 -16.57 16.49
N ILE D 303 -17.96 -15.60 15.57
CA ILE D 303 -16.79 -15.20 14.78
C ILE D 303 -16.45 -13.73 15.04
N SER D 304 -15.26 -13.26 14.58
CA SER D 304 -14.78 -11.88 14.70
C SER D 304 -14.72 -11.20 13.33
N LEU D 305 -15.21 -9.96 13.27
CA LEU D 305 -15.22 -9.13 12.05
C LEU D 305 -14.70 -7.76 12.49
N ASP D 306 -13.40 -7.51 12.22
CA ASP D 306 -12.62 -6.32 12.60
C ASP D 306 -12.76 -5.99 14.11
N GLY D 307 -12.48 -7.00 14.94
CA GLY D 307 -12.51 -6.92 16.41
C GLY D 307 -13.87 -7.03 17.07
N VAL D 308 -14.95 -7.05 16.26
CA VAL D 308 -16.35 -7.10 16.71
C VAL D 308 -16.86 -8.54 16.61
N ASP D 309 -17.52 -9.01 17.68
CA ASP D 309 -18.08 -10.36 17.69
C ASP D 309 -19.36 -10.43 16.90
N VAL D 310 -19.46 -11.43 16.00
CA VAL D 310 -20.62 -11.68 15.16
C VAL D 310 -21.22 -13.02 15.64
N PRO D 311 -22.32 -12.98 16.42
CA PRO D 311 -22.90 -14.25 16.94
C PRO D 311 -23.78 -14.94 15.90
N LEU D 312 -23.15 -15.44 14.84
CA LEU D 312 -23.89 -16.03 13.73
C LEU D 312 -24.11 -17.53 13.84
N GLY D 313 -23.76 -18.12 14.99
CA GLY D 313 -23.96 -19.54 15.21
C GLY D 313 -25.43 -19.92 15.27
N THR D 314 -25.74 -21.16 14.85
CA THR D 314 -27.13 -21.66 14.90
C THR D 314 -27.58 -21.73 16.38
N GLY D 315 -28.89 -21.61 16.59
CA GLY D 315 -29.49 -21.59 17.92
C GLY D 315 -29.37 -22.87 18.71
N ILE D 316 -28.97 -22.74 19.99
CA ILE D 316 -28.83 -23.82 20.97
C ILE D 316 -29.51 -23.33 22.26
N SER D 317 -29.77 -24.24 23.21
CA SER D 317 -30.32 -23.90 24.52
C SER D 317 -29.30 -23.05 25.25
N SER D 318 -29.76 -21.99 25.96
CA SER D 318 -28.88 -21.11 26.74
C SER D 318 -28.58 -21.70 28.12
N GLY D 319 -29.37 -22.69 28.53
CA GLY D 319 -29.26 -23.28 29.86
C GLY D 319 -29.97 -22.43 30.89
N VAL D 320 -30.70 -21.39 30.42
CA VAL D 320 -31.50 -20.50 31.25
C VAL D 320 -32.96 -20.84 30.95
N ASN D 321 -33.67 -21.40 31.93
CA ASN D 321 -35.07 -21.77 31.74
C ASN D 321 -36.04 -20.76 32.36
N ASP D 322 -35.58 -20.08 33.42
CA ASP D 322 -36.37 -19.17 34.22
C ASP D 322 -36.36 -17.70 33.69
N THR D 323 -36.85 -17.51 32.46
CA THR D 323 -36.85 -16.18 31.83
C THR D 323 -38.16 -15.79 31.15
N SER D 324 -38.41 -14.48 31.10
CA SER D 324 -39.55 -13.85 30.43
C SER D 324 -39.32 -13.80 28.90
N LEU D 325 -38.13 -14.25 28.41
CA LEU D 325 -37.77 -14.13 26.99
C LEU D 325 -37.48 -15.42 26.28
N LEU D 326 -37.92 -15.52 25.04
CA LEU D 326 -37.61 -16.66 24.19
C LEU D 326 -36.19 -16.49 23.64
N TYR D 327 -35.83 -15.23 23.25
CA TYR D 327 -34.52 -14.94 22.67
C TYR D 327 -33.87 -13.77 23.39
N ASN D 328 -32.54 -13.66 23.26
CA ASN D 328 -31.80 -12.56 23.87
C ASN D 328 -32.19 -11.20 23.28
N GLU D 329 -31.93 -10.15 24.04
CA GLU D 329 -31.97 -8.78 23.55
C GLU D 329 -30.92 -7.99 24.27
N TYR D 330 -30.48 -6.90 23.66
CA TYR D 330 -29.43 -6.07 24.21
C TYR D 330 -29.84 -4.65 24.19
N ILE D 331 -29.55 -3.94 25.27
CA ILE D 331 -29.98 -2.54 25.41
C ILE D 331 -28.87 -1.66 25.85
N VAL D 332 -28.71 -0.51 25.17
CA VAL D 332 -27.77 0.51 25.61
C VAL D 332 -28.52 1.78 25.94
N TYR D 333 -28.00 2.58 26.88
CA TYR D 333 -28.71 3.75 27.39
C TYR D 333 -28.03 5.07 27.05
N ASP D 334 -27.02 4.98 26.17
CA ASP D 334 -26.33 6.15 25.64
C ASP D 334 -26.27 5.96 24.13
N ILE D 335 -26.80 6.92 23.37
CA ILE D 335 -26.83 6.87 21.87
C ILE D 335 -25.44 6.71 21.27
N ALA D 336 -24.40 7.19 21.98
CA ALA D 336 -23.01 7.12 21.52
C ALA D 336 -22.39 5.71 21.52
N GLN D 337 -23.05 4.73 22.19
CA GLN D 337 -22.55 3.37 22.26
C GLN D 337 -22.89 2.53 21.02
N VAL D 338 -23.45 3.15 19.97
CA VAL D 338 -23.85 2.46 18.72
C VAL D 338 -23.08 3.07 17.54
N ASN D 339 -22.47 2.22 16.70
CA ASN D 339 -21.85 2.68 15.46
C ASN D 339 -22.47 1.81 14.36
N LEU D 340 -23.39 2.37 13.58
CA LEU D 340 -24.06 1.61 12.51
C LEU D 340 -23.06 1.16 11.45
N LYS D 341 -23.15 -0.12 11.02
CA LYS D 341 -22.19 -0.69 10.08
C LYS D 341 -22.78 -1.05 8.74
N TYR D 342 -23.92 -1.74 8.75
CA TYR D 342 -24.56 -2.20 7.51
C TYR D 342 -26.05 -1.99 7.54
N LEU D 343 -26.65 -1.89 6.36
CA LEU D 343 -28.09 -1.74 6.17
C LEU D 343 -28.43 -2.77 5.12
N LEU D 344 -29.35 -3.69 5.42
CA LEU D 344 -29.76 -4.74 4.50
C LEU D 344 -31.17 -4.49 4.01
N LYS D 345 -31.41 -4.78 2.72
CA LYS D 345 -32.75 -4.76 2.14
C LYS D 345 -33.10 -6.23 2.04
N LEU D 346 -34.16 -6.64 2.73
CA LEU D 346 -34.59 -8.02 2.81
C LEU D 346 -35.94 -8.27 2.17
N LYS D 347 -36.08 -9.46 1.58
CA LYS D 347 -37.34 -9.94 1.04
C LYS D 347 -37.89 -10.91 2.06
N PHE D 348 -39.15 -10.69 2.46
CA PHE D 348 -39.88 -11.54 3.42
C PHE D 348 -40.79 -12.47 2.59
N ASN D 349 -40.47 -13.76 2.55
CA ASN D 349 -41.27 -14.74 1.79
C ASN D 349 -42.25 -15.42 2.74
N PHE D 350 -43.47 -14.88 2.86
CA PHE D 350 -44.54 -15.36 3.76
C PHE D 350 -45.02 -16.77 3.42
N LYS D 351 -44.70 -17.73 4.32
CA LYS D 351 -45.04 -19.15 4.23
C LYS D 351 -45.81 -19.61 5.46
#